data_4F3X
#
_entry.id   4F3X
#
_cell.length_a   85.438
_cell.length_b   96.905
_cell.length_c   121.811
_cell.angle_alpha   90.000
_cell.angle_beta   89.980
_cell.angle_gamma   90.000
#
_symmetry.space_group_name_H-M   'P 1 21 1'
#
loop_
_entity.id
_entity.type
_entity.pdbx_description
1 polymer 'Putative aldehyde dehydrogenase'
2 non-polymer NICOTINAMIDE-ADENINE-DINUCLEOTIDE
3 non-polymer GLYCEROL
4 water water
#
_entity_poly.entity_id   1
_entity_poly.type   'polypeptide(L)'
_entity_poly.pdbx_seq_one_letter_code
;(MSE)HHHHHHSSGVDLGTENLYFQS(MSE)(MSE)DTQLLIGSRFEAGTEAEEHILNPRTGAGIIDLAEASHAQIDAAV
DAAERAFVGWSQTTPAERSNALLKIADAIEKEADEFAALEALNCGKPINAVKNDELPAIIDCWRFFAGAVRNLHAPAAGE
YLPGHTS(MSE)IRRDPIGIVGSIAPWNYPL(MSE)(MSE)(MSE)AWKLAPAIGGGNTVVFKPSEQTPLTALKLARLIA
DILPEGVVNVITGRGETVGNALINHPKVG(MSE)VSITGDIATGKKVLAAAAKTVKRTHLELGGKAPVIVYGDADLEAVV
NGIRTFGYYNAGQDCTAACRIYAEAGIYEKLVADLTSAVSTIRYNLDDDTENEIGPLISRRQRDRVASFVERAADQKHIE
ITTGGRTGSDEGFFFQPTVVAGATQEDEIVRREVFGPVVSVTRFTGKDDAVAWANDSDYGLASSVWTKDISKA(MSE)RA
ASRLQYGCTWINTHF(MSE)LTNE(MSE)PHGGIKQSGYGKD(MSE)SVYALEDYTAVRHI(MSE)INHG
;
_entity_poly.pdbx_strand_id   A,B,C,D
#
# COMPACT_ATOMS: atom_id res chain seq x y z
N ASP A 25 13.05 -22.98 -34.26
CA ASP A 25 11.96 -22.08 -34.63
C ASP A 25 12.49 -20.80 -35.27
N THR A 26 11.95 -20.45 -36.44
CA THR A 26 12.48 -19.34 -37.25
C THR A 26 11.43 -18.28 -37.62
N GLN A 27 10.18 -18.45 -37.20
CA GLN A 27 9.11 -17.56 -37.69
C GLN A 27 8.69 -16.49 -36.71
N LEU A 28 8.41 -15.30 -37.25
CA LEU A 28 7.88 -14.19 -36.47
C LEU A 28 6.46 -14.51 -36.10
N LEU A 29 5.98 -13.97 -34.97
CA LEU A 29 4.59 -14.12 -34.58
C LEU A 29 3.89 -12.81 -34.81
N ILE A 30 2.94 -12.83 -35.74
CA ILE A 30 2.25 -11.63 -36.20
C ILE A 30 0.77 -11.95 -36.16
N GLY A 31 0.14 -11.53 -35.06
CA GLY A 31 -1.22 -11.85 -34.73
C GLY A 31 -1.49 -13.35 -34.77
N SER A 32 -2.46 -13.73 -35.60
CA SER A 32 -2.90 -15.13 -35.68
C SER A 32 -1.98 -15.96 -36.56
N ARG A 33 -0.87 -15.39 -37.00
CA ARG A 33 0.00 -16.10 -37.95
C ARG A 33 1.46 -16.15 -37.58
N PHE A 34 2.07 -17.28 -37.87
CA PHE A 34 3.53 -17.34 -37.91
C PHE A 34 4.02 -17.11 -39.32
N GLU A 35 5.02 -16.24 -39.46
CA GLU A 35 5.54 -15.86 -40.76
C GLU A 35 7.04 -15.75 -40.66
N ALA A 36 7.75 -16.25 -41.67
CA ALA A 36 9.14 -15.86 -41.85
C ALA A 36 9.20 -14.37 -42.12
N GLY A 37 10.21 -13.69 -41.58
CA GLY A 37 10.53 -12.31 -42.01
C GLY A 37 10.82 -12.28 -43.50
N THR A 38 10.63 -11.13 -44.14
CA THR A 38 10.80 -11.04 -45.59
C THR A 38 11.94 -10.11 -46.02
N GLU A 39 12.59 -9.45 -45.06
CA GLU A 39 13.68 -8.55 -45.41
C GLU A 39 15.04 -9.24 -45.31
N ALA A 40 16.11 -8.45 -45.20
CA ALA A 40 17.48 -8.96 -45.12
C ALA A 40 17.68 -9.97 -43.98
N GLU A 41 18.47 -11.01 -44.26
CA GLU A 41 18.78 -12.02 -43.26
C GLU A 41 19.91 -11.57 -42.31
N GLU A 42 19.71 -11.79 -41.02
CA GLU A 42 20.77 -11.63 -40.04
C GLU A 42 21.59 -12.91 -39.93
N HIS A 43 22.91 -12.79 -40.01
CA HIS A 43 23.80 -13.93 -39.75
C HIS A 43 23.94 -14.09 -38.25
N ILE A 44 23.25 -15.09 -37.69
CA ILE A 44 23.35 -15.35 -36.27
C ILE A 44 24.57 -16.24 -36.00
N LEU A 45 25.48 -15.75 -35.16
CA LEU A 45 26.74 -16.45 -34.97
C LEU A 45 26.80 -17.11 -33.62
N ASN A 46 27.55 -18.21 -33.58
CA ASN A 46 28.06 -18.80 -32.34
C ASN A 46 29.27 -17.99 -31.85
N PRO A 47 29.12 -17.27 -30.71
CA PRO A 47 30.19 -16.35 -30.27
C PRO A 47 31.40 -17.05 -29.62
N ARG A 48 31.28 -18.37 -29.43
CA ARG A 48 32.37 -19.20 -28.98
C ARG A 48 33.28 -19.58 -30.13
N THR A 49 32.72 -19.73 -31.32
CA THR A 49 33.48 -20.23 -32.47
C THR A 49 33.59 -19.26 -33.63
N GLY A 50 32.72 -18.25 -33.64
CA GLY A 50 32.57 -17.37 -34.78
C GLY A 50 31.81 -18.02 -35.92
N ALA A 51 31.50 -19.33 -35.80
CA ALA A 51 30.75 -20.04 -36.83
C ALA A 51 29.28 -19.57 -36.90
N GLY A 52 28.68 -19.65 -38.10
CA GLY A 52 27.28 -19.27 -38.30
C GLY A 52 26.34 -20.30 -37.69
N ILE A 53 25.30 -19.83 -36.99
CA ILE A 53 24.30 -20.74 -36.46
C ILE A 53 23.16 -20.87 -37.49
N ILE A 54 22.62 -19.74 -37.91
CA ILE A 54 21.48 -19.72 -38.82
C ILE A 54 21.39 -18.31 -39.37
N ASP A 55 20.83 -18.20 -40.57
CA ASP A 55 20.45 -16.94 -41.15
C ASP A 55 18.96 -16.75 -40.97
N LEU A 56 18.57 -15.54 -40.60
CA LEU A 56 17.21 -15.30 -40.18
C LEU A 56 16.73 -13.93 -40.66
N ALA A 57 15.70 -13.95 -41.50
CA ALA A 57 15.20 -12.71 -42.14
C ALA A 57 14.52 -11.73 -41.17
N GLU A 58 14.75 -10.44 -41.41
CA GLU A 58 14.09 -9.35 -40.70
C GLU A 58 12.61 -9.22 -41.06
N ALA A 59 11.85 -8.60 -40.18
CA ALA A 59 10.49 -8.18 -40.50
C ALA A 59 10.56 -7.05 -41.52
N SER A 60 9.60 -7.00 -42.45
CA SER A 60 9.43 -5.85 -43.34
C SER A 60 8.69 -4.75 -42.59
N HIS A 61 8.54 -3.58 -43.21
CA HIS A 61 7.71 -2.53 -42.62
C HIS A 61 6.26 -3.01 -42.53
N ALA A 62 5.83 -3.76 -43.53
CA ALA A 62 4.47 -4.28 -43.59
C ALA A 62 4.18 -5.32 -42.48
N GLN A 63 5.18 -6.12 -42.11
CA GLN A 63 4.99 -7.09 -41.00
C GLN A 63 4.96 -6.36 -39.66
N ILE A 64 5.76 -5.28 -39.57
CA ILE A 64 5.72 -4.42 -38.39
C ILE A 64 4.32 -3.83 -38.21
N ASP A 65 3.81 -3.15 -39.24
CA ASP A 65 2.45 -2.57 -39.18
C ASP A 65 1.40 -3.63 -38.85
N ALA A 66 1.52 -4.79 -39.47
CA ALA A 66 0.62 -5.91 -39.19
C ALA A 66 0.64 -6.39 -37.70
N ALA A 67 1.83 -6.45 -37.11
CA ALA A 67 1.98 -6.88 -35.72
C ALA A 67 1.28 -5.86 -34.82
N VAL A 68 1.55 -4.59 -35.10
CA VAL A 68 0.95 -3.54 -34.30
C VAL A 68 -0.57 -3.53 -34.46
N ASP A 69 -1.07 -3.74 -35.69
CA ASP A 69 -2.51 -3.71 -35.92
C ASP A 69 -3.15 -4.92 -35.25
N ALA A 70 -2.44 -6.05 -35.24
CA ALA A 70 -2.97 -7.20 -34.49
C ALA A 70 -3.01 -6.86 -33.01
N ALA A 71 -2.00 -6.14 -32.53
CA ALA A 71 -1.99 -5.74 -31.13
C ALA A 71 -3.14 -4.79 -30.78
N GLU A 72 -3.45 -3.86 -31.68
CA GLU A 72 -4.61 -2.98 -31.58
C GLU A 72 -5.95 -3.74 -31.49
N ARG A 73 -6.14 -4.69 -32.38
CA ARG A 73 -7.36 -5.51 -32.35
C ARG A 73 -7.44 -6.34 -31.07
N ALA A 74 -6.37 -7.06 -30.72
CA ALA A 74 -6.39 -7.92 -29.50
C ALA A 74 -6.61 -7.12 -28.20
N PHE A 75 -6.23 -5.85 -28.21
CA PHE A 75 -6.35 -5.00 -27.05
C PHE A 75 -7.79 -4.86 -26.57
N VAL A 76 -8.74 -4.80 -27.50
CA VAL A 76 -10.14 -4.58 -27.15
C VAL A 76 -10.61 -5.64 -26.15
N GLY A 77 -10.37 -6.91 -26.46
CA GLY A 77 -10.74 -8.00 -25.54
C GLY A 77 -9.78 -8.16 -24.36
N TRP A 78 -8.48 -8.19 -24.63
CA TRP A 78 -7.46 -8.37 -23.56
C TRP A 78 -7.50 -7.31 -22.46
N SER A 79 -7.71 -6.05 -22.85
CA SER A 79 -7.84 -4.99 -21.87
C SER A 79 -9.06 -5.19 -20.96
N GLN A 80 -9.96 -6.11 -21.30
CA GLN A 80 -11.16 -6.29 -20.49
C GLN A 80 -11.17 -7.60 -19.71
N THR A 81 -10.05 -8.31 -19.72
CA THR A 81 -9.94 -9.52 -18.91
C THR A 81 -9.75 -9.17 -17.42
N THR A 82 -10.08 -10.10 -16.54
CA THR A 82 -9.87 -9.86 -15.12
C THR A 82 -8.44 -10.16 -14.73
N PRO A 83 -8.04 -9.71 -13.52
CA PRO A 83 -6.72 -10.15 -13.05
C PRO A 83 -6.55 -11.67 -12.92
N ALA A 84 -7.55 -12.39 -12.42
CA ALA A 84 -7.45 -13.82 -12.36
C ALA A 84 -7.13 -14.44 -13.75
N GLU A 85 -7.84 -13.99 -14.77
CA GLU A 85 -7.71 -14.52 -16.14
C GLU A 85 -6.28 -14.37 -16.65
N ARG A 86 -5.76 -13.17 -16.46
CA ARG A 86 -4.38 -12.84 -16.78
C ARG A 86 -3.34 -13.51 -15.93
N SER A 87 -3.67 -13.69 -14.65
CA SER A 87 -2.80 -14.37 -13.72
C SER A 87 -2.63 -15.80 -14.23
N ASN A 88 -3.74 -16.43 -14.59
CA ASN A 88 -3.68 -17.81 -15.12
C ASN A 88 -2.88 -17.95 -16.41
N ALA A 89 -3.01 -16.97 -17.31
CA ALA A 89 -2.21 -16.88 -18.53
C ALA A 89 -0.73 -16.88 -18.20
N LEU A 90 -0.32 -16.01 -17.27
CA LEU A 90 1.09 -15.96 -16.84
C LEU A 90 1.58 -17.33 -16.22
N LEU A 91 0.73 -17.99 -15.43
CA LEU A 91 1.07 -19.29 -14.84
C LEU A 91 1.28 -20.35 -15.90
N LYS A 92 0.45 -20.33 -16.94
CA LYS A 92 0.63 -21.28 -18.03
C LYS A 92 1.87 -21.01 -18.84
N ILE A 93 2.20 -19.74 -19.04
CA ILE A 93 3.45 -19.42 -19.70
C ILE A 93 4.64 -19.88 -18.85
N ALA A 94 4.64 -19.53 -17.56
CA ALA A 94 5.65 -20.08 -16.63
C ALA A 94 5.76 -21.61 -16.75
N ASP A 95 4.62 -22.30 -16.71
CA ASP A 95 4.64 -23.77 -16.76
C ASP A 95 5.22 -24.31 -18.05
N ALA A 96 4.91 -23.63 -19.16
CA ALA A 96 5.34 -24.08 -20.48
C ALA A 96 6.86 -23.96 -20.60
N ILE A 97 7.41 -22.83 -20.15
CA ILE A 97 8.87 -22.66 -20.13
C ILE A 97 9.57 -23.72 -19.27
N GLU A 98 9.00 -23.96 -18.09
CA GLU A 98 9.51 -24.95 -17.15
C GLU A 98 9.59 -26.34 -17.81
N LYS A 99 8.55 -26.70 -18.58
CA LYS A 99 8.52 -28.01 -19.26
C LYS A 99 9.59 -28.13 -20.33
N GLU A 100 10.01 -26.99 -20.87
CA GLU A 100 11.07 -26.95 -21.86
C GLU A 100 12.34 -26.23 -21.38
N ALA A 101 12.60 -26.27 -20.07
CA ALA A 101 13.73 -25.52 -19.46
C ALA A 101 15.09 -25.87 -20.09
N ASP A 102 15.35 -27.15 -20.26
CA ASP A 102 16.63 -27.61 -20.80
C ASP A 102 16.85 -27.19 -22.26
N GLU A 103 15.77 -27.13 -23.02
CA GLU A 103 15.84 -26.79 -24.44
C GLU A 103 16.13 -25.31 -24.56
N PHE A 104 15.38 -24.52 -23.79
CA PHE A 104 15.60 -23.09 -23.72
C PHE A 104 17.02 -22.78 -23.27
N ALA A 105 17.49 -23.49 -22.25
CA ALA A 105 18.84 -23.33 -21.73
C ALA A 105 19.91 -23.60 -22.80
N ALA A 106 19.77 -24.74 -23.49
CA ALA A 106 20.72 -25.13 -24.53
C ALA A 106 20.76 -24.09 -25.65
N LEU A 107 19.59 -23.58 -26.02
CA LEU A 107 19.48 -22.65 -27.13
C LEU A 107 20.08 -21.29 -26.78
N GLU A 108 19.80 -20.80 -25.58
CA GLU A 108 20.46 -19.60 -25.04
C GLU A 108 21.98 -19.78 -24.91
N ALA A 109 22.40 -20.94 -24.43
CA ALA A 109 23.83 -21.22 -24.30
C ALA A 109 24.49 -21.24 -25.68
N LEU A 110 23.78 -21.74 -26.69
CA LEU A 110 24.32 -21.72 -28.04
C LEU A 110 24.43 -20.30 -28.63
N ASN A 111 23.33 -19.55 -28.54
CA ASN A 111 23.25 -18.20 -29.06
C ASN A 111 24.26 -17.24 -28.38
N CYS A 112 24.43 -17.38 -27.06
CA CYS A 112 25.26 -16.42 -26.30
C CYS A 112 26.64 -16.95 -25.87
N GLY A 113 26.87 -18.24 -26.02
CA GLY A 113 28.12 -18.83 -25.52
C GLY A 113 28.23 -18.84 -24.00
N LYS A 114 27.09 -18.65 -23.30
CA LYS A 114 27.04 -18.73 -21.84
C LYS A 114 27.27 -20.18 -21.42
N PRO A 115 28.07 -20.40 -20.36
CA PRO A 115 28.27 -21.80 -19.97
C PRO A 115 26.94 -22.45 -19.58
N ILE A 116 26.70 -23.66 -20.10
CA ILE A 116 25.41 -24.33 -19.96
C ILE A 116 24.80 -24.36 -18.54
N ASN A 117 25.59 -24.69 -17.51
CA ASN A 117 25.00 -24.78 -16.17
C ASN A 117 24.70 -23.42 -15.51
N ALA A 118 25.37 -22.36 -15.95
CA ALA A 118 24.97 -21.02 -15.52
C ALA A 118 23.55 -20.74 -16.00
N VAL A 119 23.28 -21.01 -17.29
CA VAL A 119 21.97 -20.82 -17.87
C VAL A 119 20.90 -21.73 -17.22
N LYS A 120 21.22 -23.01 -17.03
CA LYS A 120 20.29 -23.96 -16.39
C LYS A 120 19.98 -23.69 -14.92
N ASN A 121 21.00 -23.37 -14.13
CA ASN A 121 20.84 -23.26 -12.68
C ASN A 121 20.51 -21.84 -12.21
N ASP A 122 20.99 -20.83 -12.94
CA ASP A 122 20.77 -19.42 -12.59
C ASP A 122 19.65 -18.76 -13.41
N GLU A 123 19.73 -18.82 -14.74
CA GLU A 123 18.81 -18.04 -15.60
C GLU A 123 17.41 -18.64 -15.71
N LEU A 124 17.34 -19.90 -16.13
CA LEU A 124 16.04 -20.54 -16.33
C LEU A 124 15.12 -20.46 -15.10
N PRO A 125 15.64 -20.76 -13.90
CA PRO A 125 14.82 -20.66 -12.68
C PRO A 125 14.37 -19.25 -12.40
N ALA A 126 15.26 -18.27 -12.61
CA ALA A 126 14.89 -16.86 -12.50
C ALA A 126 13.82 -16.45 -13.53
N ILE A 127 13.90 -16.99 -14.75
CA ILE A 127 12.95 -16.66 -15.84
C ILE A 127 11.57 -17.21 -15.46
N ILE A 128 11.53 -18.50 -15.14
CA ILE A 128 10.30 -19.14 -14.79
C ILE A 128 9.61 -18.54 -13.57
N ASP A 129 10.37 -18.27 -12.50
CA ASP A 129 9.89 -17.53 -11.34
C ASP A 129 9.41 -16.08 -11.61
N CYS A 130 10.00 -15.43 -12.60
CA CYS A 130 9.57 -14.06 -12.96
C CYS A 130 8.11 -14.04 -13.44
N TRP A 131 7.78 -15.00 -14.31
CA TRP A 131 6.43 -15.20 -14.83
C TRP A 131 5.45 -15.57 -13.71
N ARG A 132 5.86 -16.44 -12.79
CA ARG A 132 5.01 -16.75 -11.62
C ARG A 132 4.91 -15.53 -10.70
N PHE A 133 6.01 -14.84 -10.46
CA PHE A 133 5.87 -13.66 -9.63
C PHE A 133 4.77 -12.74 -10.15
N PHE A 134 4.80 -12.40 -11.44
CA PHE A 134 3.84 -11.42 -11.99
C PHE A 134 2.40 -11.93 -12.02
N ALA A 135 2.24 -13.24 -12.17
CA ALA A 135 0.92 -13.84 -12.02
C ALA A 135 0.30 -13.45 -10.70
N GLY A 136 1.16 -13.28 -9.68
CA GLY A 136 0.75 -12.88 -8.36
C GLY A 136 0.55 -11.38 -8.25
N ALA A 137 1.51 -10.62 -8.77
CA ALA A 137 1.42 -9.16 -8.68
C ALA A 137 0.16 -8.61 -9.33
N VAL A 138 -0.18 -9.13 -10.49
CA VAL A 138 -1.42 -8.82 -11.18
C VAL A 138 -2.66 -8.80 -10.26
N ARG A 139 -2.78 -9.80 -9.37
CA ARG A 139 -3.92 -9.86 -8.48
C ARG A 139 -3.76 -9.04 -7.18
N ASN A 140 -2.72 -8.21 -7.11
CA ASN A 140 -2.26 -7.69 -5.83
C ASN A 140 -1.83 -6.22 -5.87
N LEU A 141 -2.49 -5.45 -6.72
CA LEU A 141 -2.23 -4.01 -6.83
C LEU A 141 -3.06 -3.29 -5.80
N HIS A 142 -2.51 -2.17 -5.30
CA HIS A 142 -3.09 -1.40 -4.21
C HIS A 142 -3.14 0.06 -4.67
N ALA A 143 -3.89 0.87 -3.94
CA ALA A 143 -4.16 2.25 -4.31
C ALA A 143 -4.82 2.91 -3.09
N PRO A 144 -4.95 4.27 -3.09
CA PRO A 144 -5.68 4.88 -1.97
C PRO A 144 -7.05 4.25 -1.86
N ALA A 145 -7.52 4.02 -0.64
CA ALA A 145 -8.81 3.31 -0.44
C ALA A 145 -10.00 4.13 -0.99
N ALA A 146 -11.05 3.41 -1.36
CA ALA A 146 -12.28 4.03 -1.85
C ALA A 146 -13.00 4.69 -0.68
N GLY A 147 -13.74 5.75 -0.97
CA GLY A 147 -14.48 6.44 0.08
C GLY A 147 -14.91 7.80 -0.38
N GLU A 148 -15.51 8.54 0.55
CA GLU A 148 -16.06 9.86 0.30
C GLU A 148 -15.06 10.94 0.73
N TYR A 149 -14.19 11.30 -0.20
CA TYR A 149 -13.28 12.39 0.05
C TYR A 149 -13.95 13.75 0.01
N LEU A 150 -14.96 13.93 -0.86
CA LEU A 150 -15.88 15.06 -0.77
C LEU A 150 -17.21 14.52 -0.27
N PRO A 151 -17.98 15.34 0.48
CA PRO A 151 -19.29 14.90 1.01
C PRO A 151 -20.23 14.49 -0.13
N GLY A 152 -20.80 13.30 -0.03
CA GLY A 152 -21.69 12.75 -1.06
C GLY A 152 -21.06 12.24 -2.36
N HIS A 153 -19.74 12.16 -2.42
CA HIS A 153 -19.04 11.65 -3.61
C HIS A 153 -18.15 10.48 -3.26
N THR A 154 -18.46 9.31 -3.79
CA THR A 154 -17.60 8.15 -3.60
C THR A 154 -16.50 8.18 -4.66
N SER A 155 -15.24 8.24 -4.21
CA SER A 155 -14.10 8.05 -5.10
C SER A 155 -13.59 6.62 -5.01
N ILE A 157 -9.94 4.28 -6.93
CA ILE A 157 -8.83 4.31 -7.85
C ILE A 157 -8.62 2.96 -8.55
N ARG A 158 -8.48 3.00 -9.89
CA ARG A 158 -8.26 1.80 -10.70
C ARG A 158 -6.88 1.88 -11.30
N ARG A 159 -6.27 0.73 -11.60
CA ARG A 159 -5.08 0.71 -12.44
C ARG A 159 -5.41 -0.06 -13.70
N ASP A 160 -5.65 0.67 -14.80
CA ASP A 160 -6.14 0.07 -16.03
C ASP A 160 -4.96 -0.05 -17.00
N PRO A 161 -5.12 -0.82 -18.09
CA PRO A 161 -4.10 -1.01 -19.12
C PRO A 161 -3.77 0.32 -19.76
N ILE A 162 -2.55 0.48 -20.29
CA ILE A 162 -2.19 1.69 -21.01
C ILE A 162 -2.41 1.62 -22.53
N GLY A 163 -2.33 0.42 -23.11
CA GLY A 163 -2.43 0.31 -24.57
C GLY A 163 -1.47 -0.69 -25.20
N ILE A 164 -0.86 -0.28 -26.31
CA ILE A 164 0.06 -1.13 -27.06
C ILE A 164 1.48 -0.77 -26.68
N VAL A 165 2.23 -1.78 -26.25
CA VAL A 165 3.61 -1.60 -25.82
C VAL A 165 4.56 -2.04 -26.91
N GLY A 166 5.54 -1.21 -27.23
CA GLY A 166 6.61 -1.68 -28.12
C GLY A 166 7.81 -2.03 -27.24
N SER A 167 8.24 -3.28 -27.24
CA SER A 167 9.31 -3.72 -26.31
C SER A 167 10.56 -4.17 -27.06
N ILE A 168 11.71 -3.61 -26.70
CA ILE A 168 12.99 -3.85 -27.39
C ILE A 168 14.03 -4.39 -26.42
N ALA A 169 14.60 -5.55 -26.70
CA ALA A 169 15.48 -6.24 -25.76
C ALA A 169 16.94 -6.26 -26.24
N PRO A 170 17.93 -6.23 -25.29
CA PRO A 170 19.38 -6.33 -25.59
C PRO A 170 19.84 -7.79 -25.75
N TRP A 171 21.08 -8.03 -26.18
CA TRP A 171 21.56 -9.41 -26.41
C TRP A 171 22.10 -10.18 -25.19
N ASN A 172 22.33 -9.51 -24.07
CA ASN A 172 23.04 -10.15 -22.96
C ASN A 172 22.25 -11.17 -22.16
N TYR A 173 20.94 -10.95 -21.96
CA TYR A 173 20.08 -11.95 -21.30
C TYR A 173 18.76 -12.11 -22.06
N PRO A 174 18.82 -12.77 -23.23
CA PRO A 174 17.69 -12.62 -24.19
C PRO A 174 16.36 -13.10 -23.60
N LEU A 175 16.29 -14.38 -23.24
CA LEU A 175 15.06 -14.94 -22.65
C LEU A 175 14.63 -14.23 -21.36
N ALA A 179 11.15 -12.06 -20.49
CA ALA A 179 10.28 -12.21 -19.31
C ALA A 179 9.99 -10.89 -18.62
N TRP A 180 11.02 -10.05 -18.51
CA TRP A 180 10.92 -8.76 -17.79
C TRP A 180 10.06 -7.76 -18.54
N LYS A 181 10.21 -7.73 -19.86
CA LYS A 181 9.39 -6.91 -20.73
C LYS A 181 7.95 -7.38 -20.84
N LEU A 182 7.75 -8.69 -21.09
CA LEU A 182 6.44 -9.18 -21.43
C LEU A 182 5.53 -9.41 -20.24
N ALA A 183 6.06 -10.00 -19.16
CA ALA A 183 5.20 -10.44 -18.06
C ALA A 183 4.42 -9.27 -17.46
N PRO A 184 5.10 -8.17 -17.04
CA PRO A 184 4.28 -7.06 -16.56
C PRO A 184 3.39 -6.35 -17.61
N ALA A 185 3.83 -6.28 -18.88
CA ALA A 185 3.05 -5.54 -19.91
C ALA A 185 1.73 -6.25 -20.18
N ILE A 186 1.83 -7.51 -20.56
CA ILE A 186 0.67 -8.40 -20.71
C ILE A 186 -0.16 -8.40 -19.44
N GLY A 187 0.52 -8.51 -18.29
CA GLY A 187 -0.14 -8.60 -17.01
C GLY A 187 -0.94 -7.37 -16.64
N GLY A 188 -0.50 -6.21 -17.13
CA GLY A 188 -1.25 -4.98 -16.90
C GLY A 188 -2.46 -4.86 -17.82
N GLY A 189 -2.61 -5.79 -18.76
CA GLY A 189 -3.77 -5.75 -19.66
C GLY A 189 -3.44 -5.14 -21.01
N ASN A 190 -2.15 -4.88 -21.26
CA ASN A 190 -1.68 -4.37 -22.52
C ASN A 190 -1.41 -5.49 -23.51
N THR A 191 -1.28 -5.10 -24.77
CA THR A 191 -0.82 -5.96 -25.85
C THR A 191 0.54 -5.48 -26.27
N VAL A 192 1.31 -6.36 -26.92
CA VAL A 192 2.72 -6.07 -27.09
C VAL A 192 3.25 -6.49 -28.42
N VAL A 193 4.08 -5.61 -28.99
CA VAL A 193 5.00 -5.99 -30.03
C VAL A 193 6.45 -5.97 -29.52
N PHE A 194 7.10 -7.14 -29.58
CA PHE A 194 8.39 -7.34 -28.95
C PHE A 194 9.45 -7.61 -30.00
N LYS A 195 10.57 -6.88 -29.95
CA LYS A 195 11.70 -7.20 -30.81
C LYS A 195 12.93 -7.61 -29.99
N PRO A 196 13.41 -8.87 -30.13
CA PRO A 196 14.68 -9.22 -29.51
C PRO A 196 15.84 -8.50 -30.22
N SER A 197 17.00 -8.49 -29.59
CA SER A 197 18.24 -8.06 -30.21
C SER A 197 18.50 -8.82 -31.51
N GLU A 198 19.07 -8.13 -32.49
CA GLU A 198 19.31 -8.73 -33.80
C GLU A 198 20.22 -9.94 -33.72
N GLN A 199 21.19 -9.91 -32.80
CA GLN A 199 22.11 -11.04 -32.61
C GLN A 199 21.50 -12.19 -31.81
N THR A 200 20.45 -11.94 -31.02
CA THR A 200 19.92 -13.00 -30.14
C THR A 200 18.40 -13.27 -30.24
N PRO A 201 17.92 -13.64 -31.44
CA PRO A 201 16.48 -13.80 -31.58
C PRO A 201 15.96 -15.20 -31.24
N LEU A 202 16.88 -16.14 -31.04
CA LEU A 202 16.47 -17.56 -31.09
C LEU A 202 15.52 -17.99 -29.98
N THR A 203 15.74 -17.55 -28.75
CA THR A 203 14.86 -17.99 -27.66
C THR A 203 13.49 -17.34 -27.72
N ALA A 204 13.46 -16.11 -28.23
CA ALA A 204 12.22 -15.37 -28.38
C ALA A 204 11.27 -16.03 -29.41
N LEU A 205 11.84 -16.54 -30.49
CA LEU A 205 11.04 -17.23 -31.50
C LEU A 205 10.51 -18.56 -30.96
N LYS A 206 11.32 -19.23 -30.14
CA LYS A 206 10.89 -20.46 -29.51
C LYS A 206 9.79 -20.17 -28.48
N LEU A 207 10.02 -19.20 -27.60
CA LEU A 207 8.96 -18.76 -26.69
C LEU A 207 7.67 -18.32 -27.43
N ALA A 208 7.83 -17.74 -28.61
CA ALA A 208 6.65 -17.28 -29.37
C ALA A 208 5.67 -18.43 -29.66
N ARG A 209 6.18 -19.57 -30.09
CA ARG A 209 5.33 -20.73 -30.30
C ARG A 209 4.56 -21.16 -29.07
N LEU A 210 5.22 -21.13 -27.91
CA LEU A 210 4.55 -21.54 -26.68
C LEU A 210 3.50 -20.51 -26.28
N ILE A 211 3.82 -19.24 -26.41
CA ILE A 211 2.90 -18.20 -26.00
C ILE A 211 1.64 -18.22 -26.89
N ALA A 212 1.86 -18.55 -28.16
CA ALA A 212 0.79 -18.56 -29.16
C ALA A 212 -0.22 -19.68 -28.91
N ASP A 213 0.19 -20.73 -28.18
CA ASP A 213 -0.76 -21.74 -27.76
C ASP A 213 -1.55 -21.35 -26.52
N ILE A 214 -1.28 -20.17 -25.93
CA ILE A 214 -1.83 -19.85 -24.60
C ILE A 214 -2.70 -18.60 -24.59
N LEU A 215 -2.20 -17.52 -25.19
CA LEU A 215 -2.87 -16.23 -25.24
C LEU A 215 -3.74 -16.04 -26.49
N PRO A 216 -4.78 -15.17 -26.39
CA PRO A 216 -5.49 -14.76 -27.60
C PRO A 216 -4.52 -14.14 -28.66
N GLU A 217 -4.81 -14.39 -29.92
CA GLU A 217 -4.00 -13.93 -31.04
C GLU A 217 -3.78 -12.41 -30.97
N GLY A 218 -2.56 -11.95 -31.22
CA GLY A 218 -2.24 -10.53 -31.24
C GLY A 218 -1.95 -9.84 -29.90
N VAL A 219 -2.22 -10.55 -28.79
CA VAL A 219 -1.81 -10.06 -27.46
C VAL A 219 -0.27 -9.94 -27.34
N VAL A 220 0.45 -10.93 -27.87
CA VAL A 220 1.90 -10.84 -27.99
C VAL A 220 2.31 -11.04 -29.44
N ASN A 221 3.15 -10.14 -29.96
CA ASN A 221 3.69 -10.31 -31.30
C ASN A 221 5.21 -10.19 -31.30
N VAL A 222 5.88 -11.02 -32.09
CA VAL A 222 7.32 -11.04 -32.02
C VAL A 222 7.87 -10.82 -33.39
N ILE A 223 8.61 -9.73 -33.53
CA ILE A 223 9.27 -9.41 -34.77
C ILE A 223 10.80 -9.42 -34.59
N THR A 224 11.56 -9.59 -35.66
CA THR A 224 13.02 -9.57 -35.53
C THR A 224 13.63 -8.46 -36.40
N GLY A 225 14.83 -8.01 -36.05
CA GLY A 225 15.59 -7.11 -36.92
C GLY A 225 16.53 -6.14 -36.23
N ARG A 226 17.20 -5.31 -37.03
CA ARG A 226 18.17 -4.34 -36.54
CA ARG A 226 18.17 -4.37 -36.50
C ARG A 226 17.49 -3.16 -35.87
N GLY A 227 18.15 -2.56 -34.89
CA GLY A 227 17.65 -1.36 -34.25
C GLY A 227 17.38 -0.23 -35.22
N GLU A 228 18.27 -0.06 -36.19
CA GLU A 228 18.22 1.04 -37.14
C GLU A 228 17.08 0.91 -38.12
N THR A 229 16.64 -0.32 -38.40
CA THR A 229 15.54 -0.53 -39.32
C THR A 229 14.24 -0.86 -38.56
N VAL A 230 14.13 -2.09 -38.05
CA VAL A 230 12.92 -2.58 -37.39
C VAL A 230 12.59 -1.91 -36.05
N GLY A 231 13.59 -1.70 -35.19
CA GLY A 231 13.33 -1.07 -33.89
C GLY A 231 12.89 0.35 -34.07
N ASN A 232 13.59 1.04 -34.97
CA ASN A 232 13.25 2.40 -35.32
C ASN A 232 11.81 2.55 -35.85
N ALA A 233 11.40 1.61 -36.70
CA ALA A 233 10.05 1.67 -37.24
C ALA A 233 9.06 1.37 -36.10
N LEU A 234 9.45 0.50 -35.17
CA LEU A 234 8.54 0.09 -34.09
C LEU A 234 8.33 1.24 -33.12
N ILE A 235 9.42 1.86 -32.67
CA ILE A 235 9.35 2.93 -31.67
C ILE A 235 8.69 4.18 -32.17
N ASN A 236 8.68 4.36 -33.50
CA ASN A 236 8.08 5.53 -34.12
C ASN A 236 6.64 5.27 -34.64
N HIS A 237 6.08 4.11 -34.33
CA HIS A 237 4.75 3.81 -34.84
C HIS A 237 3.70 4.58 -34.04
N PRO A 238 2.85 5.35 -34.75
CA PRO A 238 1.97 6.29 -34.04
C PRO A 238 0.92 5.61 -33.16
N LYS A 239 0.65 4.33 -33.35
CA LYS A 239 -0.28 3.59 -32.49
C LYS A 239 0.41 3.02 -31.24
N VAL A 240 1.73 3.16 -31.14
CA VAL A 240 2.44 2.67 -29.94
C VAL A 240 2.40 3.71 -28.84
N GLY A 241 1.84 3.32 -27.68
CA GLY A 241 1.52 4.27 -26.62
C GLY A 241 2.59 4.21 -25.55
N VAL A 243 6.85 2.77 -24.96
CA VAL A 243 8.06 2.06 -25.41
C VAL A 243 8.91 1.62 -24.22
N SER A 244 9.33 0.35 -24.21
CA SER A 244 10.25 -0.15 -23.21
C SER A 244 11.52 -0.67 -23.88
N ILE A 245 12.64 -0.07 -23.52
CA ILE A 245 13.95 -0.41 -24.09
C ILE A 245 14.95 -0.73 -22.96
N THR A 246 15.68 -1.84 -23.12
CA THR A 246 16.88 -2.11 -22.33
C THR A 246 18.03 -2.15 -23.32
N GLY A 247 18.99 -1.25 -23.13
CA GLY A 247 20.13 -1.14 -24.03
C GLY A 247 21.05 -0.01 -23.64
N ASP A 248 21.73 0.54 -24.64
CA ASP A 248 22.72 1.59 -24.43
C ASP A 248 22.10 2.97 -24.24
N ILE A 249 22.80 3.87 -23.53
CA ILE A 249 22.34 5.26 -23.35
C ILE A 249 21.92 5.91 -24.68
N ALA A 250 22.67 5.68 -25.75
CA ALA A 250 22.37 6.30 -27.04
C ALA A 250 21.02 5.84 -27.58
N THR A 251 20.75 4.55 -27.47
CA THR A 251 19.48 3.98 -27.84
C THR A 251 18.35 4.57 -27.01
N GLY A 252 18.60 4.80 -25.73
CA GLY A 252 17.58 5.40 -24.86
C GLY A 252 17.24 6.83 -25.25
N LYS A 253 18.24 7.58 -25.73
CA LYS A 253 17.99 8.95 -26.18
C LYS A 253 17.19 8.97 -27.47
N LYS A 254 17.48 8.02 -28.36
CA LYS A 254 16.71 7.81 -29.56
C LYS A 254 15.26 7.44 -29.25
N VAL A 255 15.06 6.63 -28.21
CA VAL A 255 13.71 6.26 -27.81
C VAL A 255 12.94 7.46 -27.30
N LEU A 256 13.63 8.34 -26.59
CA LEU A 256 13.04 9.58 -26.09
C LEU A 256 12.73 10.52 -27.23
N ALA A 257 13.64 10.56 -28.20
CA ALA A 257 13.45 11.35 -29.41
C ALA A 257 12.17 10.94 -30.12
N ALA A 258 11.99 9.64 -30.30
CA ALA A 258 10.79 9.12 -30.93
C ALA A 258 9.55 9.51 -30.12
N ALA A 259 9.65 9.38 -28.81
CA ALA A 259 8.51 9.61 -27.93
C ALA A 259 8.05 11.05 -27.89
N ALA A 260 8.96 11.97 -28.18
CA ALA A 260 8.60 13.38 -28.24
C ALA A 260 7.54 13.66 -29.32
N LYS A 261 7.56 12.89 -30.41
CA LYS A 261 6.64 13.10 -31.53
C LYS A 261 5.17 12.74 -31.26
N THR A 262 4.89 11.84 -30.32
CA THR A 262 3.48 11.52 -30.01
C THR A 262 3.21 11.36 -28.53
N VAL A 263 4.10 11.91 -27.71
CA VAL A 263 3.98 11.80 -26.25
C VAL A 263 3.76 10.38 -25.75
N LYS A 264 4.58 9.46 -26.23
CA LYS A 264 4.59 8.09 -25.76
C LYS A 264 5.20 8.00 -24.35
N ARG A 265 4.64 7.11 -23.52
CA ARG A 265 5.25 6.75 -22.27
C ARG A 265 6.51 5.93 -22.57
N THR A 266 7.49 6.03 -21.68
CA THR A 266 8.76 5.34 -21.89
C THR A 266 9.18 4.64 -20.62
N HIS A 267 9.99 3.60 -20.79
CA HIS A 267 10.50 2.80 -19.71
C HIS A 267 11.93 2.46 -20.14
N LEU A 268 12.90 3.02 -19.44
CA LEU A 268 14.30 2.98 -19.91
C LEU A 268 15.29 2.37 -18.91
N GLU A 269 15.90 1.25 -19.25
CA GLU A 269 17.01 0.73 -18.48
CA GLU A 269 17.03 0.73 -18.48
C GLU A 269 18.26 0.86 -19.35
N LEU A 270 19.06 1.89 -19.07
CA LEU A 270 20.15 2.25 -19.95
C LEU A 270 21.56 1.93 -19.46
N GLY A 271 21.72 0.93 -18.63
CA GLY A 271 23.07 0.49 -18.33
C GLY A 271 23.69 1.12 -17.11
N GLY A 272 24.79 0.52 -16.70
CA GLY A 272 25.34 0.77 -15.38
C GLY A 272 26.84 0.78 -15.33
N LYS A 273 27.34 1.19 -14.18
CA LYS A 273 28.74 1.26 -13.91
C LYS A 273 28.74 1.17 -12.40
N ALA A 274 28.47 -0.04 -11.92
CA ALA A 274 28.18 -0.27 -10.52
C ALA A 274 29.44 -0.01 -9.69
N PRO A 275 29.38 0.99 -8.78
CA PRO A 275 30.51 1.16 -7.90
C PRO A 275 30.44 0.15 -6.74
N VAL A 276 31.63 -0.26 -6.28
CA VAL A 276 31.79 -1.18 -5.18
C VAL A 276 32.68 -0.47 -4.14
N ILE A 277 32.10 -0.02 -3.03
CA ILE A 277 32.86 0.64 -1.98
C ILE A 277 33.37 -0.39 -0.97
N VAL A 278 34.69 -0.47 -0.84
CA VAL A 278 35.29 -1.45 0.05
C VAL A 278 36.06 -0.74 1.16
N TYR A 279 35.53 -0.81 2.37
CA TYR A 279 36.18 -0.21 3.53
C TYR A 279 37.29 -1.12 4.09
N GLY A 280 38.18 -0.52 4.89
CA GLY A 280 39.29 -1.25 5.53
C GLY A 280 38.91 -2.43 6.41
N ASP A 281 37.67 -2.47 6.89
CA ASP A 281 37.23 -3.52 7.79
C ASP A 281 36.27 -4.49 7.14
N ALA A 282 36.37 -4.66 5.83
CA ALA A 282 35.53 -5.61 5.11
C ALA A 282 36.20 -6.97 5.17
N ASP A 283 35.41 -8.02 5.00
CA ASP A 283 35.97 -9.36 4.84
C ASP A 283 36.60 -9.44 3.44
N LEU A 284 37.92 -9.28 3.36
CA LEU A 284 38.56 -9.20 2.04
C LEU A 284 38.46 -10.45 1.21
N GLU A 285 38.40 -11.59 1.90
CA GLU A 285 38.18 -12.89 1.27
C GLU A 285 36.84 -12.88 0.55
N ALA A 286 35.83 -12.31 1.21
CA ALA A 286 34.49 -12.21 0.64
C ALA A 286 34.47 -11.24 -0.52
N VAL A 287 35.06 -10.07 -0.34
CA VAL A 287 35.14 -9.07 -1.40
C VAL A 287 35.78 -9.68 -2.65
N VAL A 288 36.93 -10.30 -2.46
CA VAL A 288 37.65 -10.93 -3.55
C VAL A 288 36.77 -11.97 -4.25
N ASN A 289 36.16 -12.85 -3.45
CA ASN A 289 35.26 -13.84 -4.02
C ASN A 289 34.01 -13.24 -4.67
N GLY A 290 33.52 -12.13 -4.13
CA GLY A 290 32.41 -11.39 -4.71
C GLY A 290 32.74 -10.79 -6.06
N ILE A 291 33.89 -10.15 -6.17
CA ILE A 291 34.31 -9.56 -7.44
C ILE A 291 34.69 -10.63 -8.48
N ARG A 292 35.37 -11.68 -8.06
CA ARG A 292 35.69 -12.80 -8.97
C ARG A 292 34.46 -13.28 -9.72
N THR A 293 33.34 -13.40 -9.01
CA THR A 293 32.11 -13.90 -9.61
C THR A 293 31.32 -12.78 -10.26
N PHE A 294 31.04 -11.73 -9.49
CA PHE A 294 30.05 -10.73 -9.89
C PHE A 294 30.58 -9.62 -10.78
N GLY A 295 31.90 -9.51 -10.89
CA GLY A 295 32.51 -8.59 -11.84
C GLY A 295 32.66 -9.20 -13.21
N TYR A 296 32.63 -10.54 -13.28
CA TYR A 296 32.96 -11.24 -14.53
C TYR A 296 31.89 -12.17 -15.06
N TYR A 297 30.79 -12.31 -14.32
CA TYR A 297 29.64 -13.10 -14.74
C TYR A 297 29.11 -12.59 -16.06
N ASN A 298 28.80 -13.52 -16.94
CA ASN A 298 28.32 -13.20 -18.29
C ASN A 298 29.36 -12.37 -19.07
N ALA A 299 30.65 -12.66 -18.81
CA ALA A 299 31.78 -11.91 -19.35
C ALA A 299 31.66 -10.40 -19.06
N GLY A 300 31.00 -10.08 -17.94
CA GLY A 300 30.78 -8.70 -17.52
C GLY A 300 29.81 -7.95 -18.40
N GLN A 301 29.12 -8.68 -19.29
CA GLN A 301 28.08 -8.09 -20.13
C GLN A 301 26.79 -8.11 -19.32
N ASP A 302 26.78 -7.26 -18.29
CA ASP A 302 25.70 -7.23 -17.32
C ASP A 302 25.79 -5.85 -16.71
N CYS A 303 24.65 -5.17 -16.64
CA CYS A 303 24.61 -3.76 -16.28
C CYS A 303 24.82 -3.57 -14.78
N THR A 304 24.68 -4.67 -14.02
CA THR A 304 24.98 -4.66 -12.58
C THR A 304 26.37 -5.23 -12.24
N ALA A 305 27.20 -5.49 -13.25
CA ALA A 305 28.57 -6.01 -13.04
C ALA A 305 29.37 -5.17 -12.03
N ALA A 306 30.03 -5.85 -11.08
CA ALA A 306 30.84 -5.19 -10.05
C ALA A 306 32.11 -4.66 -10.69
N CYS A 307 32.06 -3.48 -11.27
CA CYS A 307 33.14 -3.10 -12.16
C CYS A 307 33.99 -1.91 -11.72
N ARG A 308 33.41 -1.02 -10.91
CA ARG A 308 34.13 0.17 -10.45
C ARG A 308 34.39 0.10 -8.93
N ILE A 309 35.59 -0.34 -8.58
CA ILE A 309 35.96 -0.59 -7.18
C ILE A 309 36.67 0.58 -6.54
N TYR A 310 36.11 1.02 -5.43
CA TYR A 310 36.72 2.02 -4.58
C TYR A 310 37.22 1.30 -3.34
N ALA A 311 38.55 1.29 -3.17
CA ALA A 311 39.17 0.59 -2.05
C ALA A 311 39.91 1.55 -1.11
N GLU A 312 39.63 1.41 0.18
CA GLU A 312 40.32 2.16 1.23
C GLU A 312 41.83 1.96 1.20
N ALA A 313 42.55 3.07 1.40
CA ALA A 313 44.01 3.12 1.34
C ALA A 313 44.71 2.00 2.12
N GLY A 314 44.15 1.59 3.25
CA GLY A 314 44.75 0.52 4.05
C GLY A 314 44.63 -0.89 3.49
N ILE A 315 43.63 -1.14 2.65
CA ILE A 315 43.47 -2.50 2.09
C ILE A 315 43.60 -2.56 0.56
N TYR A 316 43.82 -1.40 -0.06
CA TYR A 316 43.97 -1.27 -1.51
C TYR A 316 44.99 -2.25 -2.12
N GLU A 317 46.21 -2.23 -1.60
CA GLU A 317 47.29 -3.08 -2.10
C GLU A 317 46.99 -4.57 -1.93
N LYS A 318 46.45 -4.92 -0.76
CA LYS A 318 45.98 -6.28 -0.49
C LYS A 318 44.90 -6.71 -1.49
N LEU A 319 43.92 -5.85 -1.72
CA LEU A 319 42.81 -6.17 -2.61
C LEU A 319 43.31 -6.43 -4.03
N VAL A 320 44.04 -5.47 -4.56
CA VAL A 320 44.55 -5.58 -5.91
C VAL A 320 45.27 -6.90 -6.07
N ALA A 321 46.27 -7.14 -5.23
CA ALA A 321 47.05 -8.37 -5.26
C ALA A 321 46.15 -9.62 -5.22
N ASP A 322 45.24 -9.69 -4.25
CA ASP A 322 44.42 -10.90 -4.10
C ASP A 322 43.36 -11.07 -5.19
N LEU A 323 42.81 -9.95 -5.66
CA LEU A 323 41.85 -9.99 -6.75
C LEU A 323 42.53 -10.51 -8.01
N THR A 324 43.72 -9.97 -8.29
CA THR A 324 44.50 -10.36 -9.47
C THR A 324 44.69 -11.86 -9.49
N SER A 325 45.00 -12.40 -8.32
CA SER A 325 45.24 -13.83 -8.14
C SER A 325 43.96 -14.61 -8.45
N ALA A 326 42.86 -14.13 -7.88
CA ALA A 326 41.56 -14.80 -7.98
C ALA A 326 41.09 -14.86 -9.42
N VAL A 327 41.31 -13.75 -10.13
CA VAL A 327 40.76 -13.55 -11.48
C VAL A 327 41.53 -14.33 -12.54
N SER A 328 42.83 -14.54 -12.34
CA SER A 328 43.65 -15.23 -13.34
C SER A 328 43.35 -16.73 -13.37
N THR A 329 42.44 -17.15 -12.51
CA THR A 329 42.04 -18.56 -12.43
C THR A 329 40.65 -18.78 -13.07
N ILE A 330 39.96 -17.70 -13.39
CA ILE A 330 38.64 -17.80 -14.06
C ILE A 330 38.72 -18.66 -15.33
N ARG A 331 37.85 -19.67 -15.40
CA ARG A 331 37.87 -20.63 -16.52
C ARG A 331 36.87 -20.28 -17.64
N TYR A 332 37.33 -20.36 -18.88
CA TYR A 332 36.53 -20.03 -20.05
C TYR A 332 37.10 -20.74 -21.27
N ASN A 333 36.20 -21.05 -22.22
CA ASN A 333 36.55 -21.65 -23.50
C ASN A 333 37.13 -23.07 -23.41
N LEU A 334 36.91 -23.75 -22.28
CA LEU A 334 37.22 -25.17 -22.16
C LEU A 334 36.24 -25.98 -23.02
N ASP A 335 36.64 -27.19 -23.43
CA ASP A 335 35.80 -28.07 -24.23
C ASP A 335 34.67 -28.66 -23.40
N ASP A 336 34.93 -28.87 -22.11
CA ASP A 336 33.89 -29.27 -21.17
C ASP A 336 33.20 -28.01 -20.65
N ASP A 337 32.01 -27.72 -21.18
CA ASP A 337 31.29 -26.46 -20.86
C ASP A 337 30.91 -26.33 -19.38
N THR A 338 30.74 -27.46 -18.70
CA THR A 338 30.41 -27.48 -17.26
C THR A 338 31.56 -26.97 -16.40
N GLU A 339 32.74 -26.84 -17.01
CA GLU A 339 33.92 -26.34 -16.32
C GLU A 339 34.23 -24.87 -16.61
N ASN A 340 33.51 -24.30 -17.58
CA ASN A 340 33.63 -22.87 -17.94
C ASN A 340 32.82 -22.05 -16.95
N GLU A 341 33.37 -20.90 -16.53
CA GLU A 341 32.68 -20.04 -15.56
C GLU A 341 32.12 -18.80 -16.24
N ILE A 342 32.81 -18.36 -17.29
CA ILE A 342 32.29 -17.27 -18.13
C ILE A 342 32.37 -17.66 -19.60
N GLY A 343 31.41 -17.16 -20.38
CA GLY A 343 31.45 -17.30 -21.83
C GLY A 343 32.17 -16.15 -22.51
N PRO A 344 32.04 -16.04 -23.85
CA PRO A 344 32.71 -14.99 -24.64
C PRO A 344 31.91 -13.69 -24.71
N LEU A 345 32.48 -12.66 -25.34
CA LEU A 345 31.68 -11.51 -25.75
C LEU A 345 30.77 -11.91 -26.91
N ILE A 346 29.62 -11.23 -27.04
CA ILE A 346 28.61 -11.55 -28.06
C ILE A 346 29.12 -11.49 -29.51
N SER A 347 30.07 -10.60 -29.78
CA SER A 347 30.50 -10.29 -31.14
C SER A 347 31.96 -9.83 -31.18
N ARG A 348 32.53 -9.76 -32.39
CA ARG A 348 33.83 -9.15 -32.62
C ARG A 348 33.85 -7.64 -32.37
N ARG A 349 32.78 -6.94 -32.75
CA ARG A 349 32.70 -5.50 -32.53
C ARG A 349 32.68 -5.18 -31.05
N GLN A 350 32.01 -6.05 -30.28
CA GLN A 350 32.00 -5.94 -28.83
C GLN A 350 33.38 -6.20 -28.21
N ARG A 351 34.01 -7.30 -28.63
CA ARG A 351 35.37 -7.63 -28.19
C ARG A 351 36.39 -6.52 -28.46
N ASP A 352 36.34 -5.97 -29.67
CA ASP A 352 37.25 -4.90 -30.08
C ASP A 352 37.01 -3.60 -29.33
N ARG A 353 35.77 -3.41 -28.89
CA ARG A 353 35.38 -2.28 -28.05
C ARG A 353 35.99 -2.42 -26.64
N VAL A 354 35.84 -3.60 -26.05
CA VAL A 354 36.43 -3.92 -24.75
C VAL A 354 37.96 -3.77 -24.80
N ALA A 355 38.59 -4.40 -25.80
CA ALA A 355 40.05 -4.35 -25.99
C ALA A 355 40.57 -2.92 -26.14
N SER A 356 39.82 -2.12 -26.89
CA SER A 356 40.16 -0.73 -27.14
C SER A 356 40.07 0.13 -25.87
N PHE A 357 39.12 -0.18 -24.99
CA PHE A 357 38.98 0.49 -23.68
C PHE A 357 40.14 0.17 -22.75
N VAL A 358 40.60 -1.07 -22.80
CA VAL A 358 41.70 -1.54 -21.94
C VAL A 358 43.03 -0.93 -22.41
N GLU A 359 43.24 -0.94 -23.72
CA GLU A 359 44.43 -0.38 -24.36
C GLU A 359 44.66 1.06 -23.93
N ARG A 360 43.60 1.87 -24.05
CA ARG A 360 43.62 3.26 -23.62
C ARG A 360 43.91 3.44 -22.11
N ALA A 361 43.37 2.56 -21.28
CA ALA A 361 43.67 2.58 -19.85
C ALA A 361 45.16 2.28 -19.60
N ALA A 362 45.69 1.28 -20.30
CA ALA A 362 47.10 0.88 -20.18
C ALA A 362 48.08 1.99 -20.62
N ASP A 363 47.63 2.85 -21.53
CA ASP A 363 48.45 3.97 -22.02
C ASP A 363 48.72 4.97 -20.91
N GLN A 364 47.77 5.07 -19.98
CA GLN A 364 47.87 5.95 -18.83
C GLN A 364 48.97 5.44 -17.90
N LYS A 365 49.88 6.34 -17.53
CA LYS A 365 51.09 5.96 -16.80
C LYS A 365 50.85 5.50 -15.35
N HIS A 366 49.79 6.00 -14.73
CA HIS A 366 49.49 5.65 -13.34
C HIS A 366 48.63 4.39 -13.20
N ILE A 367 48.31 3.75 -14.33
CA ILE A 367 47.42 2.58 -14.33
C ILE A 367 48.21 1.30 -14.64
N GLU A 368 47.87 0.22 -13.94
CA GLU A 368 48.48 -1.08 -14.23
C GLU A 368 47.45 -2.18 -14.48
N ILE A 369 47.47 -2.75 -15.68
CA ILE A 369 46.75 -4.00 -15.92
C ILE A 369 47.54 -5.09 -15.22
N THR A 370 46.96 -5.64 -14.16
CA THR A 370 47.69 -6.61 -13.34
C THR A 370 47.55 -8.04 -13.87
N THR A 371 46.44 -8.30 -14.57
CA THR A 371 46.17 -9.59 -15.21
C THR A 371 45.20 -9.39 -16.39
N GLY A 372 45.26 -10.31 -17.36
CA GLY A 372 44.41 -10.25 -18.55
C GLY A 372 44.77 -9.11 -19.48
N GLY A 373 43.74 -8.44 -20.01
CA GLY A 373 43.93 -7.25 -20.83
C GLY A 373 44.09 -7.50 -22.33
N ARG A 374 44.08 -8.77 -22.74
CA ARG A 374 44.22 -9.15 -24.14
C ARG A 374 43.02 -9.99 -24.60
N THR A 375 42.93 -10.28 -25.90
CA THR A 375 41.89 -11.20 -26.39
C THR A 375 42.20 -12.60 -25.87
N GLY A 376 41.17 -13.44 -25.73
CA GLY A 376 41.33 -14.71 -25.04
C GLY A 376 41.08 -15.98 -25.83
N SER A 377 40.93 -15.85 -27.15
CA SER A 377 40.65 -17.00 -28.02
C SER A 377 41.05 -16.76 -29.46
N ASP A 378 41.43 -17.83 -30.15
CA ASP A 378 41.73 -17.77 -31.57
C ASP A 378 40.45 -17.65 -32.37
N GLU A 379 39.50 -18.54 -32.10
CA GLU A 379 38.15 -18.46 -32.69
C GLU A 379 37.17 -17.91 -31.66
N GLY A 380 36.14 -17.23 -32.16
CA GLY A 380 35.12 -16.67 -31.27
C GLY A 380 35.60 -15.42 -30.55
N PHE A 381 34.81 -14.98 -29.56
CA PHE A 381 34.95 -13.61 -29.07
C PHE A 381 35.28 -13.52 -27.58
N PHE A 382 36.19 -14.40 -27.14
CA PHE A 382 36.63 -14.37 -25.75
C PHE A 382 37.58 -13.21 -25.50
N PHE A 383 37.40 -12.59 -24.34
CA PHE A 383 38.37 -11.62 -23.84
C PHE A 383 38.87 -12.12 -22.49
N GLN A 384 40.13 -11.84 -22.17
CA GLN A 384 40.69 -12.26 -20.87
C GLN A 384 40.11 -11.45 -19.70
N PRO A 385 39.67 -12.15 -18.64
CA PRO A 385 39.23 -11.45 -17.42
C PRO A 385 40.35 -10.52 -16.95
N THR A 386 40.00 -9.27 -16.66
CA THR A 386 41.00 -8.23 -16.52
C THR A 386 40.83 -7.46 -15.21
N VAL A 387 41.96 -7.21 -14.54
CA VAL A 387 42.01 -6.27 -13.41
C VAL A 387 42.84 -5.05 -13.80
N VAL A 388 42.27 -3.88 -13.60
CA VAL A 388 42.93 -2.61 -13.92
C VAL A 388 43.14 -1.86 -12.62
N ALA A 389 44.41 -1.76 -12.19
CA ALA A 389 44.73 -1.15 -10.90
C ALA A 389 45.19 0.30 -11.05
N GLY A 390 44.82 1.15 -10.10
CA GLY A 390 45.38 2.50 -10.01
C GLY A 390 44.63 3.57 -10.74
N ALA A 391 43.46 3.21 -11.26
CA ALA A 391 42.61 4.17 -11.98
C ALA A 391 42.07 5.20 -11.01
N THR A 392 41.87 6.44 -11.49
CA THR A 392 41.33 7.53 -10.66
C THR A 392 39.95 7.93 -11.16
N GLN A 393 39.30 8.82 -10.42
CA GLN A 393 38.00 9.38 -10.79
C GLN A 393 37.97 9.99 -12.20
N GLU A 394 39.13 10.47 -12.64
CA GLU A 394 39.26 11.20 -13.89
C GLU A 394 39.47 10.32 -15.12
N ASP A 395 39.74 9.04 -14.89
CA ASP A 395 40.05 8.12 -16.00
C ASP A 395 38.80 7.64 -16.74
N GLU A 396 38.99 7.44 -18.04
CA GLU A 396 37.96 6.91 -18.94
C GLU A 396 37.40 5.56 -18.47
N ILE A 397 38.27 4.69 -17.97
CA ILE A 397 37.89 3.36 -17.50
C ILE A 397 37.01 3.40 -16.23
N VAL A 398 37.03 4.52 -15.51
CA VAL A 398 36.12 4.74 -14.37
C VAL A 398 34.86 5.52 -14.78
N ARG A 399 35.00 6.41 -15.76
CA ARG A 399 33.90 7.27 -16.16
C ARG A 399 32.88 6.60 -17.10
N ARG A 400 33.33 5.61 -17.87
CA ARG A 400 32.55 5.08 -18.98
C ARG A 400 32.38 3.56 -18.86
N GLU A 401 31.17 3.07 -19.10
CA GLU A 401 30.86 1.64 -19.08
C GLU A 401 31.65 0.87 -20.15
N VAL A 402 32.15 -0.31 -19.80
CA VAL A 402 33.02 -1.11 -20.69
C VAL A 402 32.32 -2.37 -21.20
N PHE A 403 31.40 -2.91 -20.40
CA PHE A 403 30.60 -4.08 -20.80
C PHE A 403 31.49 -5.25 -21.29
N GLY A 404 32.47 -5.58 -20.45
CA GLY A 404 33.35 -6.69 -20.69
C GLY A 404 33.83 -7.27 -19.39
N PRO A 405 34.68 -8.30 -19.46
CA PRO A 405 35.20 -8.91 -18.24
C PRO A 405 36.38 -8.09 -17.66
N VAL A 406 36.07 -6.87 -17.20
CA VAL A 406 37.07 -5.90 -16.79
C VAL A 406 36.62 -5.16 -15.54
N VAL A 407 37.51 -5.05 -14.56
CA VAL A 407 37.23 -4.38 -13.29
C VAL A 407 38.38 -3.43 -12.95
N SER A 408 38.04 -2.21 -12.51
CA SER A 408 39.06 -1.24 -12.15
C SER A 408 39.01 -0.87 -10.67
N VAL A 409 40.19 -0.59 -10.11
CA VAL A 409 40.33 -0.25 -8.71
C VAL A 409 40.94 1.15 -8.51
N THR A 410 40.27 1.92 -7.67
CA THR A 410 40.66 3.28 -7.32
C THR A 410 40.82 3.30 -5.80
N ARG A 411 41.89 3.96 -5.35
CA ARG A 411 42.20 4.11 -3.92
C ARG A 411 41.50 5.33 -3.34
N PHE A 412 40.89 5.17 -2.17
CA PHE A 412 40.48 6.34 -1.39
C PHE A 412 41.10 6.34 0.01
N THR A 413 41.21 7.51 0.61
CA THR A 413 41.76 7.64 1.95
C THR A 413 40.63 7.94 2.91
N GLY A 414 40.93 7.90 4.21
CA GLY A 414 39.97 8.26 5.26
C GLY A 414 39.63 9.75 5.25
N LYS A 415 40.37 10.53 4.46
CA LYS A 415 40.08 11.94 4.22
C LYS A 415 38.88 12.08 3.25
N ASP A 416 38.77 11.12 2.34
CA ASP A 416 37.79 11.13 1.24
C ASP A 416 36.44 10.56 1.62
N ASP A 417 35.39 11.11 1.02
CA ASP A 417 34.05 10.57 1.16
C ASP A 417 33.72 9.69 -0.04
N ALA A 418 33.92 8.37 0.12
CA ALA A 418 33.81 7.41 -0.99
C ALA A 418 32.43 7.29 -1.62
N VAL A 419 31.39 7.55 -0.83
CA VAL A 419 30.02 7.57 -1.32
C VAL A 419 29.84 8.72 -2.29
N ALA A 420 30.30 9.92 -1.89
CA ALA A 420 30.30 11.11 -2.75
C ALA A 420 31.05 10.83 -4.03
N TRP A 421 32.09 10.01 -3.94
CA TRP A 421 32.87 9.61 -5.11
C TRP A 421 32.02 8.71 -6.00
N ALA A 422 31.40 7.68 -5.41
CA ALA A 422 30.47 6.81 -6.10
C ALA A 422 29.33 7.59 -6.76
N ASN A 423 28.84 8.63 -6.08
CA ASN A 423 27.75 9.44 -6.59
C ASN A 423 28.15 10.39 -7.71
N ASP A 424 29.44 10.68 -7.82
CA ASP A 424 29.97 11.48 -8.90
C ASP A 424 30.04 10.69 -10.21
N SER A 425 28.86 10.50 -10.80
CA SER A 425 28.67 9.56 -11.89
C SER A 425 27.38 9.89 -12.63
N ASP A 426 27.36 9.67 -13.93
CA ASP A 426 26.13 9.81 -14.70
C ASP A 426 25.21 8.60 -14.57
N TYR A 427 25.74 7.49 -14.04
CA TYR A 427 24.97 6.26 -13.91
C TYR A 427 24.36 6.17 -12.53
N GLY A 428 23.42 5.26 -12.36
CA GLY A 428 22.71 5.15 -11.09
C GLY A 428 21.93 3.87 -10.98
N LEU A 429 22.47 2.78 -11.52
CA LEU A 429 21.69 1.54 -11.49
C LEU A 429 21.88 0.73 -10.21
N ALA A 430 23.10 0.27 -9.97
CA ALA A 430 23.36 -0.61 -8.84
C ALA A 430 24.70 -0.31 -8.20
N SER A 431 24.89 -0.78 -6.98
CA SER A 431 26.06 -0.46 -6.17
C SER A 431 26.17 -1.44 -5.01
N SER A 432 27.37 -1.59 -4.44
CA SER A 432 27.57 -2.34 -3.21
C SER A 432 28.59 -1.70 -2.26
N VAL A 433 28.42 -2.01 -0.98
CA VAL A 433 29.28 -1.53 0.10
C VAL A 433 29.71 -2.75 0.89
N TRP A 434 31.01 -2.83 1.18
CA TRP A 434 31.56 -3.94 1.94
C TRP A 434 32.28 -3.42 3.16
N THR A 435 31.78 -3.86 4.31
CA THR A 435 32.31 -3.50 5.63
C THR A 435 31.67 -4.44 6.64
N LYS A 436 32.33 -4.65 7.79
CA LYS A 436 31.71 -5.44 8.87
C LYS A 436 30.91 -4.52 9.77
N ASP A 437 31.18 -3.23 9.62
CA ASP A 437 30.64 -2.18 10.43
C ASP A 437 29.24 -1.76 9.95
N ILE A 438 28.23 -2.09 10.75
CA ILE A 438 26.84 -1.81 10.42
C ILE A 438 26.57 -0.31 10.29
N SER A 439 27.21 0.50 11.13
CA SER A 439 27.09 1.94 11.01
C SER A 439 27.53 2.45 9.63
N LYS A 440 28.75 2.10 9.21
CA LYS A 440 29.24 2.49 7.90
C LYS A 440 28.40 1.93 6.76
N ALA A 441 27.87 0.71 6.91
CA ALA A 441 27.06 0.13 5.84
C ALA A 441 25.77 0.93 5.63
N ARG A 443 24.94 4.04 6.74
CA ARG A 443 25.15 5.43 6.30
C ARG A 443 25.31 5.50 4.78
N ALA A 444 26.18 4.65 4.23
CA ALA A 444 26.38 4.53 2.77
C ALA A 444 25.09 4.21 2.04
N ALA A 445 24.41 3.15 2.50
CA ALA A 445 23.18 2.68 1.89
C ALA A 445 22.11 3.77 1.79
N SER A 446 22.10 4.72 2.73
CA SER A 446 21.12 5.81 2.70
C SER A 446 21.49 6.98 1.78
N ARG A 447 22.77 7.14 1.44
CA ARG A 447 23.26 8.26 0.65
C ARG A 447 23.68 7.88 -0.78
N LEU A 448 23.69 6.60 -1.09
CA LEU A 448 24.06 6.19 -2.43
C LEU A 448 22.89 6.44 -3.40
N GLN A 449 23.20 7.06 -4.52
CA GLN A 449 22.21 7.44 -5.50
C GLN A 449 22.15 6.38 -6.60
N TYR A 450 21.59 5.24 -6.24
CA TYR A 450 21.61 4.06 -7.08
C TYR A 450 20.36 3.30 -6.76
N GLY A 451 19.70 2.78 -7.79
CA GLY A 451 18.41 2.11 -7.60
C GLY A 451 18.53 0.90 -6.70
N CYS A 452 19.72 0.33 -6.64
CA CYS A 452 20.02 -0.82 -5.78
C CYS A 452 21.36 -0.59 -5.06
N THR A 453 21.40 -0.93 -3.78
CA THR A 453 22.65 -1.02 -3.03
C THR A 453 22.67 -2.34 -2.29
N TRP A 454 23.64 -3.20 -2.62
CA TRP A 454 23.84 -4.41 -1.82
C TRP A 454 24.85 -4.13 -0.70
N ILE A 455 24.67 -4.79 0.45
CA ILE A 455 25.66 -4.74 1.51
C ILE A 455 26.30 -6.10 1.67
N ASN A 456 27.64 -6.15 1.52
CA ASN A 456 28.41 -7.38 1.68
C ASN A 456 28.02 -8.53 0.78
N THR A 457 27.48 -8.14 -0.39
CA THR A 457 27.38 -8.96 -1.57
C THR A 457 27.23 -8.01 -2.76
N HIS A 458 26.98 -8.57 -3.93
CA HIS A 458 26.69 -7.83 -5.14
C HIS A 458 25.81 -8.73 -6.01
N PHE A 459 25.12 -8.15 -6.99
CA PHE A 459 24.58 -8.91 -8.13
C PHE A 459 23.29 -9.69 -7.87
N LEU A 461 19.71 -10.80 -7.28
CA LEU A 461 18.38 -10.26 -7.56
C LEU A 461 17.29 -11.18 -7.04
N THR A 462 16.12 -10.61 -6.83
CA THR A 462 14.97 -11.42 -6.45
C THR A 462 13.69 -10.81 -7.05
N ASN A 463 12.81 -11.67 -7.54
CA ASN A 463 11.74 -11.21 -8.44
C ASN A 463 10.76 -10.26 -7.77
N GLU A 464 10.78 -10.21 -6.44
CA GLU A 464 9.84 -9.32 -5.74
C GLU A 464 10.42 -7.95 -5.61
N PRO A 466 12.59 -4.50 -7.00
CA PRO A 466 12.74 -3.76 -8.25
C PRO A 466 14.17 -3.53 -8.66
N HIS A 467 14.37 -3.46 -9.96
CA HIS A 467 15.66 -3.25 -10.55
C HIS A 467 15.44 -2.13 -11.54
N GLY A 468 16.13 -1.02 -11.35
CA GLY A 468 16.04 0.11 -12.26
C GLY A 468 16.82 1.28 -11.74
N GLY A 469 17.17 2.19 -12.64
CA GLY A 469 18.20 3.14 -12.29
C GLY A 469 17.69 4.54 -12.10
N ILE A 470 18.61 5.44 -11.79
CA ILE A 470 18.34 6.89 -11.79
C ILE A 470 19.42 7.56 -12.62
N LYS A 471 19.30 8.88 -12.78
CA LYS A 471 20.21 9.60 -13.66
C LYS A 471 20.16 9.00 -15.08
N GLN A 472 21.31 8.76 -15.71
CA GLN A 472 21.29 8.31 -17.09
C GLN A 472 21.09 6.81 -17.28
N SER A 473 20.91 6.09 -16.17
CA SER A 473 20.52 4.67 -16.21
C SER A 473 19.04 4.48 -16.57
N GLY A 474 18.29 5.58 -16.54
CA GLY A 474 16.94 5.61 -17.04
C GLY A 474 15.95 5.70 -15.89
N TYR A 475 14.76 5.15 -16.10
CA TYR A 475 13.74 5.09 -15.07
C TYR A 475 12.80 3.97 -15.40
N GLY A 476 11.86 3.72 -14.48
CA GLY A 476 11.03 2.51 -14.51
C GLY A 476 11.77 1.34 -13.88
N LYS A 477 11.02 0.30 -13.48
CA LYS A 477 11.58 -0.87 -12.80
C LYS A 477 11.33 -2.15 -13.59
N ASP A 478 12.25 -3.08 -13.47
CA ASP A 478 12.02 -4.44 -13.92
C ASP A 478 11.93 -5.33 -12.68
N SER A 480 9.32 -6.97 -9.60
CA SER A 480 8.52 -6.30 -8.55
C SER A 480 7.18 -5.76 -9.04
N VAL A 481 6.35 -5.36 -8.07
CA VAL A 481 5.08 -4.82 -8.41
C VAL A 481 5.25 -3.50 -9.19
N TYR A 482 6.36 -2.81 -8.95
CA TYR A 482 6.59 -1.55 -9.63
C TYR A 482 6.67 -1.74 -11.13
N ALA A 483 7.14 -2.90 -11.60
CA ALA A 483 7.17 -3.13 -13.05
C ALA A 483 5.75 -3.10 -13.59
N LEU A 484 4.84 -3.75 -12.86
CA LEU A 484 3.47 -3.77 -13.24
C LEU A 484 2.85 -2.37 -13.17
N GLU A 485 3.12 -1.64 -12.10
CA GLU A 485 2.62 -0.24 -12.03
C GLU A 485 3.07 0.63 -13.20
N ASP A 486 4.30 0.41 -13.67
CA ASP A 486 4.81 1.13 -14.86
C ASP A 486 3.95 0.89 -16.11
N TYR A 487 3.27 -0.26 -16.18
CA TYR A 487 2.51 -0.61 -17.39
C TYR A 487 0.98 -0.50 -17.25
N THR A 488 0.55 0.22 -16.20
CA THR A 488 -0.84 0.48 -15.96
C THR A 488 -1.05 1.97 -15.72
N ALA A 489 -2.27 2.45 -15.98
CA ALA A 489 -2.60 3.87 -15.83
C ALA A 489 -3.47 3.97 -14.61
N VAL A 490 -3.16 4.94 -13.75
CA VAL A 490 -3.93 5.16 -12.55
C VAL A 490 -5.16 6.01 -12.91
N ARG A 491 -6.36 5.55 -12.52
CA ARG A 491 -7.59 6.29 -12.88
C ARG A 491 -8.48 6.60 -11.68
N HIS A 492 -8.94 7.82 -11.58
CA HIS A 492 -9.82 8.22 -10.51
C HIS A 492 -11.27 8.23 -11.01
N ILE A 493 -12.14 7.50 -10.33
CA ILE A 493 -13.54 7.47 -10.67
C ILE A 493 -14.27 8.08 -9.48
N ILE A 495 -18.13 9.29 -8.05
CA ILE A 495 -19.57 9.19 -8.24
C ILE A 495 -20.30 10.11 -7.27
N ASN A 496 -20.90 11.16 -7.81
CA ASN A 496 -21.76 12.07 -7.06
C ASN A 496 -23.06 11.36 -6.80
N HIS A 497 -23.30 10.94 -5.56
CA HIS A 497 -24.56 10.26 -5.20
C HIS A 497 -25.40 11.14 -4.30
N GLY A 498 -24.77 12.16 -3.72
CA GLY A 498 -25.47 13.19 -2.96
C GLY A 498 -25.43 13.01 -1.45
N ASP B 25 5.62 42.14 -4.62
CA ASP B 25 6.87 41.41 -4.75
C ASP B 25 7.24 41.15 -6.19
N THR B 26 8.45 41.57 -6.55
CA THR B 26 8.87 41.55 -7.93
C THR B 26 10.21 40.84 -8.17
N GLN B 27 10.81 40.28 -7.11
CA GLN B 27 12.17 39.76 -7.22
C GLN B 27 12.29 38.26 -7.29
N LEU B 28 13.25 37.82 -8.10
CA LEU B 28 13.53 36.42 -8.22
C LEU B 28 14.20 35.98 -6.94
N LEU B 29 13.86 34.76 -6.52
CA LEU B 29 14.50 34.11 -5.42
C LEU B 29 15.55 33.17 -6.01
N ILE B 30 16.81 33.52 -5.83
CA ILE B 30 17.94 32.75 -6.36
C ILE B 30 18.80 32.42 -5.15
N GLY B 31 18.78 31.15 -4.75
CA GLY B 31 19.48 30.73 -3.53
C GLY B 31 19.14 31.61 -2.36
N SER B 32 20.16 32.24 -1.77
CA SER B 32 19.97 33.09 -0.60
C SER B 32 19.70 34.58 -0.92
N ARG B 33 19.62 34.93 -2.20
CA ARG B 33 19.36 36.30 -2.61
C ARG B 33 17.98 36.48 -3.25
N PHE B 34 17.30 37.56 -2.90
CA PHE B 34 16.25 38.13 -3.76
C PHE B 34 16.91 39.09 -4.75
N GLU B 35 16.39 39.16 -5.96
CA GLU B 35 17.15 39.72 -7.06
C GLU B 35 16.22 40.02 -8.25
N ALA B 36 16.25 41.25 -8.75
CA ALA B 36 15.53 41.58 -9.99
C ALA B 36 16.13 40.84 -11.20
N GLY B 37 15.28 40.47 -12.14
CA GLY B 37 15.75 39.90 -13.40
C GLY B 37 16.46 40.99 -14.18
N THR B 38 17.35 40.60 -15.08
CA THR B 38 18.19 41.57 -15.78
C THR B 38 17.92 41.59 -17.27
N GLU B 39 16.89 40.88 -17.72
CA GLU B 39 16.60 40.80 -19.16
C GLU B 39 15.34 41.54 -19.56
N ALA B 40 14.82 41.25 -20.75
CA ALA B 40 13.59 41.86 -21.27
C ALA B 40 12.44 41.81 -20.25
N GLU B 41 11.70 42.92 -20.15
CA GLU B 41 10.54 42.97 -19.25
C GLU B 41 9.30 42.45 -19.93
N GLU B 42 8.52 41.67 -19.19
CA GLU B 42 7.18 41.30 -19.62
C GLU B 42 6.18 42.33 -19.14
N HIS B 43 5.27 42.73 -20.01
CA HIS B 43 4.22 43.66 -19.63
C HIS B 43 3.06 42.88 -19.07
N ILE B 44 3.01 42.79 -17.74
CA ILE B 44 1.93 42.07 -17.07
C ILE B 44 0.69 42.95 -17.14
N LEU B 45 -0.43 42.36 -17.55
CA LEU B 45 -1.67 43.10 -17.78
C LEU B 45 -2.82 42.72 -16.85
N ASN B 46 -3.65 43.71 -16.54
CA ASN B 46 -4.95 43.46 -15.92
C ASN B 46 -5.90 42.96 -17.04
N PRO B 47 -6.25 41.65 -17.05
CA PRO B 47 -7.04 41.18 -18.22
C PRO B 47 -8.52 41.59 -18.18
N ARG B 48 -8.97 42.11 -17.04
CA ARG B 48 -10.31 42.70 -16.95
C ARG B 48 -10.40 43.98 -17.80
N THR B 49 -9.32 44.74 -17.79
CA THR B 49 -9.33 46.09 -18.35
C THR B 49 -8.36 46.24 -19.51
N GLY B 50 -7.37 45.35 -19.59
CA GLY B 50 -6.31 45.47 -20.57
C GLY B 50 -5.25 46.48 -20.17
N ALA B 51 -5.38 47.00 -18.95
CA ALA B 51 -4.43 47.97 -18.42
C ALA B 51 -3.17 47.27 -17.92
N GLY B 52 -2.04 47.96 -18.05
CA GLY B 52 -0.77 47.48 -17.55
C GLY B 52 -0.72 47.50 -16.03
N ILE B 53 -0.18 46.42 -15.46
CA ILE B 53 0.00 46.33 -14.02
C ILE B 53 1.43 46.72 -13.61
N ILE B 54 2.40 46.05 -14.20
CA ILE B 54 3.81 46.27 -13.91
C ILE B 54 4.60 45.56 -14.99
N ASP B 55 5.79 46.06 -15.26
CA ASP B 55 6.71 45.42 -16.20
C ASP B 55 7.75 44.65 -15.40
N LEU B 56 7.94 43.37 -15.72
CA LEU B 56 8.80 42.48 -14.94
C LEU B 56 9.92 41.88 -15.78
N ALA B 57 11.15 42.24 -15.45
CA ALA B 57 12.32 41.72 -16.14
C ALA B 57 12.46 40.21 -15.94
N GLU B 58 12.86 39.53 -17.01
CA GLU B 58 13.08 38.09 -16.92
C GLU B 58 14.52 37.74 -16.54
N ALA B 59 14.71 36.51 -16.05
CA ALA B 59 16.03 36.03 -15.64
C ALA B 59 17.02 36.05 -16.80
N SER B 60 18.30 36.26 -16.49
CA SER B 60 19.34 36.03 -17.49
C SER B 60 19.76 34.55 -17.46
N HIS B 61 20.58 34.14 -18.42
CA HIS B 61 21.17 32.80 -18.41
C HIS B 61 21.97 32.61 -17.11
N ALA B 62 22.69 33.65 -16.71
CA ALA B 62 23.51 33.64 -15.49
C ALA B 62 22.67 33.37 -14.24
N GLN B 63 21.55 34.08 -14.14
CA GLN B 63 20.63 33.90 -13.02
C GLN B 63 19.96 32.52 -13.02
N ILE B 64 19.69 31.99 -14.21
CA ILE B 64 19.16 30.62 -14.31
C ILE B 64 20.23 29.63 -13.83
N ASP B 65 21.48 29.88 -14.21
CA ASP B 65 22.59 29.03 -13.76
C ASP B 65 22.78 29.07 -12.25
N ALA B 66 22.69 30.27 -11.66
CA ALA B 66 22.82 30.46 -10.23
C ALA B 66 21.68 29.78 -9.50
N ALA B 67 20.48 29.90 -10.08
CA ALA B 67 19.29 29.26 -9.54
C ALA B 67 19.51 27.75 -9.44
N VAL B 68 19.97 27.14 -10.52
CA VAL B 68 20.18 25.67 -10.56
C VAL B 68 21.33 25.26 -9.65
N ASP B 69 22.39 26.08 -9.63
CA ASP B 69 23.53 25.86 -8.73
C ASP B 69 23.14 25.89 -7.26
N ALA B 70 22.32 26.87 -6.88
CA ALA B 70 21.84 26.95 -5.51
C ALA B 70 21.02 25.70 -5.14
N ALA B 71 20.22 25.20 -6.08
CA ALA B 71 19.45 23.99 -5.87
C ALA B 71 20.38 22.79 -5.66
N GLU B 72 21.43 22.71 -6.49
CA GLU B 72 22.47 21.69 -6.38
C GLU B 72 23.08 21.66 -4.99
N ARG B 73 23.44 22.85 -4.51
CA ARG B 73 24.06 23.04 -3.21
C ARG B 73 23.12 22.70 -2.06
N ALA B 74 21.89 23.25 -2.10
CA ALA B 74 20.86 22.97 -1.09
C ALA B 74 20.47 21.49 -1.03
N PHE B 75 20.55 20.81 -2.15
CA PHE B 75 20.16 19.40 -2.21
C PHE B 75 20.97 18.53 -1.25
N VAL B 76 22.24 18.87 -1.06
CA VAL B 76 23.12 18.10 -0.17
C VAL B 76 22.43 17.85 1.17
N GLY B 77 22.08 18.92 1.88
CA GLY B 77 21.36 18.82 3.13
C GLY B 77 19.88 18.48 3.03
N TRP B 78 19.18 19.02 2.03
CA TRP B 78 17.74 18.87 1.99
C TRP B 78 17.32 17.43 1.75
N SER B 79 18.12 16.73 0.94
CA SER B 79 17.83 15.35 0.59
C SER B 79 18.04 14.43 1.79
N GLN B 80 18.68 14.95 2.83
CA GLN B 80 18.97 14.18 4.05
C GLN B 80 18.03 14.50 5.22
N THR B 81 17.05 15.37 5.03
CA THR B 81 16.07 15.69 6.06
C THR B 81 15.07 14.53 6.26
N THR B 82 14.37 14.51 7.39
CA THR B 82 13.42 13.42 7.64
C THR B 82 12.04 13.75 7.08
N PRO B 83 11.18 12.72 6.89
CA PRO B 83 9.80 13.00 6.51
C PRO B 83 9.15 14.02 7.44
N ALA B 84 9.39 13.90 8.75
CA ALA B 84 8.80 14.86 9.72
C ALA B 84 9.30 16.28 9.53
N GLU B 85 10.58 16.43 9.18
CA GLU B 85 11.15 17.79 9.00
C GLU B 85 10.54 18.44 7.77
N ARG B 86 10.41 17.67 6.70
CA ARG B 86 9.81 18.15 5.47
C ARG B 86 8.31 18.38 5.66
N SER B 87 7.66 17.43 6.34
CA SER B 87 6.28 17.58 6.71
C SER B 87 6.07 18.93 7.44
N ASN B 88 6.86 19.20 8.47
CA ASN B 88 6.67 20.46 9.20
C ASN B 88 6.88 21.71 8.37
N ALA B 89 7.81 21.62 7.43
CA ALA B 89 8.06 22.74 6.53
C ALA B 89 6.83 23.01 5.65
N LEU B 90 6.21 21.95 5.14
CA LEU B 90 4.98 22.06 4.31
C LEU B 90 3.85 22.71 5.09
N LEU B 91 3.58 22.24 6.31
CA LEU B 91 2.61 22.89 7.22
C LEU B 91 2.92 24.38 7.45
N LYS B 92 4.19 24.71 7.63
CA LYS B 92 4.54 26.13 7.81
C LYS B 92 4.25 26.94 6.55
N ILE B 93 4.50 26.36 5.37
CA ILE B 93 4.14 27.02 4.11
C ILE B 93 2.61 27.21 4.02
N ALA B 94 1.85 26.15 4.31
CA ALA B 94 0.37 26.26 4.33
C ALA B 94 -0.09 27.37 5.25
N ASP B 95 0.49 27.39 6.45
CA ASP B 95 0.18 28.38 7.47
CA ASP B 95 0.16 28.39 7.46
C ASP B 95 0.39 29.80 6.94
N ALA B 96 1.54 30.03 6.31
CA ALA B 96 1.89 31.36 5.81
C ALA B 96 0.91 31.84 4.75
N ILE B 97 0.48 30.92 3.90
CA ILE B 97 -0.47 31.24 2.85
C ILE B 97 -1.83 31.59 3.45
N GLU B 98 -2.26 30.79 4.43
CA GLU B 98 -3.53 30.98 5.12
C GLU B 98 -3.58 32.33 5.85
N LYS B 99 -2.49 32.70 6.51
CA LYS B 99 -2.44 33.99 7.20
C LYS B 99 -2.54 35.15 6.21
N GLU B 100 -2.13 34.91 4.96
CA GLU B 100 -2.19 35.94 3.91
C GLU B 100 -3.15 35.56 2.79
N ALA B 101 -4.17 34.76 3.11
CA ALA B 101 -5.12 34.29 2.09
C ALA B 101 -5.72 35.41 1.23
N ASP B 102 -6.14 36.50 1.87
CA ASP B 102 -6.83 37.58 1.16
C ASP B 102 -5.92 38.38 0.26
N GLU B 103 -4.69 38.59 0.68
CA GLU B 103 -3.72 39.29 -0.15
C GLU B 103 -3.40 38.43 -1.38
N PHE B 104 -3.29 37.12 -1.18
CA PHE B 104 -3.04 36.20 -2.27
C PHE B 104 -4.20 36.19 -3.26
N ALA B 105 -5.44 36.12 -2.75
CA ALA B 105 -6.65 36.07 -3.56
C ALA B 105 -6.84 37.36 -4.36
N ALA B 106 -6.61 38.48 -3.70
CA ALA B 106 -6.71 39.78 -4.36
C ALA B 106 -5.70 39.87 -5.50
N LEU B 107 -4.49 39.40 -5.26
CA LEU B 107 -3.44 39.47 -6.25
C LEU B 107 -3.71 38.50 -7.41
N GLU B 108 -4.28 37.33 -7.11
CA GLU B 108 -4.59 36.35 -8.17
C GLU B 108 -5.76 36.87 -9.01
N ALA B 109 -6.76 37.46 -8.34
CA ALA B 109 -7.86 38.15 -9.03
C ALA B 109 -7.35 39.26 -9.97
N LEU B 110 -6.42 40.08 -9.49
CA LEU B 110 -5.90 41.17 -10.31
C LEU B 110 -5.15 40.65 -11.54
N ASN B 111 -4.32 39.64 -11.34
CA ASN B 111 -3.48 39.12 -12.40
C ASN B 111 -4.27 38.38 -13.46
N CYS B 112 -5.30 37.65 -13.02
CA CYS B 112 -6.02 36.71 -13.88
C CYS B 112 -7.44 37.13 -14.25
N GLY B 113 -7.99 38.16 -13.60
CA GLY B 113 -9.38 38.53 -13.82
C GLY B 113 -10.37 37.59 -13.13
N LYS B 114 -9.88 36.55 -12.47
CA LYS B 114 -10.75 35.63 -11.73
C LYS B 114 -11.64 36.40 -10.75
N PRO B 115 -12.98 36.18 -10.80
CA PRO B 115 -13.86 36.85 -9.83
C PRO B 115 -13.39 36.60 -8.38
N ILE B 116 -13.32 37.67 -7.61
CA ILE B 116 -12.68 37.65 -6.29
C ILE B 116 -13.15 36.53 -5.34
N ASN B 117 -14.45 36.32 -5.20
CA ASN B 117 -14.96 35.31 -4.28
C ASN B 117 -14.69 33.87 -4.74
N ALA B 118 -14.60 33.67 -6.04
CA ALA B 118 -14.18 32.38 -6.60
C ALA B 118 -12.76 32.07 -6.15
N VAL B 119 -11.87 33.07 -6.21
CA VAL B 119 -10.51 32.85 -5.72
C VAL B 119 -10.58 32.56 -4.22
N LYS B 120 -11.23 33.46 -3.49
CA LYS B 120 -11.32 33.37 -2.03
C LYS B 120 -11.91 32.05 -1.54
N ASN B 121 -12.98 31.58 -2.15
CA ASN B 121 -13.74 30.48 -1.58
C ASN B 121 -13.35 29.16 -2.18
N ASP B 122 -12.89 29.18 -3.43
CA ASP B 122 -12.57 27.97 -4.15
C ASP B 122 -11.08 27.72 -4.19
N GLU B 123 -10.32 28.68 -4.73
CA GLU B 123 -8.91 28.42 -5.03
C GLU B 123 -8.01 28.38 -3.79
N LEU B 124 -8.08 29.43 -2.96
CA LEU B 124 -7.24 29.53 -1.77
C LEU B 124 -7.39 28.34 -0.83
N PRO B 125 -8.63 28.02 -0.41
CA PRO B 125 -8.80 26.85 0.46
C PRO B 125 -8.18 25.58 -0.14
N ALA B 126 -8.32 25.40 -1.45
CA ALA B 126 -7.80 24.21 -2.12
C ALA B 126 -6.29 24.19 -2.14
N ILE B 127 -5.70 25.38 -2.30
CA ILE B 127 -4.25 25.59 -2.35
C ILE B 127 -3.63 25.29 -0.98
N ILE B 128 -4.24 25.87 0.04
CA ILE B 128 -3.81 25.69 1.41
C ILE B 128 -3.93 24.22 1.82
N ASP B 129 -5.01 23.59 1.40
CA ASP B 129 -5.25 22.20 1.76
C ASP B 129 -4.31 21.24 0.99
N CYS B 130 -3.80 21.70 -0.15
CA CYS B 130 -2.83 20.93 -0.93
C CYS B 130 -1.49 20.76 -0.19
N TRP B 131 -0.96 21.87 0.31
CA TRP B 131 0.24 21.92 1.14
C TRP B 131 0.12 21.01 2.38
N ARG B 132 -1.05 21.05 3.01
CA ARG B 132 -1.32 20.22 4.20
C ARG B 132 -1.48 18.77 3.84
N PHE B 133 -2.15 18.48 2.72
CA PHE B 133 -2.24 17.11 2.30
C PHE B 133 -0.87 16.51 2.07
N PHE B 134 0.02 17.26 1.41
CA PHE B 134 1.35 16.76 1.16
C PHE B 134 2.20 16.60 2.42
N ALA B 135 2.02 17.52 3.37
CA ALA B 135 2.64 17.37 4.70
C ALA B 135 2.34 16.01 5.33
N GLY B 136 1.12 15.50 5.12
CA GLY B 136 0.77 14.15 5.59
C GLY B 136 1.38 13.10 4.68
N ALA B 137 1.22 13.28 3.37
CA ALA B 137 1.67 12.28 2.41
C ALA B 137 3.17 11.97 2.54
N VAL B 138 3.97 12.98 2.84
CA VAL B 138 5.41 12.79 3.08
C VAL B 138 5.68 11.75 4.17
N ARG B 139 4.79 11.70 5.16
CA ARG B 139 4.94 10.74 6.24
C ARG B 139 4.25 9.40 5.98
N ASN B 140 3.69 9.21 4.80
CA ASN B 140 2.83 8.05 4.60
C ASN B 140 3.09 7.24 3.33
N LEU B 141 4.32 7.27 2.84
CA LEU B 141 4.68 6.50 1.66
C LEU B 141 4.79 5.02 2.02
N HIS B 142 4.24 4.14 1.19
CA HIS B 142 4.32 2.68 1.36
C HIS B 142 5.23 2.06 0.30
N ALA B 143 5.58 0.80 0.48
CA ALA B 143 6.37 0.04 -0.46
C ALA B 143 6.18 -1.40 -0.08
N PRO B 144 6.71 -2.34 -0.87
CA PRO B 144 6.72 -3.73 -0.41
C PRO B 144 7.49 -3.86 0.93
N ALA B 145 7.06 -4.78 1.80
CA ALA B 145 7.61 -4.93 3.14
C ALA B 145 9.06 -5.41 3.12
N ALA B 146 9.84 -4.99 4.13
CA ALA B 146 11.18 -5.50 4.34
C ALA B 146 11.12 -6.97 4.72
N GLY B 147 12.15 -7.73 4.40
CA GLY B 147 12.09 -9.15 4.74
C GLY B 147 13.20 -9.90 4.03
N GLU B 148 13.22 -11.22 4.20
CA GLU B 148 14.21 -12.10 3.56
C GLU B 148 13.65 -12.76 2.32
N TYR B 149 13.84 -12.08 1.18
CA TYR B 149 13.29 -12.58 -0.05
C TYR B 149 14.25 -13.60 -0.64
N LEU B 150 15.54 -13.42 -0.39
CA LEU B 150 16.55 -14.48 -0.58
C LEU B 150 17.00 -14.95 0.80
N PRO B 151 17.30 -16.27 0.95
CA PRO B 151 17.73 -16.78 2.24
C PRO B 151 19.00 -16.03 2.68
N GLY B 152 18.99 -15.58 3.92
CA GLY B 152 20.14 -14.93 4.52
C GLY B 152 20.38 -13.51 4.04
N HIS B 153 19.42 -12.93 3.33
CA HIS B 153 19.53 -11.56 2.86
C HIS B 153 18.28 -10.79 3.24
N THR B 154 18.46 -9.67 3.92
CA THR B 154 17.34 -8.78 4.25
C THR B 154 17.27 -7.67 3.23
N SER B 155 16.10 -7.58 2.59
CA SER B 155 15.82 -6.52 1.62
C SER B 155 14.89 -5.48 2.22
N ILE B 157 12.76 -1.52 0.95
CA ILE B 157 12.54 -0.56 -0.12
C ILE B 157 12.38 0.81 0.48
N ARG B 158 13.15 1.78 -0.03
CA ARG B 158 13.07 3.19 0.35
C ARG B 158 12.53 4.04 -0.82
N ARG B 159 11.94 5.20 -0.53
CA ARG B 159 11.73 6.17 -1.60
C ARG B 159 12.54 7.42 -1.30
N ASP B 160 13.61 7.64 -2.07
CA ASP B 160 14.53 8.76 -1.82
C ASP B 160 14.36 9.92 -2.83
N PRO B 161 14.95 11.09 -2.55
CA PRO B 161 14.88 12.24 -3.47
C PRO B 161 15.40 11.87 -4.86
N ILE B 162 15.02 12.64 -5.87
CA ILE B 162 15.47 12.38 -7.23
C ILE B 162 16.65 13.26 -7.60
N GLY B 163 16.59 14.54 -7.28
CA GLY B 163 17.62 15.46 -7.71
C GLY B 163 17.11 16.87 -7.77
N ILE B 164 17.54 17.60 -8.80
CA ILE B 164 17.04 18.93 -9.01
C ILE B 164 15.88 18.87 -9.99
N VAL B 165 14.75 19.45 -9.59
CA VAL B 165 13.57 19.51 -10.43
C VAL B 165 13.42 20.91 -11.03
N GLY B 166 13.16 20.95 -12.32
CA GLY B 166 12.81 22.18 -13.02
C GLY B 166 11.33 22.08 -13.33
N SER B 167 10.57 23.01 -12.75
CA SER B 167 9.12 23.02 -12.77
C SER B 167 8.60 24.24 -13.49
N ILE B 168 7.76 23.99 -14.48
CA ILE B 168 7.21 25.03 -15.34
C ILE B 168 5.68 25.06 -15.34
N ALA B 169 5.14 26.24 -15.06
CA ALA B 169 3.71 26.42 -14.81
C ALA B 169 2.99 27.33 -15.81
N PRO B 170 1.70 27.01 -16.07
CA PRO B 170 0.81 27.76 -16.95
C PRO B 170 0.14 28.93 -16.21
N TRP B 171 -0.69 29.71 -16.92
CA TRP B 171 -1.23 30.97 -16.36
C TRP B 171 -2.64 30.81 -15.84
N ASN B 172 -3.22 29.62 -15.98
CA ASN B 172 -4.66 29.56 -15.73
C ASN B 172 -5.01 29.54 -14.26
N TYR B 173 -4.17 28.86 -13.47
CA TYR B 173 -4.28 28.79 -12.03
C TYR B 173 -2.91 28.96 -11.40
N PRO B 174 -2.40 30.19 -11.37
CA PRO B 174 -0.99 30.44 -11.07
C PRO B 174 -0.51 29.92 -9.70
N LEU B 175 -1.19 30.30 -8.63
CA LEU B 175 -0.79 29.85 -7.30
C LEU B 175 -1.06 28.36 -7.06
N ALA B 179 1.55 25.32 -6.03
CA ALA B 179 1.31 24.33 -5.00
C ALA B 179 1.47 22.90 -5.55
N TRP B 180 0.83 22.57 -6.67
CA TRP B 180 0.93 21.18 -7.20
C TRP B 180 2.35 20.80 -7.59
N LYS B 181 3.10 21.78 -8.07
CA LYS B 181 4.44 21.51 -8.59
C LYS B 181 5.41 21.41 -7.43
N LEU B 182 5.32 22.32 -6.46
CA LEU B 182 6.33 22.40 -5.40
C LEU B 182 6.12 21.42 -4.22
N ALA B 183 4.87 21.27 -3.78
CA ALA B 183 4.64 20.57 -2.55
C ALA B 183 5.26 19.17 -2.63
N PRO B 184 4.87 18.37 -3.64
CA PRO B 184 5.45 17.01 -3.66
C PRO B 184 6.94 16.98 -4.05
N ALA B 185 7.42 18.00 -4.77
CA ALA B 185 8.82 17.93 -5.21
C ALA B 185 9.74 18.13 -3.99
N ILE B 186 9.49 19.21 -3.27
CA ILE B 186 10.12 19.54 -2.00
C ILE B 186 9.82 18.47 -0.96
N GLY B 187 8.56 18.05 -0.91
CA GLY B 187 8.15 17.00 0.00
C GLY B 187 8.95 15.73 -0.13
N GLY B 188 9.35 15.40 -1.36
CA GLY B 188 10.12 14.19 -1.61
C GLY B 188 11.61 14.29 -1.40
N GLY B 189 12.05 15.46 -0.93
CA GLY B 189 13.45 15.68 -0.62
C GLY B 189 14.25 16.31 -1.76
N ASN B 190 13.56 16.84 -2.78
CA ASN B 190 14.24 17.43 -3.95
C ASN B 190 14.36 18.92 -3.76
N THR B 191 15.25 19.56 -4.53
CA THR B 191 15.31 21.02 -4.61
C THR B 191 14.71 21.44 -5.97
N VAL B 192 14.29 22.70 -6.11
CA VAL B 192 13.50 23.09 -7.26
C VAL B 192 13.88 24.46 -7.83
N VAL B 193 13.78 24.56 -9.14
CA VAL B 193 13.82 25.87 -9.81
C VAL B 193 12.49 25.97 -10.55
N PHE B 194 11.63 26.84 -10.04
CA PHE B 194 10.28 26.98 -10.52
C PHE B 194 10.16 28.23 -11.38
N LYS B 195 9.52 28.10 -12.54
CA LYS B 195 9.21 29.25 -13.39
C LYS B 195 7.73 29.38 -13.67
N PRO B 196 7.10 30.46 -13.17
CA PRO B 196 5.69 30.70 -13.49
C PRO B 196 5.57 31.09 -14.98
N SER B 197 4.34 31.10 -15.51
CA SER B 197 4.16 31.58 -16.88
CA SER B 197 4.12 31.60 -16.87
C SER B 197 4.47 33.07 -16.91
N GLU B 198 4.94 33.53 -18.07
CA GLU B 198 5.31 34.94 -18.27
C GLU B 198 4.20 35.95 -17.96
N GLN B 199 2.94 35.53 -18.08
CA GLN B 199 1.81 36.45 -17.89
C GLN B 199 1.41 36.60 -16.44
N THR B 200 1.58 35.52 -15.67
CA THR B 200 1.11 35.42 -14.28
C THR B 200 2.20 35.08 -13.25
N PRO B 201 3.24 35.94 -13.11
CA PRO B 201 4.26 35.63 -12.12
C PRO B 201 3.94 36.13 -10.72
N LEU B 202 2.92 36.97 -10.56
CA LEU B 202 2.77 37.76 -9.34
C LEU B 202 2.61 36.94 -8.06
N THR B 203 1.75 35.93 -8.05
CA THR B 203 1.56 35.20 -6.81
C THR B 203 2.77 34.34 -6.49
N ALA B 204 3.50 33.94 -7.53
CA ALA B 204 4.65 33.05 -7.33
C ALA B 204 5.76 33.79 -6.60
N LEU B 205 5.93 35.07 -6.92
CA LEU B 205 6.95 35.92 -6.33
C LEU B 205 6.57 36.35 -4.92
N LYS B 206 5.28 36.59 -4.67
CA LYS B 206 4.83 36.84 -3.32
C LYS B 206 5.15 35.60 -2.46
N LEU B 207 4.77 34.42 -2.94
CA LEU B 207 5.00 33.20 -2.19
C LEU B 207 6.48 32.86 -1.97
N ALA B 208 7.31 33.16 -2.97
CA ALA B 208 8.75 32.96 -2.82
C ALA B 208 9.30 33.72 -1.62
N ARG B 209 8.79 34.93 -1.37
CA ARG B 209 9.22 35.71 -0.23
C ARG B 209 8.87 35.02 1.09
N LEU B 210 7.65 34.48 1.18
CA LEU B 210 7.26 33.72 2.37
C LEU B 210 8.05 32.42 2.50
N ILE B 211 8.27 31.74 1.38
CA ILE B 211 9.03 30.49 1.42
C ILE B 211 10.46 30.73 1.95
N ALA B 212 11.06 31.86 1.60
CA ALA B 212 12.46 32.15 1.98
C ALA B 212 12.67 32.28 3.49
N ASP B 213 11.62 32.65 4.22
CA ASP B 213 11.63 32.72 5.67
C ASP B 213 11.36 31.39 6.36
N ILE B 214 11.18 30.32 5.59
CA ILE B 214 10.77 29.02 6.15
C ILE B 214 11.76 27.93 5.75
N LEU B 215 12.19 27.94 4.49
CA LEU B 215 13.05 26.87 3.97
C LEU B 215 14.53 27.25 3.89
N PRO B 216 15.44 26.28 4.05
CA PRO B 216 16.86 26.56 3.80
C PRO B 216 17.09 27.09 2.39
N GLU B 217 17.90 28.14 2.26
CA GLU B 217 18.24 28.77 0.97
C GLU B 217 18.51 27.76 -0.15
N GLY B 218 17.89 28.03 -1.30
CA GLY B 218 18.11 27.23 -2.51
C GLY B 218 17.31 25.95 -2.63
N VAL B 219 16.49 25.65 -1.64
CA VAL B 219 15.59 24.47 -1.75
C VAL B 219 14.51 24.83 -2.76
N VAL B 220 14.02 26.06 -2.67
CA VAL B 220 13.13 26.61 -3.66
C VAL B 220 13.74 27.86 -4.26
N ASN B 221 13.76 27.88 -5.58
CA ASN B 221 14.22 29.01 -6.36
C ASN B 221 13.13 29.36 -7.35
N VAL B 222 12.95 30.65 -7.60
CA VAL B 222 11.89 31.12 -8.46
C VAL B 222 12.42 32.13 -9.46
N ILE B 223 12.28 31.79 -10.74
CA ILE B 223 12.76 32.67 -11.83
C ILE B 223 11.58 33.05 -12.73
N THR B 224 11.65 34.21 -13.36
CA THR B 224 10.64 34.61 -14.34
C THR B 224 11.15 34.53 -15.77
N GLY B 225 10.22 34.40 -16.72
CA GLY B 225 10.54 34.59 -18.13
C GLY B 225 9.73 33.79 -19.13
N ARG B 226 10.00 34.05 -20.41
CA ARG B 226 9.27 33.46 -21.51
C ARG B 226 9.67 32.00 -21.74
N GLY B 227 8.73 31.23 -22.27
CA GLY B 227 8.97 29.79 -22.51
C GLY B 227 10.17 29.56 -23.40
N GLU B 228 10.26 30.31 -24.49
CA GLU B 228 11.31 30.12 -25.49
C GLU B 228 12.69 30.65 -25.09
N THR B 229 12.76 31.54 -24.09
CA THR B 229 14.07 31.97 -23.56
C THR B 229 14.41 31.23 -22.27
N VAL B 230 13.75 31.62 -21.18
CA VAL B 230 14.10 31.13 -19.86
C VAL B 230 13.65 29.67 -19.67
N GLY B 231 12.44 29.36 -20.09
CA GLY B 231 11.88 28.00 -19.91
C GLY B 231 12.78 27.08 -20.70
N ASN B 232 13.12 27.47 -21.92
CA ASN B 232 13.97 26.64 -22.75
C ASN B 232 15.34 26.41 -22.12
N ALA B 233 15.85 27.44 -21.43
CA ALA B 233 17.14 27.34 -20.77
C ALA B 233 17.07 26.41 -19.55
N LEU B 234 16.03 26.59 -18.75
CA LEU B 234 15.83 25.78 -17.56
C LEU B 234 15.71 24.30 -17.90
N ILE B 235 14.79 23.93 -18.79
CA ILE B 235 14.55 22.52 -19.13
C ILE B 235 15.74 21.89 -19.84
N ASN B 236 16.64 22.70 -20.40
CA ASN B 236 17.83 22.18 -21.06
C ASN B 236 19.10 22.11 -20.21
N HIS B 237 19.00 22.56 -18.95
CA HIS B 237 20.14 22.57 -18.04
C HIS B 237 20.58 21.17 -17.66
N PRO B 238 21.89 20.87 -17.81
CA PRO B 238 22.38 19.50 -17.61
C PRO B 238 22.25 18.97 -16.19
N LYS B 239 22.20 19.87 -15.20
CA LYS B 239 22.10 19.47 -13.81
C LYS B 239 20.68 19.16 -13.38
N VAL B 240 19.71 19.53 -14.22
CA VAL B 240 18.31 19.34 -13.90
C VAL B 240 17.92 17.88 -14.19
N GLY B 241 17.44 17.18 -13.17
CA GLY B 241 17.24 15.73 -13.27
C GLY B 241 15.83 15.37 -13.67
N VAL B 243 12.08 17.33 -15.22
CA VAL B 243 11.28 18.47 -15.61
C VAL B 243 9.78 18.17 -15.44
N SER B 244 9.10 19.08 -14.75
CA SER B 244 7.67 19.01 -14.65
C SER B 244 7.05 20.20 -15.36
N ILE B 245 6.10 19.92 -16.25
CA ILE B 245 5.42 20.95 -17.01
C ILE B 245 3.90 20.70 -17.03
N THR B 246 3.15 21.77 -16.80
CA THR B 246 1.74 21.77 -17.14
C THR B 246 1.54 22.82 -18.23
N GLY B 247 0.93 22.43 -19.34
CA GLY B 247 0.81 23.37 -20.48
C GLY B 247 0.35 22.72 -21.76
N ASP B 248 0.80 23.25 -22.89
CA ASP B 248 0.32 22.81 -24.21
C ASP B 248 1.04 21.52 -24.65
N ILE B 249 0.36 20.73 -25.47
CA ILE B 249 0.95 19.49 -26.02
C ILE B 249 2.27 19.77 -26.74
N ALA B 250 2.33 20.88 -27.46
CA ALA B 250 3.57 21.30 -28.12
C ALA B 250 4.72 21.56 -27.13
N THR B 251 4.39 22.05 -25.93
CA THR B 251 5.43 22.33 -24.94
C THR B 251 5.93 21.01 -24.30
N GLY B 252 5.01 20.11 -23.98
CA GLY B 252 5.37 18.78 -23.52
C GLY B 252 6.30 18.06 -24.49
N LYS B 253 6.07 18.24 -25.79
CA LYS B 253 6.92 17.68 -26.84
C LYS B 253 8.31 18.29 -26.79
N LYS B 254 8.35 19.61 -26.61
CA LYS B 254 9.60 20.32 -26.42
C LYS B 254 10.34 19.87 -25.16
N VAL B 255 9.60 19.66 -24.07
CA VAL B 255 10.22 19.12 -22.85
C VAL B 255 10.79 17.72 -23.13
N LEU B 256 10.04 16.89 -23.86
CA LEU B 256 10.49 15.56 -24.19
C LEU B 256 11.76 15.57 -25.06
N ALA B 257 11.78 16.39 -26.10
CA ALA B 257 13.01 16.61 -26.89
C ALA B 257 14.19 17.01 -26.00
N ALA B 258 13.95 17.89 -25.04
CA ALA B 258 15.04 18.35 -24.19
C ALA B 258 15.51 17.25 -23.24
N ALA B 259 14.58 16.46 -22.73
CA ALA B 259 14.91 15.38 -21.81
C ALA B 259 15.79 14.35 -22.52
N ALA B 260 15.60 14.21 -23.82
CA ALA B 260 16.36 13.26 -24.63
C ALA B 260 17.87 13.48 -24.61
N LYS B 261 18.34 14.70 -24.35
CA LYS B 261 19.80 14.98 -24.36
C LYS B 261 20.50 14.37 -23.15
N THR B 262 19.82 14.35 -22.00
CA THR B 262 20.42 13.88 -20.74
C THR B 262 19.52 12.90 -19.96
N VAL B 263 18.56 12.28 -20.63
CA VAL B 263 17.67 11.32 -20.00
C VAL B 263 17.09 11.90 -18.71
N LYS B 264 16.55 13.12 -18.76
CA LYS B 264 15.83 13.67 -17.61
C LYS B 264 14.54 12.89 -17.38
N ARG B 265 14.14 12.73 -16.14
CA ARG B 265 12.75 12.32 -15.84
C ARG B 265 11.79 13.43 -16.25
N THR B 266 10.57 13.04 -16.62
CA THR B 266 9.55 14.01 -17.05
C THR B 266 8.19 13.81 -16.36
N HIS B 267 7.45 14.89 -16.26
CA HIS B 267 6.13 14.89 -15.63
C HIS B 267 5.33 15.88 -16.46
N LEU B 268 4.37 15.35 -17.21
CA LEU B 268 3.72 16.13 -18.31
C LEU B 268 2.21 16.08 -18.19
N GLU B 269 1.63 17.25 -17.95
CA GLU B 269 0.18 17.42 -18.00
C GLU B 269 -0.12 18.38 -19.13
N LEU B 270 -0.73 17.87 -20.19
CA LEU B 270 -0.55 18.51 -21.49
C LEU B 270 -1.74 19.07 -22.23
N GLY B 271 -2.92 18.82 -21.74
CA GLY B 271 -4.07 19.21 -22.51
C GLY B 271 -5.21 18.28 -22.24
N GLY B 272 -6.39 18.90 -22.18
CA GLY B 272 -7.63 18.20 -21.97
C GLY B 272 -8.71 18.76 -22.86
N LYS B 273 -9.57 17.86 -23.30
CA LYS B 273 -10.73 18.22 -24.04
C LYS B 273 -11.76 17.29 -23.47
N ALA B 274 -12.22 17.61 -22.27
CA ALA B 274 -13.09 16.71 -21.51
C ALA B 274 -14.42 16.35 -22.20
N PRO B 275 -14.66 15.05 -22.42
CA PRO B 275 -15.92 14.65 -22.98
C PRO B 275 -16.93 14.48 -21.86
N VAL B 276 -18.18 14.83 -22.16
CA VAL B 276 -19.30 14.69 -21.23
C VAL B 276 -20.36 13.87 -21.95
N ILE B 277 -20.59 12.67 -21.47
CA ILE B 277 -21.56 11.80 -22.08
C ILE B 277 -22.84 11.94 -21.30
N VAL B 278 -23.88 12.43 -21.98
CA VAL B 278 -25.19 12.54 -21.36
C VAL B 278 -26.19 11.56 -22.00
N TYR B 279 -26.57 10.52 -21.26
CA TYR B 279 -27.60 9.61 -21.75
C TYR B 279 -29.01 10.16 -21.53
N GLY B 280 -29.96 9.59 -22.25
CA GLY B 280 -31.35 10.05 -22.25
C GLY B 280 -32.01 9.94 -20.89
N ASP B 281 -31.37 9.23 -19.97
CA ASP B 281 -31.95 9.05 -18.63
C ASP B 281 -31.17 9.81 -17.55
N ALA B 282 -30.55 10.91 -17.95
CA ALA B 282 -29.82 11.76 -17.01
C ALA B 282 -30.77 12.73 -16.32
N ASP B 283 -30.39 13.21 -15.14
CA ASP B 283 -31.07 14.36 -14.55
C ASP B 283 -30.70 15.59 -15.36
N LEU B 284 -31.59 16.00 -16.25
CA LEU B 284 -31.32 17.05 -17.21
C LEU B 284 -31.08 18.41 -16.56
N GLU B 285 -31.86 18.72 -15.52
CA GLU B 285 -31.65 19.95 -14.75
C GLU B 285 -30.25 19.98 -14.14
N ALA B 286 -29.83 18.85 -13.57
CA ALA B 286 -28.48 18.70 -13.00
C ALA B 286 -27.40 18.85 -14.07
N VAL B 287 -27.61 18.16 -15.21
CA VAL B 287 -26.71 18.20 -16.39
C VAL B 287 -26.51 19.64 -16.86
N VAL B 288 -27.63 20.32 -17.07
CA VAL B 288 -27.60 21.70 -17.54
C VAL B 288 -26.87 22.59 -16.53
N ASN B 289 -27.28 22.50 -15.27
CA ASN B 289 -26.63 23.29 -14.22
C ASN B 289 -25.16 22.94 -14.01
N GLY B 290 -24.83 21.65 -14.17
CA GLY B 290 -23.44 21.22 -14.17
C GLY B 290 -22.64 21.91 -15.26
N ILE B 291 -23.11 21.81 -16.49
CA ILE B 291 -22.41 22.38 -17.64
C ILE B 291 -22.31 23.91 -17.57
N ARG B 292 -23.41 24.56 -17.20
CA ARG B 292 -23.37 26.03 -16.94
C ARG B 292 -22.19 26.44 -16.02
N THR B 293 -21.94 25.68 -14.96
CA THR B 293 -20.83 25.96 -14.05
C THR B 293 -19.50 25.45 -14.60
N PHE B 294 -19.49 24.22 -15.10
CA PHE B 294 -18.23 23.55 -15.38
C PHE B 294 -17.67 23.75 -16.79
N GLY B 295 -18.50 24.22 -17.72
CA GLY B 295 -18.01 24.52 -19.05
C GLY B 295 -17.33 25.88 -19.09
N TYR B 296 -17.70 26.74 -18.15
CA TYR B 296 -17.36 28.15 -18.23
C TYR B 296 -16.52 28.65 -17.09
N TYR B 297 -16.41 27.86 -16.02
CA TYR B 297 -15.59 28.25 -14.87
C TYR B 297 -14.21 28.64 -15.36
N ASN B 298 -13.71 29.78 -14.87
CA ASN B 298 -12.39 30.29 -15.25
C ASN B 298 -12.35 30.65 -16.73
N ALA B 299 -13.54 31.04 -17.24
CA ALA B 299 -13.80 31.33 -18.66
C ALA B 299 -13.41 30.11 -19.50
N GLY B 300 -13.67 28.91 -18.99
CA GLY B 300 -13.30 27.70 -19.71
C GLY B 300 -11.81 27.48 -19.87
N GLN B 301 -10.99 28.28 -19.18
CA GLN B 301 -9.54 28.09 -19.17
C GLN B 301 -9.14 27.06 -18.09
N ASP B 302 -9.47 25.81 -18.38
CA ASP B 302 -9.35 24.72 -17.43
C ASP B 302 -9.31 23.49 -18.31
N CYS B 303 -8.31 22.65 -18.11
CA CYS B 303 -8.17 21.45 -18.95
C CYS B 303 -9.15 20.36 -18.57
N THR B 304 -9.85 20.54 -17.45
CA THR B 304 -10.92 19.64 -17.09
C THR B 304 -12.29 20.22 -17.40
N ALA B 305 -12.35 21.42 -18.00
CA ALA B 305 -13.64 22.02 -18.38
C ALA B 305 -14.52 21.05 -19.17
N ALA B 306 -15.82 21.09 -18.87
CA ALA B 306 -16.81 20.21 -19.48
C ALA B 306 -17.16 20.76 -20.84
N CYS B 307 -16.35 20.44 -21.84
CA CYS B 307 -16.41 21.20 -23.07
C CYS B 307 -16.91 20.45 -24.31
N ARG B 308 -16.77 19.13 -24.34
CA ARG B 308 -17.17 18.35 -25.50
C ARG B 308 -18.34 17.45 -25.07
N ILE B 309 -19.56 17.86 -25.34
CA ILE B 309 -20.75 17.14 -24.84
C ILE B 309 -21.35 16.17 -25.85
N TYR B 310 -21.60 14.94 -25.41
CA TYR B 310 -22.30 13.95 -26.23
C TYR B 310 -23.66 13.68 -25.60
N ALA B 311 -24.71 14.08 -26.31
CA ALA B 311 -26.08 14.00 -25.78
C ALA B 311 -26.90 13.05 -26.63
N GLU B 312 -27.55 12.08 -25.98
CA GLU B 312 -28.30 11.07 -26.69
C GLU B 312 -29.54 11.66 -27.39
N ALA B 313 -29.91 11.07 -28.55
CA ALA B 313 -30.96 11.62 -29.43
C ALA B 313 -32.17 12.12 -28.65
N GLY B 314 -32.71 11.28 -27.78
CA GLY B 314 -33.84 11.65 -26.90
C GLY B 314 -33.79 13.00 -26.18
N ILE B 315 -32.64 13.38 -25.64
CA ILE B 315 -32.56 14.61 -24.84
C ILE B 315 -31.75 15.71 -25.53
N TYR B 316 -31.18 15.40 -26.69
CA TYR B 316 -30.29 16.31 -27.39
C TYR B 316 -30.89 17.72 -27.52
N GLU B 317 -32.04 17.80 -28.19
CA GLU B 317 -32.74 19.07 -28.43
C GLU B 317 -33.00 19.86 -27.16
N LYS B 318 -33.58 19.21 -26.17
CA LYS B 318 -33.92 19.88 -24.91
C LYS B 318 -32.67 20.33 -24.15
N LEU B 319 -31.64 19.48 -24.17
CA LEU B 319 -30.37 19.84 -23.56
C LEU B 319 -29.83 21.10 -24.24
N VAL B 320 -29.92 21.15 -25.57
CA VAL B 320 -29.42 22.32 -26.30
C VAL B 320 -30.21 23.59 -25.93
N ALA B 321 -31.54 23.51 -25.90
CA ALA B 321 -32.37 24.67 -25.54
C ALA B 321 -32.08 25.17 -24.12
N ASP B 322 -32.13 24.26 -23.15
CA ASP B 322 -31.93 24.57 -21.72
C ASP B 322 -30.51 25.04 -21.39
N LEU B 323 -29.52 24.40 -22.00
CA LEU B 323 -28.15 24.87 -21.83
C LEU B 323 -28.01 26.25 -22.44
N THR B 324 -28.65 26.47 -23.57
CA THR B 324 -28.54 27.73 -24.30
C THR B 324 -29.04 28.85 -23.41
N SER B 325 -30.22 28.64 -22.85
CA SER B 325 -30.86 29.57 -21.93
C SER B 325 -30.05 29.78 -20.64
N ALA B 326 -29.70 28.69 -19.95
CA ALA B 326 -28.84 28.75 -18.77
C ALA B 326 -27.53 29.54 -19.00
N VAL B 327 -26.82 29.22 -20.08
CA VAL B 327 -25.55 29.88 -20.38
C VAL B 327 -25.69 31.39 -20.62
N SER B 328 -26.79 31.80 -21.25
CA SER B 328 -27.02 33.21 -21.57
C SER B 328 -27.22 34.11 -20.33
N THR B 329 -27.30 33.52 -19.14
CA THR B 329 -27.43 34.31 -17.92
C THR B 329 -26.11 34.47 -17.13
N ILE B 330 -25.05 33.79 -17.56
CA ILE B 330 -23.75 33.86 -16.86
C ILE B 330 -23.25 35.29 -16.77
N ARG B 331 -23.01 35.76 -15.54
CA ARG B 331 -22.63 37.15 -15.30
C ARG B 331 -21.12 37.31 -15.42
N TYR B 332 -20.68 38.42 -16.01
CA TYR B 332 -19.26 38.71 -16.12
C TYR B 332 -19.06 40.19 -16.40
N ASN B 333 -17.89 40.70 -16.05
CA ASN B 333 -17.53 42.09 -16.32
C ASN B 333 -18.46 43.11 -15.64
N LEU B 334 -19.06 42.74 -14.50
CA LEU B 334 -19.78 43.73 -13.68
C LEU B 334 -18.81 44.43 -12.76
N ASP B 335 -19.12 45.70 -12.45
CA ASP B 335 -18.34 46.54 -11.54
C ASP B 335 -18.20 45.95 -10.17
N ASP B 336 -19.29 45.42 -9.62
CA ASP B 336 -19.25 44.70 -8.35
C ASP B 336 -18.73 43.28 -8.58
N ASP B 337 -17.46 43.06 -8.29
CA ASP B 337 -16.81 41.78 -8.61
C ASP B 337 -17.43 40.60 -7.89
N THR B 338 -18.15 40.89 -6.81
CA THR B 338 -18.81 39.82 -6.06
C THR B 338 -19.98 39.24 -6.85
N GLU B 339 -20.41 39.95 -7.90
CA GLU B 339 -21.53 39.51 -8.74
C GLU B 339 -21.13 38.73 -10.02
N ASN B 340 -19.84 38.76 -10.37
CA ASN B 340 -19.35 38.02 -11.53
C ASN B 340 -19.19 36.52 -11.32
N GLU B 341 -19.62 35.74 -12.30
CA GLU B 341 -19.50 34.28 -12.22
C GLU B 341 -18.25 33.77 -12.91
N ILE B 342 -17.87 34.41 -14.03
CA ILE B 342 -16.62 34.06 -14.72
C ILE B 342 -15.85 35.35 -15.07
N GLY B 343 -14.56 35.21 -15.32
CA GLY B 343 -13.72 36.36 -15.70
C GLY B 343 -13.33 36.32 -17.17
N PRO B 344 -12.40 37.21 -17.58
CA PRO B 344 -11.93 37.34 -18.97
C PRO B 344 -10.98 36.21 -19.34
N LEU B 345 -10.57 36.17 -20.60
CA LEU B 345 -9.44 35.32 -20.98
C LEU B 345 -8.17 36.06 -20.55
N ILE B 346 -7.07 35.32 -20.43
CA ILE B 346 -5.81 35.90 -19.92
C ILE B 346 -5.28 37.08 -20.76
N SER B 347 -5.52 37.06 -22.06
CA SER B 347 -4.87 37.99 -22.98
C SER B 347 -5.68 38.26 -24.24
N ARG B 348 -5.25 39.26 -24.99
CA ARG B 348 -5.82 39.59 -26.27
C ARG B 348 -5.63 38.42 -27.25
N ARG B 349 -4.42 37.87 -27.30
CA ARG B 349 -4.14 36.71 -28.13
C ARG B 349 -5.09 35.56 -27.82
N GLN B 350 -5.31 35.28 -26.54
CA GLN B 350 -6.13 34.12 -26.18
C GLN B 350 -7.60 34.35 -26.57
N ARG B 351 -8.11 35.56 -26.35
CA ARG B 351 -9.46 35.92 -26.78
CA ARG B 351 -9.46 35.91 -26.78
C ARG B 351 -9.60 35.79 -28.31
N ASP B 352 -8.64 36.34 -29.05
CA ASP B 352 -8.64 36.28 -30.53
C ASP B 352 -8.61 34.86 -31.06
N ARG B 353 -7.87 34.00 -30.37
CA ARG B 353 -7.81 32.55 -30.64
C ARG B 353 -9.18 31.85 -30.47
N VAL B 354 -9.86 32.18 -29.37
CA VAL B 354 -11.18 31.63 -29.07
C VAL B 354 -12.17 32.04 -30.16
N ALA B 355 -12.20 33.35 -30.44
CA ALA B 355 -13.04 33.91 -31.47
C ALA B 355 -12.85 33.19 -32.81
N SER B 356 -11.60 33.02 -33.25
CA SER B 356 -11.32 32.32 -34.48
C SER B 356 -11.92 30.94 -34.46
N PHE B 357 -11.68 30.20 -33.39
CA PHE B 357 -12.23 28.84 -33.33
C PHE B 357 -13.73 28.88 -33.54
N VAL B 358 -14.39 29.88 -32.96
CA VAL B 358 -15.84 29.93 -32.94
C VAL B 358 -16.41 30.37 -34.30
N GLU B 359 -15.89 31.48 -34.85
CA GLU B 359 -16.25 31.92 -36.19
C GLU B 359 -16.01 30.85 -37.27
N ARG B 360 -14.89 30.13 -37.19
CA ARG B 360 -14.64 29.04 -38.13
C ARG B 360 -15.71 27.94 -37.96
N ALA B 361 -16.06 27.64 -36.71
CA ALA B 361 -17.15 26.70 -36.41
C ALA B 361 -18.50 27.18 -36.97
N ALA B 362 -18.83 28.46 -36.79
CA ALA B 362 -20.11 29.00 -37.27
C ALA B 362 -20.29 28.90 -38.80
N ASP B 363 -19.21 29.16 -39.54
CA ASP B 363 -19.21 29.07 -41.01
C ASP B 363 -19.46 27.64 -41.47
N GLN B 364 -19.49 26.69 -40.54
CA GLN B 364 -19.85 25.33 -40.87
C GLN B 364 -21.38 25.24 -41.00
N LYS B 365 -21.84 24.49 -42.01
CA LYS B 365 -23.24 24.50 -42.39
C LYS B 365 -24.16 23.80 -41.38
N HIS B 366 -23.73 22.63 -40.91
CA HIS B 366 -24.45 21.86 -39.90
C HIS B 366 -24.29 22.38 -38.45
N ILE B 367 -23.62 23.51 -38.27
CA ILE B 367 -23.30 24.01 -36.94
C ILE B 367 -24.07 25.27 -36.66
N GLU B 368 -24.59 25.38 -35.44
CA GLU B 368 -25.32 26.57 -35.03
C GLU B 368 -24.75 27.12 -33.73
N ILE B 369 -24.46 28.42 -33.70
CA ILE B 369 -24.12 29.10 -32.46
C ILE B 369 -25.43 29.55 -31.81
N THR B 370 -25.85 28.88 -30.75
CA THR B 370 -27.17 29.19 -30.16
C THR B 370 -27.15 30.36 -29.19
N THR B 371 -25.99 30.63 -28.60
CA THR B 371 -25.83 31.81 -27.73
C THR B 371 -24.36 32.18 -27.68
N GLY B 372 -24.07 33.47 -27.50
CA GLY B 372 -22.70 33.96 -27.43
C GLY B 372 -22.04 34.07 -28.79
N GLY B 373 -20.74 33.75 -28.83
CA GLY B 373 -20.00 33.73 -30.10
C GLY B 373 -19.32 35.04 -30.44
N ARG B 374 -19.49 36.05 -29.61
CA ARG B 374 -18.80 37.33 -29.84
C ARG B 374 -17.89 37.66 -28.66
N THR B 375 -17.01 38.63 -28.85
CA THR B 375 -16.22 39.16 -27.75
C THR B 375 -17.20 39.83 -26.78
N GLY B 376 -16.81 39.99 -25.53
CA GLY B 376 -17.80 40.40 -24.52
C GLY B 376 -17.54 41.69 -23.77
N SER B 377 -16.62 42.51 -24.26
CA SER B 377 -16.31 43.77 -23.58
C SER B 377 -15.59 44.74 -24.48
N ASP B 378 -15.76 46.03 -24.21
CA ASP B 378 -15.05 47.07 -24.95
C ASP B 378 -13.59 47.17 -24.55
N GLU B 379 -13.29 46.77 -23.32
CA GLU B 379 -11.91 46.76 -22.85
C GLU B 379 -11.64 45.42 -22.18
N GLY B 380 -10.37 45.04 -22.11
CA GLY B 380 -10.04 43.75 -21.54
C GLY B 380 -10.50 42.63 -22.47
N PHE B 381 -10.39 41.40 -21.99
CA PHE B 381 -10.38 40.28 -22.91
C PHE B 381 -11.47 39.26 -22.65
N PHE B 382 -12.66 39.75 -22.34
CA PHE B 382 -13.84 38.90 -22.17
C PHE B 382 -14.33 38.31 -23.47
N PHE B 383 -14.79 37.06 -23.42
CA PHE B 383 -15.51 36.47 -24.54
C PHE B 383 -16.83 35.94 -24.02
N GLN B 384 -17.89 36.08 -24.82
CA GLN B 384 -19.24 35.67 -24.40
C GLN B 384 -19.34 34.17 -24.24
N PRO B 385 -19.94 33.71 -23.12
CA PRO B 385 -20.07 32.26 -22.97
C PRO B 385 -20.88 31.75 -24.15
N THR B 386 -20.38 30.69 -24.78
CA THR B 386 -20.88 30.31 -26.08
C THR B 386 -21.31 28.85 -26.09
N VAL B 387 -22.39 28.54 -26.82
CA VAL B 387 -22.82 27.15 -27.00
C VAL B 387 -22.82 26.83 -28.49
N VAL B 388 -22.26 25.67 -28.85
CA VAL B 388 -22.09 25.33 -30.24
C VAL B 388 -22.80 24.01 -30.50
N ALA B 389 -23.93 24.05 -31.21
CA ALA B 389 -24.74 22.84 -31.43
C ALA B 389 -24.56 22.20 -32.81
N GLY B 390 -24.73 20.87 -32.87
CA GLY B 390 -24.67 20.19 -34.14
C GLY B 390 -23.27 19.92 -34.65
N ALA B 391 -22.26 20.04 -33.79
CA ALA B 391 -20.91 19.64 -34.15
C ALA B 391 -20.79 18.11 -34.22
N THR B 392 -19.87 17.63 -35.07
CA THR B 392 -19.63 16.18 -35.23
C THR B 392 -18.21 15.84 -34.81
N GLN B 393 -17.92 14.54 -34.69
CA GLN B 393 -16.56 14.04 -34.39
C GLN B 393 -15.46 14.58 -35.32
N GLU B 394 -15.84 15.04 -36.51
CA GLU B 394 -14.87 15.44 -37.51
C GLU B 394 -14.60 16.94 -37.45
N ASP B 395 -15.40 17.66 -36.68
CA ASP B 395 -15.27 19.10 -36.64
C ASP B 395 -14.08 19.52 -35.79
N GLU B 396 -13.44 20.61 -36.23
CA GLU B 396 -12.30 21.17 -35.54
C GLU B 396 -12.64 21.53 -34.10
N ILE B 397 -13.79 22.19 -33.90
CA ILE B 397 -14.24 22.59 -32.58
C ILE B 397 -14.30 21.42 -31.58
N VAL B 398 -14.43 20.20 -32.10
CA VAL B 398 -14.56 19.00 -31.25
C VAL B 398 -13.21 18.29 -31.10
N ARG B 399 -12.39 18.31 -32.15
CA ARG B 399 -11.07 17.70 -32.15
C ARG B 399 -10.04 18.51 -31.36
N ARG B 400 -10.05 19.83 -31.51
CA ARG B 400 -9.03 20.70 -30.90
C ARG B 400 -9.48 21.37 -29.60
N GLU B 401 -8.55 21.52 -28.66
CA GLU B 401 -8.80 22.27 -27.42
C GLU B 401 -8.95 23.76 -27.71
N VAL B 402 -10.06 24.34 -27.24
CA VAL B 402 -10.35 25.74 -27.51
C VAL B 402 -9.80 26.66 -26.41
N PHE B 403 -9.95 26.25 -25.15
CA PHE B 403 -9.48 27.02 -23.99
C PHE B 403 -10.13 28.40 -23.85
N GLY B 404 -11.46 28.36 -23.78
CA GLY B 404 -12.26 29.56 -23.67
C GLY B 404 -13.65 29.15 -23.28
N PRO B 405 -14.53 30.13 -23.04
CA PRO B 405 -15.83 29.79 -22.49
C PRO B 405 -16.78 29.29 -23.58
N VAL B 406 -16.45 28.14 -24.15
CA VAL B 406 -17.14 27.60 -25.29
C VAL B 406 -17.44 26.12 -25.01
N VAL B 407 -18.67 25.73 -25.26
CA VAL B 407 -19.06 24.33 -25.11
C VAL B 407 -19.71 23.85 -26.42
N SER B 408 -19.41 22.62 -26.85
CA SER B 408 -20.00 22.07 -28.06
C SER B 408 -20.86 20.83 -27.73
N VAL B 409 -21.99 20.67 -28.44
CA VAL B 409 -22.89 19.55 -28.22
C VAL B 409 -23.05 18.70 -29.48
N THR B 410 -22.81 17.41 -29.32
CA THR B 410 -22.78 16.47 -30.43
C THR B 410 -23.84 15.42 -30.08
N ARG B 411 -24.71 15.10 -31.04
CA ARG B 411 -25.79 14.14 -30.81
C ARG B 411 -25.34 12.73 -31.15
N PHE B 412 -25.86 11.73 -30.42
CA PHE B 412 -25.63 10.33 -30.76
C PHE B 412 -26.91 9.53 -30.51
N THR B 413 -26.98 8.32 -31.05
CA THR B 413 -28.22 7.52 -30.96
C THR B 413 -27.95 6.23 -30.19
N GLY B 414 -29.02 5.60 -29.74
CA GLY B 414 -28.91 4.34 -29.03
C GLY B 414 -28.14 3.27 -29.79
N LYS B 415 -27.94 3.48 -31.08
CA LYS B 415 -27.17 2.56 -31.91
C LYS B 415 -25.67 2.77 -31.77
N ASP B 416 -25.27 4.01 -31.48
CA ASP B 416 -23.87 4.39 -31.34
C ASP B 416 -23.31 3.99 -29.98
N ASP B 417 -22.01 3.73 -29.94
CA ASP B 417 -21.27 3.54 -28.68
C ASP B 417 -20.60 4.86 -28.30
N ALA B 418 -21.24 5.65 -27.44
CA ALA B 418 -20.74 6.99 -27.08
C ALA B 418 -19.40 6.97 -26.36
N VAL B 419 -19.13 5.87 -25.65
CA VAL B 419 -17.84 5.68 -24.99
C VAL B 419 -16.72 5.53 -26.02
N ALA B 420 -16.96 4.77 -27.09
CA ALA B 420 -16.00 4.70 -28.19
C ALA B 420 -15.78 6.07 -28.82
N TRP B 421 -16.85 6.85 -28.94
CA TRP B 421 -16.69 8.17 -29.56
C TRP B 421 -15.76 9.00 -28.69
N ALA B 422 -16.09 9.06 -27.40
CA ALA B 422 -15.29 9.74 -26.39
C ALA B 422 -13.83 9.29 -26.41
N ASN B 423 -13.60 7.98 -26.51
CA ASN B 423 -12.24 7.42 -26.53
C ASN B 423 -11.50 7.65 -27.82
N ASP B 424 -12.22 8.08 -28.86
CA ASP B 424 -11.61 8.39 -30.12
C ASP B 424 -11.01 9.80 -30.08
N SER B 425 -9.94 9.95 -29.29
CA SER B 425 -9.31 11.24 -29.05
C SER B 425 -7.85 11.01 -28.72
N ASP B 426 -7.05 12.07 -28.88
CA ASP B 426 -5.65 12.05 -28.46
C ASP B 426 -5.51 12.41 -27.00
N TYR B 427 -6.51 13.09 -26.47
CA TYR B 427 -6.52 13.53 -25.09
C TYR B 427 -7.07 12.41 -24.19
N GLY B 428 -6.72 12.46 -22.92
CA GLY B 428 -7.15 11.43 -21.96
C GLY B 428 -7.05 11.91 -20.54
N LEU B 429 -7.44 13.17 -20.31
CA LEU B 429 -7.32 13.78 -18.99
C LEU B 429 -8.54 13.46 -18.08
N ALA B 430 -9.64 14.16 -18.31
CA ALA B 430 -10.84 14.03 -17.50
C ALA B 430 -12.09 13.80 -18.35
N SER B 431 -13.17 13.30 -17.74
CA SER B 431 -14.34 12.93 -18.49
C SER B 431 -15.48 12.75 -17.48
N SER B 432 -16.73 12.86 -17.93
CA SER B 432 -17.88 12.63 -17.06
C SER B 432 -18.99 11.91 -17.82
N VAL B 433 -19.81 11.19 -17.07
CA VAL B 433 -20.90 10.41 -17.61
C VAL B 433 -22.11 10.77 -16.76
N TRP B 434 -23.24 11.02 -17.41
CA TRP B 434 -24.42 11.46 -16.71
C TRP B 434 -25.56 10.57 -17.10
N THR B 435 -26.03 9.81 -16.13
CA THR B 435 -27.08 8.82 -16.30
C THR B 435 -27.50 8.38 -14.89
N LYS B 436 -28.78 8.12 -14.70
CA LYS B 436 -29.21 7.56 -13.42
C LYS B 436 -29.07 6.02 -13.41
N ASP B 437 -28.81 5.44 -14.57
CA ASP B 437 -28.66 4.01 -14.67
C ASP B 437 -27.28 3.58 -14.19
N ILE B 438 -27.24 2.81 -13.11
CA ILE B 438 -25.98 2.38 -12.51
C ILE B 438 -25.19 1.49 -13.50
N SER B 439 -25.89 0.60 -14.19
CA SER B 439 -25.26 -0.24 -15.20
C SER B 439 -24.52 0.56 -16.27
N LYS B 440 -25.23 1.43 -16.99
CA LYS B 440 -24.61 2.30 -17.97
C LYS B 440 -23.47 3.11 -17.36
N ALA B 441 -23.68 3.62 -16.15
CA ALA B 441 -22.63 4.45 -15.54
C ALA B 441 -21.34 3.65 -15.28
N ARG B 443 -20.26 0.78 -16.70
CA ARG B 443 -19.61 0.24 -17.89
C ARG B 443 -18.74 1.32 -18.51
N ALA B 444 -19.30 2.52 -18.59
CA ALA B 444 -18.57 3.68 -19.08
C ALA B 444 -17.34 3.98 -18.25
N ALA B 445 -17.51 3.96 -16.93
CA ALA B 445 -16.43 4.27 -15.99
C ALA B 445 -15.26 3.33 -16.23
N SER B 446 -15.55 2.04 -16.44
CA SER B 446 -14.50 1.06 -16.65
C SER B 446 -13.81 1.15 -18.01
N ARG B 447 -14.49 1.69 -19.02
CA ARG B 447 -13.98 1.66 -20.37
C ARG B 447 -13.46 3.00 -20.84
N LEU B 448 -13.73 4.07 -20.12
CA LEU B 448 -13.26 5.39 -20.60
C LEU B 448 -11.75 5.52 -20.51
N GLN B 449 -11.10 5.95 -21.58
CA GLN B 449 -9.64 6.02 -21.57
C GLN B 449 -9.22 7.40 -21.10
N TYR B 450 -9.64 7.71 -19.88
CA TYR B 450 -9.37 9.02 -19.26
C TYR B 450 -8.84 8.86 -17.84
N GLY B 451 -7.90 9.73 -17.50
CA GLY B 451 -7.31 9.73 -16.16
C GLY B 451 -8.33 9.89 -15.05
N CYS B 452 -9.45 10.54 -15.34
CA CYS B 452 -10.49 10.82 -14.34
C CYS B 452 -11.85 10.69 -15.00
N THR B 453 -12.78 10.05 -14.31
CA THR B 453 -14.15 9.97 -14.78
C THR B 453 -15.10 10.28 -13.65
N TRP B 454 -15.88 11.36 -13.84
CA TRP B 454 -16.95 11.66 -12.89
C TRP B 454 -18.23 11.01 -13.31
N ILE B 455 -19.08 10.72 -12.34
CA ILE B 455 -20.38 10.25 -12.71
C ILE B 455 -21.42 11.10 -12.02
N ASN B 456 -22.28 11.73 -12.84
CA ASN B 456 -23.33 12.64 -12.38
C ASN B 456 -22.80 13.90 -11.70
N THR B 457 -21.58 14.24 -12.06
CA THR B 457 -21.01 15.55 -11.78
C THR B 457 -19.85 15.72 -12.75
N HIS B 458 -19.06 16.77 -12.54
CA HIS B 458 -17.88 17.01 -13.34
C HIS B 458 -16.99 17.97 -12.54
N PHE B 459 -15.69 18.05 -12.84
CA PHE B 459 -14.88 19.20 -12.38
C PHE B 459 -14.40 19.15 -10.90
N LEU B 461 -12.50 18.26 -7.77
CA LEU B 461 -11.23 17.67 -7.40
C LEU B 461 -11.11 17.50 -5.89
N THR B 462 -10.13 16.70 -5.49
CA THR B 462 -9.85 16.53 -4.07
C THR B 462 -8.37 16.15 -3.90
N ASN B 463 -7.70 16.76 -2.92
CA ASN B 463 -6.24 16.68 -2.84
C ASN B 463 -5.69 15.25 -2.60
N GLU B 464 -6.54 14.36 -2.10
CA GLU B 464 -6.18 12.94 -2.02
C GLU B 464 -6.22 12.16 -3.34
N PRO B 466 -5.70 11.45 -7.47
CA PRO B 466 -4.78 11.91 -8.53
C PRO B 466 -5.45 12.55 -9.77
N HIS B 467 -4.77 13.52 -10.35
CA HIS B 467 -5.21 14.19 -11.54
C HIS B 467 -4.06 14.17 -12.54
N GLY B 468 -4.31 13.61 -13.73
CA GLY B 468 -3.31 13.59 -14.79
C GLY B 468 -3.74 12.67 -15.92
N GLY B 469 -3.09 12.82 -17.08
CA GLY B 469 -3.57 12.25 -18.31
C GLY B 469 -3.09 10.87 -18.74
N ILE B 470 -3.71 10.38 -19.79
CA ILE B 470 -3.25 9.23 -20.56
C ILE B 470 -3.08 9.72 -21.99
N LYS B 471 -2.47 8.91 -22.86
CA LYS B 471 -2.24 9.24 -24.26
C LYS B 471 -1.52 10.58 -24.28
N GLN B 472 -1.91 11.50 -25.17
CA GLN B 472 -1.16 12.76 -25.36
C GLN B 472 -1.47 13.86 -24.35
N SER B 473 -2.38 13.57 -23.43
CA SER B 473 -2.51 14.40 -22.23
C SER B 473 -1.28 14.24 -21.30
N GLY B 474 -0.48 13.20 -21.54
CA GLY B 474 0.77 13.02 -20.81
C GLY B 474 0.74 11.93 -19.77
N TYR B 475 1.46 12.16 -18.68
CA TYR B 475 1.63 11.15 -17.61
C TYR B 475 2.23 11.81 -16.38
N GLY B 476 2.14 11.13 -15.24
CA GLY B 476 2.37 11.76 -13.96
C GLY B 476 1.05 12.29 -13.40
N LYS B 477 0.96 12.39 -12.07
CA LYS B 477 -0.24 12.85 -11.40
C LYS B 477 0.08 14.11 -10.63
N ASP B 478 -0.91 14.95 -10.43
CA ASP B 478 -0.85 16.03 -9.46
C ASP B 478 -1.92 15.79 -8.40
N SER B 480 -2.70 13.90 -4.57
CA SER B 480 -2.55 12.53 -4.13
C SER B 480 -1.08 12.10 -3.87
N VAL B 481 -0.93 10.95 -3.23
CA VAL B 481 0.35 10.34 -2.93
C VAL B 481 1.11 10.03 -4.20
N TYR B 482 0.38 9.84 -5.30
CA TYR B 482 1.01 9.55 -6.58
C TYR B 482 1.90 10.68 -7.05
N ALA B 483 1.53 11.93 -6.74
CA ALA B 483 2.38 13.06 -7.14
C ALA B 483 3.67 12.96 -6.39
N LEU B 484 3.61 12.64 -5.10
CA LEU B 484 4.83 12.46 -4.30
C LEU B 484 5.69 11.31 -4.83
N GLU B 485 5.07 10.19 -5.17
CA GLU B 485 5.81 9.11 -5.82
C GLU B 485 6.56 9.51 -7.09
N ASP B 486 5.94 10.32 -7.94
CA ASP B 486 6.59 10.81 -9.17
C ASP B 486 7.92 11.53 -8.85
N TYR B 487 8.00 12.12 -7.67
CA TYR B 487 9.17 12.89 -7.29
C TYR B 487 10.19 12.21 -6.38
N THR B 488 10.08 10.89 -6.25
CA THR B 488 10.99 10.12 -5.42
C THR B 488 11.52 8.93 -6.23
N ALA B 489 12.67 8.41 -5.84
CA ALA B 489 13.28 7.28 -6.51
C ALA B 489 13.17 6.07 -5.59
N VAL B 490 12.52 5.02 -6.09
CA VAL B 490 12.46 3.73 -5.40
C VAL B 490 13.85 3.04 -5.40
N ARG B 491 14.30 2.61 -4.20
CA ARG B 491 15.61 2.03 -4.05
C ARG B 491 15.52 0.74 -3.27
N HIS B 492 16.20 -0.28 -3.80
CA HIS B 492 16.27 -1.60 -3.16
C HIS B 492 17.59 -1.71 -2.39
N ILE B 493 17.51 -2.01 -1.11
CA ILE B 493 18.71 -2.13 -0.27
C ILE B 493 18.67 -3.55 0.23
N ILE B 495 20.86 -6.54 2.34
CA ILE B 495 22.01 -6.80 3.24
C ILE B 495 22.24 -8.30 3.32
N ASN B 496 23.42 -8.76 2.88
CA ASN B 496 23.80 -10.17 3.04
C ASN B 496 24.14 -10.40 4.50
N HIS B 497 23.50 -11.36 5.15
CA HIS B 497 23.85 -11.62 6.54
C HIS B 497 24.12 -13.08 6.91
N GLY B 498 23.72 -14.00 6.03
CA GLY B 498 23.96 -15.44 6.21
C GLY B 498 23.18 -16.10 7.33
N ASP C 25 -8.73 21.97 36.07
CA ASP C 25 -9.86 21.36 35.40
C ASP C 25 -10.31 20.12 36.18
N THR C 26 -11.59 20.07 36.47
CA THR C 26 -12.13 19.09 37.41
C THR C 26 -13.25 18.25 36.81
N GLN C 27 -13.90 18.82 35.79
CA GLN C 27 -15.14 18.26 35.28
C GLN C 27 -14.99 17.24 34.14
N LEU C 28 -15.87 16.25 34.18
CA LEU C 28 -15.98 15.25 33.15
C LEU C 28 -16.64 15.88 31.93
N LEU C 29 -16.25 15.43 30.74
CA LEU C 29 -16.93 15.84 29.51
C LEU C 29 -17.93 14.75 29.12
N ILE C 30 -19.21 15.07 29.22
CA ILE C 30 -20.27 14.11 28.94
C ILE C 30 -21.22 14.67 27.86
N GLY C 31 -20.95 14.30 26.61
CA GLY C 31 -21.70 14.88 25.49
C GLY C 31 -21.49 16.37 25.50
N SER C 32 -22.59 17.13 25.53
CA SER C 32 -22.53 18.60 25.52
C SER C 32 -22.33 19.22 26.90
N ARG C 33 -22.20 18.38 27.93
CA ARG C 33 -22.12 18.81 29.32
C ARG C 33 -20.72 18.62 29.93
N PHE C 34 -20.22 19.66 30.58
CA PHE C 34 -19.14 19.54 31.56
C PHE C 34 -19.75 19.40 32.95
N GLU C 35 -19.34 18.36 33.70
CA GLU C 35 -19.91 18.14 35.04
C GLU C 35 -18.98 17.34 35.97
N ALA C 36 -19.15 17.57 37.27
CA ALA C 36 -18.37 16.85 38.27
C ALA C 36 -18.82 15.38 38.39
N GLY C 37 -17.90 14.50 38.80
CA GLY C 37 -18.25 13.12 39.13
C GLY C 37 -19.21 13.07 40.32
N THR C 38 -19.94 11.97 40.45
CA THR C 38 -20.96 11.83 41.50
C THR C 38 -20.51 10.87 42.62
N GLU C 39 -19.63 9.94 42.27
CA GLU C 39 -19.27 8.84 43.16
C GLU C 39 -18.05 9.14 44.04
N ALA C 40 -17.43 8.09 44.58
CA ALA C 40 -16.28 8.21 45.47
C ALA C 40 -15.21 9.15 44.91
N GLU C 41 -14.64 9.98 45.78
CA GLU C 41 -13.50 10.80 45.39
C GLU C 41 -12.21 9.99 45.45
N GLU C 42 -11.37 10.16 44.43
CA GLU C 42 -10.01 9.69 44.45
C GLU C 42 -9.11 10.77 45.05
N HIS C 43 -8.11 10.36 45.83
CA HIS C 43 -7.10 11.29 46.29
C HIS C 43 -5.92 11.31 45.30
N ILE C 44 -5.90 12.30 44.43
CA ILE C 44 -4.82 12.44 43.47
C ILE C 44 -3.61 12.98 44.20
N LEU C 45 -2.54 12.20 44.15
CA LEU C 45 -1.34 12.45 44.97
C LEU C 45 -0.15 12.96 44.13
N ASN C 46 0.61 13.88 44.71
CA ASN C 46 1.93 14.24 44.21
C ASN C 46 2.88 13.11 44.60
N PRO C 47 3.38 12.30 43.62
CA PRO C 47 4.20 11.12 43.98
C PRO C 47 5.63 11.46 44.44
N ARG C 48 6.08 12.70 44.24
CA ARG C 48 7.37 13.12 44.76
C ARG C 48 7.31 13.31 46.28
N THR C 49 6.15 13.71 46.77
CA THR C 49 6.00 14.10 48.18
C THR C 49 5.01 13.21 48.93
N GLY C 50 4.06 12.60 48.22
CA GLY C 50 2.99 11.83 48.85
C GLY C 50 1.85 12.73 49.30
N ALA C 51 1.97 14.04 49.02
CA ALA C 51 0.97 15.02 49.41
C ALA C 51 -0.21 14.95 48.45
N GLY C 52 -1.39 15.28 48.95
CA GLY C 52 -2.59 15.37 48.12
C GLY C 52 -2.53 16.56 47.18
N ILE C 53 -2.92 16.32 45.92
CA ILE C 53 -3.04 17.40 44.94
C ILE C 53 -4.47 17.89 44.97
N ILE C 54 -5.38 16.94 44.81
CA ILE C 54 -6.80 17.21 44.72
C ILE C 54 -7.58 15.91 44.92
N ASP C 55 -8.80 16.07 45.42
CA ASP C 55 -9.77 14.98 45.48
C ASP C 55 -10.71 15.11 44.29
N LEU C 56 -10.91 14.01 43.57
CA LEU C 56 -11.74 14.06 42.37
C LEU C 56 -12.72 12.89 42.31
N ALA C 57 -13.99 13.22 42.19
CA ALA C 57 -15.06 12.23 42.22
C ALA C 57 -15.18 11.39 40.93
N GLU C 58 -15.46 10.10 41.13
CA GLU C 58 -15.67 9.15 40.04
C GLU C 58 -16.97 9.45 39.31
N ALA C 59 -17.02 9.07 38.04
CA ALA C 59 -18.26 9.10 37.26
C ALA C 59 -19.22 8.08 37.88
N SER C 60 -20.48 8.47 38.03
CA SER C 60 -21.51 7.51 38.44
C SER C 60 -21.85 6.60 37.25
N HIS C 61 -22.60 5.53 37.53
CA HIS C 61 -23.10 4.62 36.50
C HIS C 61 -23.97 5.39 35.50
N ALA C 62 -24.77 6.33 35.98
CA ALA C 62 -25.61 7.17 35.13
C ALA C 62 -24.79 8.05 34.17
N GLN C 63 -23.67 8.55 34.67
CA GLN C 63 -22.78 9.39 33.89
C GLN C 63 -22.03 8.59 32.80
N ILE C 64 -21.67 7.36 33.14
CA ILE C 64 -21.08 6.43 32.18
C ILE C 64 -22.06 6.16 31.04
N ASP C 65 -23.31 5.83 31.37
CA ASP C 65 -24.32 5.54 30.37
C ASP C 65 -24.59 6.76 29.50
N ALA C 66 -24.67 7.93 30.13
CA ALA C 66 -24.88 9.20 29.43
C ALA C 66 -23.71 9.52 28.48
N ALA C 67 -22.47 9.34 28.95
CA ALA C 67 -21.31 9.47 28.04
C ALA C 67 -21.42 8.54 26.82
N VAL C 68 -21.80 7.29 27.04
CA VAL C 68 -21.90 6.34 25.92
C VAL C 68 -23.01 6.73 24.94
N ASP C 69 -24.21 7.02 25.48
CA ASP C 69 -25.32 7.52 24.67
C ASP C 69 -24.97 8.76 23.85
N ALA C 70 -24.19 9.67 24.43
CA ALA C 70 -23.76 10.87 23.70
C ALA C 70 -22.83 10.48 22.55
N ALA C 71 -21.91 9.56 22.80
CA ALA C 71 -21.06 8.99 21.75
C ALA C 71 -21.88 8.32 20.63
N GLU C 72 -22.95 7.59 21.00
CA GLU C 72 -23.84 6.96 20.03
C GLU C 72 -24.52 7.96 19.08
N ARG C 73 -25.01 9.06 19.66
CA ARG C 73 -25.72 10.09 18.92
C ARG C 73 -24.75 10.82 18.00
N ALA C 74 -23.57 11.14 18.51
CA ALA C 74 -22.57 11.87 17.75
C ALA C 74 -21.98 11.02 16.62
N PHE C 75 -22.00 9.69 16.79
CA PHE C 75 -21.55 8.77 15.76
C PHE C 75 -22.29 8.96 14.42
N VAL C 76 -23.60 9.18 14.50
CA VAL C 76 -24.44 9.41 13.30
C VAL C 76 -23.76 10.42 12.34
N GLY C 77 -23.48 11.63 12.83
CA GLY C 77 -22.83 12.66 12.02
C GLY C 77 -21.34 12.47 11.82
N TRP C 78 -20.66 11.99 12.86
CA TRP C 78 -19.21 11.92 12.83
C TRP C 78 -18.68 10.81 11.91
N SER C 79 -19.36 9.67 11.89
CA SER C 79 -19.02 8.57 10.98
C SER C 79 -19.20 8.94 9.51
N GLN C 80 -19.78 10.11 9.27
CA GLN C 80 -20.17 10.57 7.95
C GLN C 80 -19.28 11.71 7.46
N THR C 81 -18.32 12.13 8.27
CA THR C 81 -17.41 13.21 7.85
C THR C 81 -16.39 12.66 6.85
N THR C 82 -15.74 13.54 6.10
CA THR C 82 -14.68 13.15 5.17
C THR C 82 -13.29 13.12 5.86
N PRO C 83 -12.29 12.49 5.21
CA PRO C 83 -10.97 12.50 5.83
C PRO C 83 -10.43 13.91 6.06
N ALA C 84 -10.64 14.83 5.10
CA ALA C 84 -10.14 16.19 5.24
C ALA C 84 -10.73 16.89 6.45
N GLU C 85 -12.02 16.64 6.69
CA GLU C 85 -12.68 17.26 7.84
C GLU C 85 -12.05 16.71 9.09
N ARG C 86 -11.83 15.39 9.14
CA ARG C 86 -11.24 14.81 10.34
C ARG C 86 -9.79 15.21 10.52
N SER C 87 -9.04 15.17 9.42
CA SER C 87 -7.69 15.69 9.37
C SER C 87 -7.63 17.06 10.02
N ASN C 88 -8.52 17.94 9.62
CA ASN C 88 -8.51 19.34 10.10
C ASN C 88 -8.78 19.46 11.58
N ALA C 89 -9.58 18.54 12.09
CA ALA C 89 -9.87 18.48 13.51
C ALA C 89 -8.61 18.04 14.26
N LEU C 90 -7.97 16.95 13.79
CA LEU C 90 -6.72 16.54 14.41
C LEU C 90 -5.67 17.66 14.44
N LEU C 91 -5.51 18.37 13.34
CA LEU C 91 -4.58 19.51 13.33
C LEU C 91 -4.95 20.56 14.41
N LYS C 92 -6.23 20.88 14.55
CA LYS C 92 -6.67 21.86 15.54
C LYS C 92 -6.36 21.44 16.99
N ILE C 93 -6.72 20.21 17.34
CA ILE C 93 -6.38 19.65 18.65
C ILE C 93 -4.87 19.75 18.93
N ALA C 94 -4.04 19.34 17.97
CA ALA C 94 -2.58 19.48 18.05
C ALA C 94 -2.14 20.93 18.31
N ASP C 95 -2.75 21.86 17.58
CA ASP C 95 -2.50 23.28 17.79
CA ASP C 95 -2.48 23.29 17.78
C ASP C 95 -2.84 23.72 19.22
N ALA C 96 -4.01 23.31 19.70
CA ALA C 96 -4.44 23.69 21.04
C ALA C 96 -3.43 23.22 22.09
N ILE C 97 -2.99 21.98 21.97
CA ILE C 97 -1.99 21.45 22.88
C ILE C 97 -0.67 22.21 22.78
N GLU C 98 -0.21 22.43 21.56
CA GLU C 98 1.01 23.18 21.34
C GLU C 98 0.92 24.59 21.96
N LYS C 99 -0.24 25.24 21.85
CA LYS C 99 -0.41 26.59 22.41
C LYS C 99 -0.34 26.60 23.95
N GLU C 100 -0.71 25.49 24.58
CA GLU C 100 -0.68 25.37 26.03
C GLU C 100 0.36 24.33 26.51
N ALA C 101 1.47 24.23 25.78
CA ALA C 101 2.42 23.12 25.96
C ALA C 101 3.08 23.12 27.34
N ASP C 102 3.52 24.30 27.79
CA ASP C 102 4.14 24.46 29.10
C ASP C 102 3.17 24.14 30.24
N GLU C 103 1.91 24.53 30.08
CA GLU C 103 0.87 24.27 31.08
C GLU C 103 0.60 22.75 31.19
N PHE C 104 0.45 22.08 30.04
CA PHE C 104 0.30 20.64 30.06
C PHE C 104 1.49 19.95 30.71
N ALA C 105 2.70 20.42 30.39
CA ALA C 105 3.93 19.83 30.89
C ALA C 105 4.06 19.97 32.42
N ALA C 106 3.78 21.15 32.95
CA ALA C 106 3.84 21.38 34.38
C ALA C 106 2.80 20.51 35.10
N LEU C 107 1.59 20.48 34.56
CA LEU C 107 0.52 19.64 35.11
C LEU C 107 0.92 18.17 35.13
N GLU C 108 1.51 17.71 34.05
CA GLU C 108 1.88 16.30 33.94
C GLU C 108 3.03 15.96 34.90
N ALA C 109 4.00 16.85 34.96
CA ALA C 109 5.14 16.77 35.89
C ALA C 109 4.67 16.69 37.33
N LEU C 110 3.73 17.56 37.70
CA LEU C 110 3.10 17.53 39.01
C LEU C 110 2.48 16.16 39.34
N ASN C 111 1.59 15.71 38.48
CA ASN C 111 0.79 14.50 38.70
C ASN C 111 1.67 13.24 38.72
N CYS C 112 2.75 13.22 37.94
CA CYS C 112 3.57 11.99 37.81
C CYS C 112 4.97 12.06 38.41
N GLY C 113 5.44 13.26 38.74
CA GLY C 113 6.78 13.44 39.28
C GLY C 113 7.87 13.31 38.21
N LYS C 114 7.48 13.36 36.93
CA LYS C 114 8.45 13.39 35.85
C LYS C 114 9.23 14.72 35.90
N PRO C 115 10.57 14.66 35.76
CA PRO C 115 11.39 15.89 35.67
C PRO C 115 10.81 16.86 34.65
N ILE C 116 10.55 18.08 35.06
CA ILE C 116 9.93 19.04 34.17
C ILE C 116 10.50 19.05 32.72
N ASN C 117 11.82 19.08 32.57
CA ASN C 117 12.42 19.14 31.24
C ASN C 117 12.30 17.92 30.37
N ALA C 118 12.24 16.75 30.99
CA ALA C 118 11.96 15.53 30.22
C ALA C 118 10.57 15.67 29.61
N VAL C 119 9.64 16.24 30.36
CA VAL C 119 8.27 16.39 29.86
C VAL C 119 8.25 17.47 28.77
N LYS C 120 8.85 18.63 29.06
CA LYS C 120 8.88 19.74 28.10
C LYS C 120 9.56 19.36 26.78
N ASN C 121 10.65 18.60 26.83
CA ASN C 121 11.44 18.33 25.63
C ASN C 121 11.17 17.01 24.95
N ASP C 122 10.79 15.99 25.71
CA ASP C 122 10.58 14.67 25.14
C ASP C 122 9.12 14.36 24.91
N GLU C 123 8.29 14.68 25.89
CA GLU C 123 6.91 14.20 25.88
C GLU C 123 5.96 15.11 25.11
N LEU C 124 5.99 16.43 25.38
CA LEU C 124 5.07 17.30 24.68
C LEU C 124 5.29 17.29 23.16
N PRO C 125 6.54 17.54 22.70
CA PRO C 125 6.76 17.46 21.24
C PRO C 125 6.31 16.14 20.61
N ALA C 126 6.51 15.00 21.29
CA ALA C 126 6.00 13.71 20.75
C ALA C 126 4.47 13.64 20.73
N ILE C 127 3.82 14.20 21.76
CA ILE C 127 2.35 14.26 21.80
C ILE C 127 1.78 15.09 20.66
N ILE C 128 2.23 16.34 20.53
CA ILE C 128 1.77 17.22 19.49
C ILE C 128 1.96 16.58 18.12
N ASP C 129 3.17 16.08 17.88
CA ASP C 129 3.52 15.50 16.62
C ASP C 129 2.65 14.28 16.33
N CYS C 130 2.23 13.58 17.37
CA CYS C 130 1.32 12.44 17.19
C CYS C 130 -0.01 12.86 16.54
N TRP C 131 -0.61 13.94 17.05
CA TRP C 131 -1.88 14.44 16.54
C TRP C 131 -1.69 14.90 15.10
N ARG C 132 -0.54 15.50 14.82
CA ARG C 132 -0.27 15.93 13.46
C ARG C 132 -0.03 14.73 12.54
N PHE C 133 0.71 13.74 13.01
CA PHE C 133 0.92 12.54 12.18
C PHE C 133 -0.42 11.94 11.75
N PHE C 134 -1.33 11.84 12.71
CA PHE C 134 -2.58 11.14 12.44
C PHE C 134 -3.52 11.95 11.54
N ALA C 135 -3.34 13.26 11.52
CA ALA C 135 -4.10 14.10 10.60
C ALA C 135 -3.72 13.80 9.14
N GLY C 136 -2.46 13.43 8.94
CA GLY C 136 -1.99 12.95 7.66
C GLY C 136 -2.51 11.56 7.36
N ALA C 137 -2.36 10.65 8.31
CA ALA C 137 -2.67 9.23 8.11
C ALA C 137 -4.10 9.00 7.67
N VAL C 138 -4.99 9.83 8.22
CA VAL C 138 -6.41 9.80 7.91
C VAL C 138 -6.67 10.03 6.41
N ARG C 139 -5.84 10.85 5.77
CA ARG C 139 -6.03 11.17 4.39
C ARG C 139 -5.19 10.24 3.48
N ASN C 140 -4.62 9.17 4.05
CA ASN C 140 -3.63 8.39 3.29
C ASN C 140 -3.75 6.90 3.55
N LEU C 141 -4.97 6.41 3.72
CA LEU C 141 -5.22 4.95 3.84
C LEU C 141 -5.24 4.29 2.48
N HIS C 142 -4.59 3.14 2.36
CA HIS C 142 -4.49 2.39 1.13
C HIS C 142 -5.29 1.12 1.21
N ALA C 143 -5.59 0.50 0.05
CA ALA C 143 -6.29 -0.80 0.01
C ALA C 143 -6.03 -1.39 -1.36
N PRO C 144 -6.45 -2.66 -1.58
CA PRO C 144 -6.35 -3.21 -2.93
C PRO C 144 -7.15 -2.34 -3.89
N ALA C 145 -6.63 -2.19 -5.11
CA ALA C 145 -7.20 -1.27 -6.10
C ALA C 145 -8.60 -1.71 -6.58
N ALA C 146 -9.44 -0.74 -6.89
CA ALA C 146 -10.75 -0.97 -7.51
C ALA C 146 -10.62 -1.52 -8.92
N GLY C 147 -11.53 -2.40 -9.30
CA GLY C 147 -11.50 -2.95 -10.65
C GLY C 147 -12.52 -4.05 -10.84
N GLU C 148 -12.43 -4.73 -11.98
CA GLU C 148 -13.32 -5.84 -12.28
C GLU C 148 -12.59 -7.13 -11.98
N TYR C 149 -12.79 -7.66 -10.78
CA TYR C 149 -12.10 -8.90 -10.41
C TYR C 149 -12.93 -10.09 -10.87
N LEU C 150 -14.21 -9.83 -11.04
CA LEU C 150 -15.13 -10.79 -11.64
C LEU C 150 -15.68 -10.08 -12.87
N PRO C 151 -15.87 -10.80 -14.01
CA PRO C 151 -16.35 -10.15 -15.24
C PRO C 151 -17.66 -9.41 -15.00
N GLY C 152 -17.72 -8.15 -15.45
CA GLY C 152 -18.94 -7.35 -15.30
C GLY C 152 -19.31 -6.90 -13.90
N HIS C 153 -18.38 -7.03 -12.96
CA HIS C 153 -18.62 -6.55 -11.60
C HIS C 153 -17.48 -5.66 -11.17
N THR C 154 -17.82 -4.46 -10.69
CA THR C 154 -16.79 -3.57 -10.17
C THR C 154 -16.71 -3.66 -8.65
N SER C 155 -15.53 -4.01 -8.15
CA SER C 155 -15.22 -4.01 -6.73
C SER C 155 -14.41 -2.80 -6.30
N ILE C 157 -12.57 -1.32 -2.26
CA ILE C 157 -12.39 -1.49 -0.80
C ILE C 157 -12.42 -0.14 -0.07
N ARG C 158 -13.30 -0.07 0.93
CA ARG C 158 -13.41 1.09 1.85
C ARG C 158 -12.84 0.75 3.23
N ARG C 159 -12.38 1.76 3.96
CA ARG C 159 -12.09 1.59 5.39
C ARG C 159 -13.04 2.49 6.17
N ASP C 160 -14.09 1.91 6.76
CA ASP C 160 -15.13 2.69 7.43
C ASP C 160 -15.00 2.68 8.95
N PRO C 161 -15.70 3.61 9.65
CA PRO C 161 -15.69 3.68 11.11
C PRO C 161 -16.18 2.36 11.72
N ILE C 162 -15.73 2.03 12.93
CA ILE C 162 -16.27 0.82 13.57
C ILE C 162 -17.46 1.13 14.47
N GLY C 163 -17.46 2.29 15.12
CA GLY C 163 -18.52 2.57 16.06
C GLY C 163 -18.03 3.33 17.28
N ILE C 164 -18.46 2.88 18.46
CA ILE C 164 -18.12 3.52 19.71
C ILE C 164 -16.97 2.80 20.37
N VAL C 165 -15.96 3.58 20.72
CA VAL C 165 -14.77 3.05 21.37
C VAL C 165 -14.70 3.42 22.85
N GLY C 166 -14.59 2.38 23.69
CA GLY C 166 -14.30 2.52 25.11
C GLY C 166 -12.79 2.48 25.23
N SER C 167 -12.21 3.51 25.83
CA SER C 167 -10.78 3.67 25.79
C SER C 167 -10.18 4.00 27.16
N ILE C 168 -9.30 3.13 27.62
CA ILE C 168 -8.75 3.21 28.97
C ILE C 168 -7.22 3.34 29.00
N ALA C 169 -6.75 4.34 29.75
CA ALA C 169 -5.34 4.73 29.74
C ALA C 169 -4.69 4.37 31.07
N PRO C 170 -3.37 4.02 31.03
CA PRO C 170 -2.54 3.83 32.24
C PRO C 170 -1.98 5.16 32.73
N TRP C 171 -1.26 5.12 33.85
CA TRP C 171 -0.80 6.35 34.50
C TRP C 171 0.61 6.73 34.13
N ASN C 172 1.32 5.84 33.45
CA ASN C 172 2.75 6.06 33.24
C ASN C 172 3.05 7.19 32.27
N TYR C 173 2.19 7.36 31.25
CA TYR C 173 2.31 8.49 30.31
C TYR C 173 0.92 9.05 29.94
N PRO C 174 0.22 9.67 30.91
CA PRO C 174 -1.21 9.94 30.77
C PRO C 174 -1.62 10.68 29.49
N LEU C 175 -1.01 11.83 29.21
CA LEU C 175 -1.38 12.65 28.07
C LEU C 175 -0.95 12.05 26.72
N ALA C 179 -3.24 10.82 23.57
CA ALA C 179 -2.96 11.02 22.16
C ALA C 179 -3.09 9.72 21.36
N TRP C 180 -2.39 8.69 21.82
CA TRP C 180 -2.36 7.39 21.12
C TRP C 180 -3.72 6.71 21.03
N LYS C 181 -4.60 6.99 21.98
CA LYS C 181 -5.88 6.29 22.01
C LYS C 181 -6.94 7.06 21.23
N LEU C 182 -6.93 8.38 21.34
CA LEU C 182 -7.93 9.24 20.72
C LEU C 182 -7.67 9.54 19.23
N ALA C 183 -6.45 9.95 18.90
CA ALA C 183 -6.15 10.38 17.51
C ALA C 183 -6.57 9.35 16.46
N PRO C 184 -6.07 8.09 16.54
CA PRO C 184 -6.55 7.18 15.50
C PRO C 184 -8.04 6.84 15.61
N ALA C 185 -8.60 6.90 16.81
CA ALA C 185 -9.98 6.42 17.02
C ALA C 185 -10.95 7.39 16.38
N ILE C 186 -10.83 8.65 16.81
CA ILE C 186 -11.55 9.77 16.26
C ILE C 186 -11.24 9.88 14.77
N GLY C 187 -9.96 9.70 14.43
CA GLY C 187 -9.53 9.89 13.06
C GLY C 187 -10.20 8.89 12.14
N GLY C 188 -10.54 7.72 12.66
CA GLY C 188 -11.22 6.72 11.86
C GLY C 188 -12.71 6.98 11.73
N GLY C 189 -13.17 8.09 12.30
CA GLY C 189 -14.58 8.45 12.26
C GLY C 189 -15.40 7.79 13.36
N ASN C 190 -14.71 7.28 14.38
CA ASN C 190 -15.39 6.72 15.55
C ASN C 190 -15.68 7.79 16.57
N THR C 191 -16.55 7.46 17.52
CA THR C 191 -16.66 8.25 18.73
C THR C 191 -16.14 7.48 19.95
N VAL C 192 -15.76 8.24 20.97
CA VAL C 192 -14.96 7.71 22.05
C VAL C 192 -15.49 8.05 23.44
N VAL C 193 -15.46 7.07 24.32
CA VAL C 193 -15.55 7.33 25.76
C VAL C 193 -14.21 6.98 26.39
N PHE C 194 -13.52 8.00 26.89
CA PHE C 194 -12.15 7.82 27.35
C PHE C 194 -12.02 7.95 28.87
N LYS C 195 -11.38 6.97 29.50
CA LYS C 195 -11.08 6.99 30.93
C LYS C 195 -9.58 6.95 31.21
N PRO C 196 -9.04 8.05 31.76
CA PRO C 196 -7.66 8.05 32.23
C PRO C 196 -7.54 7.18 33.49
N SER C 197 -6.32 6.76 33.83
CA SER C 197 -6.08 6.08 35.09
C SER C 197 -6.59 6.91 36.26
N GLU C 198 -7.06 6.22 37.29
CA GLU C 198 -7.59 6.87 38.50
C GLU C 198 -6.57 7.79 39.18
N GLN C 199 -5.28 7.50 39.00
CA GLN C 199 -4.21 8.29 39.61
C GLN C 199 -3.82 9.53 38.80
N THR C 200 -4.11 9.51 37.49
CA THR C 200 -3.61 10.54 36.58
C THR C 200 -4.65 11.18 35.64
N PRO C 201 -5.77 11.70 36.18
CA PRO C 201 -6.77 12.30 35.31
C PRO C 201 -6.48 13.75 34.90
N LEU C 202 -5.48 14.37 35.51
CA LEU C 202 -5.43 15.85 35.43
C LEU C 202 -5.29 16.36 34.00
N THR C 203 -4.31 15.84 33.25
CA THR C 203 -4.11 16.35 31.91
C THR C 203 -5.25 15.98 30.98
N ALA C 204 -5.94 14.88 31.29
CA ALA C 204 -7.07 14.44 30.49
C ALA C 204 -8.26 15.41 30.60
N LEU C 205 -8.51 15.93 31.80
CA LEU C 205 -9.61 16.87 32.00
C LEU C 205 -9.31 18.24 31.41
N LYS C 206 -8.03 18.61 31.40
CA LYS C 206 -7.58 19.80 30.69
C LYS C 206 -7.77 19.64 29.18
N LEU C 207 -7.23 18.59 28.57
CA LEU C 207 -7.42 18.40 27.12
C LEU C 207 -8.91 18.35 26.75
N ALA C 208 -9.71 17.66 27.56
CA ALA C 208 -11.18 17.64 27.39
C ALA C 208 -11.77 19.03 27.22
N ARG C 209 -11.27 20.01 27.96
CA ARG C 209 -11.78 21.37 27.81
C ARG C 209 -11.49 21.89 26.42
N LEU C 210 -10.26 21.69 25.95
CA LEU C 210 -9.87 22.20 24.65
C LEU C 210 -10.59 21.48 23.52
N ILE C 211 -10.70 20.16 23.65
CA ILE C 211 -11.36 19.32 22.66
C ILE C 211 -12.84 19.69 22.47
N ALA C 212 -13.55 19.97 23.57
CA ALA C 212 -14.94 20.42 23.48
C ALA C 212 -15.15 21.69 22.63
N ASP C 213 -14.13 22.53 22.56
CA ASP C 213 -14.12 23.73 21.70
C ASP C 213 -13.83 23.42 20.22
N ILE C 214 -13.56 22.15 19.92
CA ILE C 214 -13.12 21.79 18.57
C ILE C 214 -14.00 20.74 17.94
N LEU C 215 -14.29 19.67 18.66
CA LEU C 215 -15.13 18.61 18.10
C LEU C 215 -16.61 18.89 18.33
N PRO C 216 -17.50 18.30 17.50
CA PRO C 216 -18.91 18.37 17.88
C PRO C 216 -19.12 17.53 19.13
N GLU C 217 -20.09 17.92 19.95
CA GLU C 217 -20.33 17.26 21.24
C GLU C 217 -20.51 15.75 21.09
N GLY C 218 -20.00 14.99 22.05
CA GLY C 218 -20.20 13.55 22.07
C GLY C 218 -19.18 12.74 21.29
N VAL C 219 -18.39 13.39 20.44
CA VAL C 219 -17.34 12.65 19.70
C VAL C 219 -16.29 12.12 20.68
N VAL C 220 -15.93 12.96 21.65
CA VAL C 220 -15.03 12.62 22.73
C VAL C 220 -15.74 12.90 24.04
N ASN C 221 -15.73 11.91 24.91
CA ASN C 221 -16.28 12.04 26.24
C ASN C 221 -15.24 11.52 27.18
N VAL C 222 -15.00 12.27 28.25
CA VAL C 222 -13.98 11.89 29.23
C VAL C 222 -14.65 11.64 30.58
N ILE C 223 -14.43 10.43 31.11
CA ILE C 223 -14.95 10.05 32.43
C ILE C 223 -13.78 9.61 33.33
N THR C 224 -13.92 9.83 34.64
CA THR C 224 -12.87 9.44 35.58
C THR C 224 -13.33 8.27 36.42
N GLY C 225 -12.38 7.51 36.97
CA GLY C 225 -12.72 6.48 37.95
C GLY C 225 -11.78 5.29 37.99
N ARG C 226 -11.97 4.45 39.00
CA ARG C 226 -11.21 3.23 39.21
C ARG C 226 -11.49 2.19 38.14
N GLY C 227 -10.49 1.36 37.84
CA GLY C 227 -10.68 0.26 36.93
C GLY C 227 -11.84 -0.63 37.29
N GLU C 228 -11.90 -1.02 38.56
CA GLU C 228 -12.87 -2.02 39.02
C GLU C 228 -14.29 -1.52 39.08
N THR C 229 -14.47 -0.19 39.08
CA THR C 229 -15.82 0.40 39.06
C THR C 229 -16.17 1.02 37.69
N VAL C 230 -15.69 2.25 37.45
CA VAL C 230 -15.93 2.97 36.19
C VAL C 230 -15.38 2.20 34.98
N GLY C 231 -14.12 1.78 35.04
CA GLY C 231 -13.51 0.99 33.95
C GLY C 231 -14.30 -0.28 33.61
N ASN C 232 -14.67 -1.03 34.63
CA ASN C 232 -15.45 -2.25 34.44
C ASN C 232 -16.79 -2.02 33.74
N ALA C 233 -17.51 -0.99 34.19
CA ALA C 233 -18.78 -0.63 33.58
C ALA C 233 -18.63 -0.24 32.12
N LEU C 234 -17.58 0.54 31.82
CA LEU C 234 -17.37 1.00 30.44
C LEU C 234 -17.10 -0.14 29.46
N ILE C 235 -16.21 -1.06 29.84
CA ILE C 235 -15.80 -2.19 28.97
C ILE C 235 -16.90 -3.24 28.83
N ASN C 236 -17.92 -3.13 29.67
CA ASN C 236 -19.02 -4.08 29.63
C ASN C 236 -20.27 -3.45 29.07
N HIS C 237 -20.15 -2.23 28.56
CA HIS C 237 -21.32 -1.58 28.01
C HIS C 237 -21.71 -2.24 26.70
N PRO C 238 -23.00 -2.61 26.56
CA PRO C 238 -23.53 -3.23 25.34
C PRO C 238 -23.27 -2.44 24.04
N LYS C 239 -23.26 -1.11 24.13
CA LYS C 239 -23.16 -0.25 22.93
C LYS C 239 -21.74 0.03 22.50
N VAL C 240 -20.78 -0.29 23.36
CA VAL C 240 -19.37 -0.11 23.03
C VAL C 240 -18.95 -1.29 22.15
N GLY C 241 -18.40 -0.98 20.98
CA GLY C 241 -18.07 -1.99 19.98
C GLY C 241 -16.61 -2.33 19.95
N VAL C 243 -12.95 -1.93 22.44
CA VAL C 243 -12.28 -1.53 23.66
C VAL C 243 -10.80 -1.50 23.40
N SER C 244 -10.20 -0.36 23.75
CA SER C 244 -8.75 -0.24 23.68
C SER C 244 -8.16 0.00 25.08
N ILE C 245 -7.21 -0.84 25.44
CA ILE C 245 -6.58 -0.80 26.76
C ILE C 245 -5.06 -0.91 26.69
N THR C 246 -4.39 0.05 27.32
CA THR C 246 -2.98 -0.11 27.69
C THR C 246 -2.82 -0.27 29.21
N GLY C 247 -2.17 -1.35 29.61
CA GLY C 247 -1.99 -1.65 31.02
C GLY C 247 -1.52 -3.06 31.30
N ASP C 248 -1.98 -3.60 32.42
CA ASP C 248 -1.47 -4.88 32.92
C ASP C 248 -2.02 -6.05 32.10
N ILE C 249 -1.25 -7.13 32.03
CA ILE C 249 -1.68 -8.35 31.36
C ILE C 249 -3.04 -8.81 31.91
N ALA C 250 -3.15 -8.82 33.23
CA ALA C 250 -4.39 -9.15 33.92
C ALA C 250 -5.55 -8.23 33.54
N THR C 251 -5.26 -6.97 33.25
CA THR C 251 -6.31 -6.05 32.85
C THR C 251 -6.78 -6.40 31.43
N GLY C 252 -5.85 -6.78 30.56
CA GLY C 252 -6.20 -7.16 29.20
C GLY C 252 -6.99 -8.46 29.18
N LYS C 253 -6.72 -9.32 30.16
CA LYS C 253 -7.45 -10.58 30.26
C LYS C 253 -8.86 -10.28 30.70
N LYS C 254 -9.02 -9.26 31.53
CA LYS C 254 -10.36 -8.86 31.95
C LYS C 254 -11.13 -8.17 30.82
N VAL C 255 -10.40 -7.46 29.97
CA VAL C 255 -11.03 -6.80 28.86
C VAL C 255 -11.51 -7.85 27.85
N LEU C 256 -10.66 -8.84 27.57
CA LEU C 256 -11.04 -9.95 26.70
C LEU C 256 -12.27 -10.70 27.19
N ALA C 257 -12.32 -11.00 28.48
CA ALA C 257 -13.51 -11.60 29.10
C ALA C 257 -14.78 -10.75 28.90
N ALA C 258 -14.67 -9.44 29.07
CA ALA C 258 -15.78 -8.52 28.76
C ALA C 258 -16.14 -8.60 27.28
N ALA C 259 -15.12 -8.58 26.41
CA ALA C 259 -15.35 -8.64 24.96
C ALA C 259 -16.03 -9.92 24.53
N ALA C 260 -15.77 -11.01 25.24
CA ALA C 260 -16.44 -12.28 24.98
C ALA C 260 -17.97 -12.19 25.04
N LYS C 261 -18.51 -11.20 25.74
CA LYS C 261 -19.97 -11.13 25.99
C LYS C 261 -20.78 -10.58 24.81
N THR C 262 -20.24 -9.58 24.12
CA THR C 262 -20.89 -9.04 22.94
C THR C 262 -19.99 -9.06 21.67
N VAL C 263 -18.94 -9.88 21.71
CA VAL C 263 -17.97 -9.96 20.60
C VAL C 263 -17.43 -8.56 20.24
N LYS C 264 -16.90 -7.83 21.21
CA LYS C 264 -16.32 -6.51 20.91
C LYS C 264 -14.96 -6.70 20.27
N ARG C 265 -14.55 -5.76 19.44
CA ARG C 265 -13.15 -5.69 19.05
C ARG C 265 -12.33 -5.18 20.23
N THR C 266 -11.05 -5.57 20.22
CA THR C 266 -10.13 -5.24 21.30
C THR C 266 -8.81 -4.81 20.70
N HIS C 267 -8.16 -3.91 21.42
CA HIS C 267 -6.85 -3.40 21.10
C HIS C 267 -6.07 -3.40 22.45
N LEU C 268 -5.05 -4.25 22.55
CA LEU C 268 -4.40 -4.54 23.83
C LEU C 268 -2.89 -4.26 23.83
N GLU C 269 -2.43 -3.22 24.54
CA GLU C 269 -1.00 -3.11 24.87
CA GLU C 269 -1.01 -3.05 24.85
C GLU C 269 -0.79 -3.43 26.33
N LEU C 270 -0.21 -4.62 26.56
CA LEU C 270 -0.16 -5.19 27.90
C LEU C 270 1.22 -5.30 28.56
N GLY C 271 2.15 -4.45 28.15
CA GLY C 271 3.41 -4.42 28.87
C GLY C 271 4.43 -5.38 28.32
N GLY C 272 5.68 -5.17 28.69
CA GLY C 272 6.79 -5.86 28.09
C GLY C 272 7.88 -6.17 29.10
N LYS C 273 8.92 -6.81 28.60
CA LYS C 273 10.09 -7.11 29.36
C LYS C 273 11.17 -7.10 28.32
N ALA C 274 11.58 -5.90 27.89
CA ALA C 274 12.44 -5.78 26.71
C ALA C 274 13.82 -6.43 26.92
N PRO C 275 14.14 -7.45 26.12
CA PRO C 275 15.48 -8.05 26.19
C PRO C 275 16.48 -7.20 25.43
N VAL C 276 17.71 -7.18 25.94
CA VAL C 276 18.76 -6.36 25.37
C VAL C 276 19.93 -7.27 25.18
N ILE C 277 20.17 -7.70 23.94
CA ILE C 277 21.23 -8.66 23.69
C ILE C 277 22.51 -7.91 23.42
N VAL C 278 23.49 -8.10 24.30
CA VAL C 278 24.77 -7.44 24.16
C VAL C 278 25.85 -8.47 23.83
N TYR C 279 26.40 -8.38 22.62
CA TYR C 279 27.50 -9.27 22.20
C TYR C 279 28.86 -8.70 22.55
N GLY C 280 29.86 -9.58 22.60
CA GLY C 280 31.25 -9.20 22.89
C GLY C 280 31.79 -8.01 22.11
N ASP C 281 31.24 -7.78 20.92
CA ASP C 281 31.78 -6.76 20.01
C ASP C 281 30.90 -5.49 19.94
N ALA C 282 30.08 -5.30 20.96
CA ALA C 282 29.28 -4.09 21.12
C ALA C 282 30.19 -2.95 21.48
N ASP C 283 29.71 -1.73 21.29
CA ASP C 283 30.42 -0.57 21.83
C ASP C 283 29.99 -0.43 23.29
N LEU C 284 30.86 -0.87 24.19
CA LEU C 284 30.49 -1.02 25.59
C LEU C 284 30.07 0.28 26.26
N GLU C 285 30.78 1.35 25.93
CA GLU C 285 30.42 2.65 26.44
C GLU C 285 29.00 3.01 26.00
N ALA C 286 28.69 2.75 24.72
CA ALA C 286 27.36 2.99 24.18
C ALA C 286 26.29 2.13 24.87
N VAL C 287 26.59 0.85 25.07
CA VAL C 287 25.66 -0.07 25.71
C VAL C 287 25.30 0.46 27.10
N VAL C 288 26.32 0.88 27.84
CA VAL C 288 26.17 1.32 29.23
C VAL C 288 25.37 2.61 29.33
N ASN C 289 25.73 3.61 28.54
CA ASN C 289 24.95 4.85 28.50
C ASN C 289 23.54 4.59 27.94
N GLY C 290 23.43 3.52 27.15
CA GLY C 290 22.15 3.05 26.65
C GLY C 290 21.24 2.58 27.78
N ILE C 291 21.72 1.63 28.59
CA ILE C 291 20.89 1.10 29.67
C ILE C 291 20.68 2.12 30.78
N ARG C 292 21.69 2.95 31.03
CA ARG C 292 21.60 3.98 32.03
C ARG C 292 20.38 4.84 31.78
N THR C 293 20.14 5.13 30.50
CA THR C 293 19.05 6.01 30.09
C THR C 293 17.75 5.23 29.94
N PHE C 294 17.79 4.13 29.19
CA PHE C 294 16.53 3.53 28.76
C PHE C 294 16.03 2.42 29.69
N GLY C 295 16.87 2.02 30.64
CA GLY C 295 16.46 1.08 31.68
C GLY C 295 15.72 1.81 32.79
N TYR C 296 15.94 3.12 32.88
CA TYR C 296 15.56 3.91 34.06
C TYR C 296 14.68 5.13 33.76
N TYR C 297 14.65 5.54 32.50
CA TYR C 297 13.72 6.58 32.07
C TYR C 297 12.30 6.33 32.58
N ASN C 298 11.67 7.40 33.09
CA ASN C 298 10.34 7.32 33.68
C ASN C 298 10.31 6.35 34.87
N ALA C 299 11.43 6.32 35.61
CA ALA C 299 11.65 5.39 36.71
C ALA C 299 11.32 3.95 36.32
N GLY C 300 11.60 3.60 35.06
CA GLY C 300 11.33 2.25 34.53
C GLY C 300 9.85 1.93 34.31
N GLN C 301 8.98 2.93 34.44
CA GLN C 301 7.56 2.76 34.23
C GLN C 301 7.22 2.99 32.76
N ASP C 302 7.67 2.04 31.95
CA ASP C 302 7.62 2.12 30.52
C ASP C 302 7.70 0.69 30.04
N CYS C 303 6.72 0.29 29.24
CA CYS C 303 6.67 -1.08 28.73
C CYS C 303 7.85 -1.42 27.80
N THR C 304 8.55 -0.42 27.29
CA THR C 304 9.78 -0.65 26.51
C THR C 304 11.12 -0.44 27.26
N ALA C 305 11.07 -0.33 28.59
CA ALA C 305 12.31 -0.21 29.41
C ALA C 305 13.33 -1.32 29.10
N ALA C 306 14.58 -0.94 28.96
CA ALA C 306 15.67 -1.88 28.72
C ALA C 306 16.01 -2.62 30.01
N CYS C 307 15.31 -3.73 30.28
CA CYS C 307 15.31 -4.28 31.62
C CYS C 307 15.84 -5.71 31.75
N ARG C 308 15.80 -6.48 30.67
CA ARG C 308 16.25 -7.86 30.72
C ARG C 308 17.49 -8.01 29.85
N ILE C 309 18.66 -7.82 30.45
CA ILE C 309 19.92 -7.79 29.68
C ILE C 309 20.57 -9.15 29.57
N TYR C 310 20.96 -9.50 28.35
CA TYR C 310 21.76 -10.69 28.11
C TYR C 310 23.11 -10.19 27.62
N ALA C 311 24.15 -10.47 28.39
CA ALA C 311 25.48 -9.99 28.11
C ALA C 311 26.38 -11.18 27.87
N GLU C 312 27.08 -11.15 26.75
CA GLU C 312 28.00 -12.22 26.40
C GLU C 312 29.16 -12.29 27.40
N ALA C 313 29.46 -13.52 27.82
CA ALA C 313 30.50 -13.84 28.80
C ALA C 313 31.75 -12.98 28.77
N GLY C 314 32.30 -12.75 27.58
CA GLY C 314 33.51 -11.94 27.45
C GLY C 314 33.39 -10.52 27.96
N ILE C 315 32.18 -9.97 27.97
CA ILE C 315 31.94 -8.59 28.38
C ILE C 315 30.98 -8.46 29.58
N TYR C 316 30.54 -9.60 30.12
CA TYR C 316 29.55 -9.61 31.20
C TYR C 316 30.01 -8.83 32.45
N GLU C 317 31.22 -9.12 32.93
CA GLU C 317 31.73 -8.51 34.17
C GLU C 317 32.05 -7.03 34.00
N LYS C 318 32.71 -6.67 32.91
CA LYS C 318 32.94 -5.26 32.64
C LYS C 318 31.63 -4.48 32.50
N LEU C 319 30.63 -5.10 31.86
CA LEU C 319 29.33 -4.47 31.70
C LEU C 319 28.63 -4.29 33.04
N VAL C 320 28.58 -5.35 33.84
CA VAL C 320 28.00 -5.25 35.18
C VAL C 320 28.71 -4.16 36.00
N ALA C 321 30.04 -4.21 36.04
CA ALA C 321 30.80 -3.18 36.76
C ALA C 321 30.52 -1.77 36.25
N ASP C 322 30.61 -1.56 34.93
CA ASP C 322 30.40 -0.21 34.36
C ASP C 322 28.96 0.30 34.50
N LEU C 323 27.99 -0.59 34.26
CA LEU C 323 26.58 -0.22 34.43
C LEU C 323 26.27 0.15 35.87
N THR C 324 26.84 -0.59 36.81
CA THR C 324 26.61 -0.35 38.23
C THR C 324 27.09 1.05 38.58
N SER C 325 28.33 1.33 38.18
CA SER C 325 28.92 2.64 38.31
C SER C 325 28.01 3.74 37.69
N ALA C 326 27.56 3.51 36.46
CA ALA C 326 26.72 4.46 35.73
C ALA C 326 25.38 4.72 36.42
N VAL C 327 24.72 3.64 36.81
CA VAL C 327 23.40 3.69 37.41
C VAL C 327 23.42 4.44 38.74
N SER C 328 24.43 4.17 39.56
CA SER C 328 24.56 4.83 40.86
C SER C 328 24.74 6.35 40.78
N THR C 329 24.99 6.88 39.57
CA THR C 329 25.09 8.33 39.39
C THR C 329 23.75 8.94 38.91
N ILE C 330 22.75 8.10 38.64
CA ILE C 330 21.43 8.61 38.24
C ILE C 330 20.85 9.54 39.32
N ARG C 331 20.49 10.75 38.89
CA ARG C 331 19.97 11.79 39.78
C ARG C 331 18.45 11.75 39.87
N TYR C 332 17.93 11.85 41.09
CA TYR C 332 16.48 11.83 41.35
C TYR C 332 16.16 12.41 42.72
N ASN C 333 14.99 13.01 42.85
CA ASN C 333 14.51 13.57 44.11
C ASN C 333 15.32 14.81 44.52
N LEU C 334 15.88 15.51 43.53
CA LEU C 334 16.57 16.75 43.79
C LEU C 334 15.57 17.89 43.85
N ASP C 335 15.90 18.90 44.64
CA ASP C 335 15.11 20.12 44.77
C ASP C 335 14.96 20.84 43.42
N ASP C 336 16.11 21.03 42.75
CA ASP C 336 16.14 21.58 41.40
C ASP C 336 15.67 20.53 40.38
N ASP C 337 14.45 20.69 39.90
CA ASP C 337 13.85 19.66 39.03
C ASP C 337 14.53 19.48 37.67
N THR C 338 15.11 20.56 37.15
CA THR C 338 15.92 20.52 35.91
C THR C 338 17.17 19.63 36.04
N GLU C 339 17.58 19.32 37.27
CA GLU C 339 18.74 18.47 37.54
C GLU C 339 18.34 17.00 37.74
N ASN C 340 17.04 16.74 37.78
CA ASN C 340 16.57 15.36 37.92
C ASN C 340 16.53 14.62 36.59
N GLU C 341 16.92 13.36 36.64
CA GLU C 341 16.98 12.52 35.46
C GLU C 341 15.78 11.59 35.43
N ILE C 342 15.39 11.07 36.60
CA ILE C 342 14.22 10.24 36.71
C ILE C 342 13.36 10.70 37.88
N GLY C 343 12.05 10.45 37.79
CA GLY C 343 11.12 10.78 38.86
C GLY C 343 10.84 9.58 39.74
N PRO C 344 9.81 9.67 40.61
CA PRO C 344 9.44 8.55 41.47
C PRO C 344 8.53 7.54 40.77
N LEU C 345 8.16 6.48 41.48
CA LEU C 345 7.05 5.62 41.08
C LEU C 345 5.74 6.35 41.39
N ILE C 346 4.67 5.96 40.72
CA ILE C 346 3.37 6.66 40.84
C ILE C 346 2.68 6.60 42.22
N SER C 347 2.81 5.49 42.93
CA SER C 347 2.06 5.30 44.18
C SER C 347 2.83 4.45 45.19
N ARG C 348 2.36 4.44 46.44
CA ARG C 348 2.91 3.57 47.49
C ARG C 348 2.82 2.12 47.06
N ARG C 349 1.65 1.74 46.53
CA ARG C 349 1.38 0.39 46.02
C ARG C 349 2.43 -0.03 45.00
N GLN C 350 2.72 0.84 44.05
CA GLN C 350 3.68 0.55 42.98
C GLN C 350 5.11 0.41 43.56
N ARG C 351 5.48 1.30 44.48
CA ARG C 351 6.80 1.19 45.12
C ARG C 351 6.97 -0.12 45.86
N ASP C 352 5.94 -0.52 46.62
CA ASP C 352 6.01 -1.73 47.43
C ASP C 352 6.18 -2.96 46.55
N ARG C 353 5.43 -2.99 45.45
CA ARG C 353 5.44 -4.08 44.49
C ARG C 353 6.85 -4.26 43.91
N VAL C 354 7.47 -3.14 43.56
CA VAL C 354 8.86 -3.12 43.07
C VAL C 354 9.82 -3.56 44.18
N ALA C 355 9.61 -3.04 45.39
CA ALA C 355 10.40 -3.45 46.56
C ALA C 355 10.31 -4.96 46.77
N SER C 356 9.11 -5.51 46.63
CA SER C 356 8.85 -6.93 46.86
C SER C 356 9.49 -7.83 45.79
N PHE C 357 9.51 -7.37 44.54
CA PHE C 357 10.19 -8.08 43.45
C PHE C 357 11.70 -8.15 43.70
N VAL C 358 12.28 -7.03 44.12
CA VAL C 358 13.72 -6.91 44.33
C VAL C 358 14.18 -7.75 45.51
N GLU C 359 13.46 -7.65 46.62
CA GLU C 359 13.70 -8.50 47.79
C GLU C 359 13.61 -9.99 47.43
N ARG C 360 12.58 -10.40 46.69
CA ARG C 360 12.48 -11.81 46.28
C ARG C 360 13.66 -12.22 45.39
N ALA C 361 14.13 -11.29 44.56
CA ALA C 361 15.30 -11.56 43.74
C ALA C 361 16.57 -11.70 44.59
N ALA C 362 16.74 -10.80 45.57
CA ALA C 362 17.90 -10.84 46.46
C ALA C 362 17.97 -12.07 47.38
N ASP C 363 16.81 -12.72 47.62
CA ASP C 363 16.76 -13.97 48.38
C ASP C 363 17.47 -15.09 47.65
N GLN C 364 17.49 -14.99 46.32
CA GLN C 364 18.16 -15.95 45.47
C GLN C 364 19.67 -15.84 45.66
N LYS C 365 20.27 -16.94 46.08
CA LYS C 365 21.68 -16.96 46.46
C LYS C 365 22.65 -16.62 45.32
N HIS C 366 22.25 -16.93 44.08
CA HIS C 366 23.06 -16.65 42.89
C HIS C 366 22.89 -15.22 42.34
N ILE C 367 21.99 -14.46 42.96
CA ILE C 367 21.73 -13.09 42.49
C ILE C 367 22.43 -12.07 43.37
N GLU C 368 23.04 -11.07 42.75
CA GLU C 368 23.69 -10.00 43.48
C GLU C 368 23.13 -8.61 43.07
N ILE C 369 22.48 -7.93 44.02
CA ILE C 369 22.15 -6.52 43.85
C ILE C 369 23.44 -5.72 43.96
N THR C 370 23.91 -5.17 42.84
CA THR C 370 25.19 -4.45 42.85
C THR C 370 25.04 -2.98 43.24
N THR C 371 23.86 -2.43 43.04
CA THR C 371 23.55 -1.07 43.47
C THR C 371 22.06 -0.87 43.57
N GLY C 372 21.66 0.09 44.41
CA GLY C 372 20.25 0.37 44.67
C GLY C 372 19.60 -0.78 45.43
N GLY C 373 18.33 -1.02 45.13
CA GLY C 373 17.62 -2.18 45.68
C GLY C 373 16.74 -1.83 46.86
N ARG C 374 16.70 -0.55 47.20
CA ARG C 374 15.90 -0.07 48.32
C ARG C 374 15.10 1.16 47.95
N THR C 375 14.10 1.48 48.77
CA THR C 375 13.33 2.72 48.61
C THR C 375 14.32 3.90 48.57
N GLY C 376 13.98 4.94 47.81
CA GLY C 376 14.92 6.04 47.57
C GLY C 376 14.59 7.41 48.12
N SER C 377 13.65 7.50 49.05
CA SER C 377 13.28 8.80 49.64
C SER C 377 12.50 8.65 50.94
N ASP C 378 12.58 9.67 51.79
CA ASP C 378 11.89 9.70 53.08
C ASP C 378 10.37 9.86 52.92
N GLU C 379 9.94 10.54 51.86
CA GLU C 379 8.52 10.67 51.53
C GLU C 379 8.38 10.56 50.01
N GLY C 380 7.13 10.46 49.53
CA GLY C 380 6.93 10.18 48.10
C GLY C 380 7.45 8.79 47.76
N PHE C 381 7.35 8.42 46.50
CA PHE C 381 7.42 7.01 46.16
C PHE C 381 8.64 6.58 45.34
N PHE C 382 9.78 7.26 45.55
CA PHE C 382 11.04 6.91 44.91
C PHE C 382 11.54 5.51 45.26
N PHE C 383 12.19 4.87 44.30
CA PHE C 383 12.90 3.62 44.55
C PHE C 383 14.28 3.80 43.93
N GLN C 384 15.32 3.35 44.62
CA GLN C 384 16.68 3.49 44.08
C GLN C 384 16.88 2.73 42.76
N PRO C 385 17.46 3.40 41.76
CA PRO C 385 17.89 2.73 40.52
C PRO C 385 18.74 1.49 40.85
N THR C 386 18.34 0.33 40.33
CA THR C 386 18.86 -0.96 40.78
C THR C 386 19.45 -1.80 39.61
N VAL C 387 20.63 -2.37 39.84
CA VAL C 387 21.21 -3.34 38.93
C VAL C 387 21.21 -4.71 39.62
N VAL C 388 20.52 -5.66 39.01
CA VAL C 388 20.48 -7.03 39.51
C VAL C 388 21.39 -7.90 38.64
N ALA C 389 22.50 -8.37 39.21
CA ALA C 389 23.43 -9.21 38.46
C ALA C 389 23.21 -10.69 38.75
N GLY C 390 23.45 -11.53 37.73
CA GLY C 390 23.43 -12.99 37.90
C GLY C 390 22.10 -13.70 37.77
N ALA C 391 21.04 -12.98 37.37
CA ALA C 391 19.73 -13.59 37.15
C ALA C 391 19.78 -14.61 36.02
N THR C 392 19.03 -15.71 36.19
CA THR C 392 18.98 -16.77 35.19
C THR C 392 17.64 -16.70 34.48
N GLN C 393 17.50 -17.56 33.48
CA GLN C 393 16.32 -17.59 32.65
C GLN C 393 15.06 -18.04 33.41
N GLU C 394 15.20 -18.83 34.48
CA GLU C 394 14.01 -19.21 35.25
C GLU C 394 13.73 -18.36 36.49
N ASP C 395 14.47 -17.27 36.67
CA ASP C 395 14.19 -16.37 37.79
C ASP C 395 12.98 -15.49 37.54
N GLU C 396 12.22 -15.23 38.60
CA GLU C 396 11.09 -14.31 38.52
C GLU C 396 11.44 -12.93 37.91
N ILE C 397 12.58 -12.36 38.31
CA ILE C 397 13.03 -11.04 37.85
C ILE C 397 13.29 -10.95 36.35
N VAL C 398 13.54 -12.10 35.72
CA VAL C 398 13.71 -12.21 34.28
C VAL C 398 12.37 -12.59 33.60
N ARG C 399 11.57 -13.40 34.30
CA ARG C 399 10.31 -13.91 33.74
C ARG C 399 9.11 -12.96 33.85
N ARG C 400 9.10 -12.07 34.84
CA ARG C 400 7.96 -11.19 35.04
C ARG C 400 8.33 -9.70 35.02
N GLU C 401 7.38 -8.89 34.56
CA GLU C 401 7.56 -7.44 34.45
C GLU C 401 7.59 -6.79 35.84
N VAL C 402 8.57 -5.92 36.05
CA VAL C 402 8.72 -5.24 37.35
C VAL C 402 8.15 -3.83 37.31
N PHE C 403 8.49 -3.08 36.26
CA PHE C 403 7.93 -1.73 36.07
C PHE C 403 8.43 -0.78 37.17
N GLY C 404 9.74 -0.86 37.43
CA GLY C 404 10.44 0.04 38.34
C GLY C 404 11.85 0.27 37.82
N PRO C 405 12.65 1.11 38.51
CA PRO C 405 13.96 1.46 37.97
C PRO C 405 14.95 0.33 38.27
N VAL C 406 14.74 -0.80 37.59
CA VAL C 406 15.39 -2.08 37.89
C VAL C 406 15.79 -2.80 36.59
N VAL C 407 17.04 -3.22 36.50
CA VAL C 407 17.55 -3.92 35.33
C VAL C 407 18.26 -5.17 35.83
N SER C 408 18.04 -6.31 35.16
CA SER C 408 18.74 -7.57 35.49
C SER C 408 19.68 -7.95 34.35
N VAL C 409 20.76 -8.65 34.69
CA VAL C 409 21.74 -9.06 33.69
C VAL C 409 21.95 -10.57 33.76
N THR C 410 22.02 -11.18 32.58
CA THR C 410 22.06 -12.61 32.42
C THR C 410 23.18 -12.91 31.44
N ARG C 411 24.13 -13.72 31.88
CA ARG C 411 25.30 -14.05 31.10
C ARG C 411 24.94 -15.18 30.14
N PHE C 412 25.40 -15.06 28.92
CA PHE C 412 25.36 -16.18 27.98
C PHE C 412 26.74 -16.31 27.37
N THR C 413 27.03 -17.48 26.83
CA THR C 413 28.31 -17.75 26.19
C THR C 413 28.14 -17.94 24.68
N GLY C 414 29.26 -18.03 23.96
CA GLY C 414 29.22 -18.23 22.51
C GLY C 414 28.62 -19.57 22.09
N LYS C 415 28.44 -20.48 23.03
CA LYS C 415 27.73 -21.73 22.74
C LYS C 415 26.21 -21.61 22.89
N ASP C 416 25.77 -20.47 23.42
CA ASP C 416 24.37 -20.19 23.70
C ASP C 416 23.75 -19.37 22.58
N ASP C 417 22.55 -19.73 22.16
CA ASP C 417 21.75 -18.90 21.24
C ASP C 417 20.95 -17.85 22.03
N ALA C 418 21.50 -16.63 22.14
CA ALA C 418 20.89 -15.55 22.94
C ALA C 418 19.57 -15.05 22.38
N VAL C 419 19.42 -15.12 21.05
CA VAL C 419 18.15 -14.83 20.42
C VAL C 419 17.12 -15.85 20.93
N ALA C 420 17.44 -17.14 20.87
CA ALA C 420 16.53 -18.14 21.41
C ALA C 420 16.15 -17.87 22.88
N TRP C 421 17.12 -17.47 23.70
CA TRP C 421 16.85 -17.15 25.11
C TRP C 421 15.90 -15.97 25.18
N ALA C 422 16.23 -14.90 24.44
CA ALA C 422 15.39 -13.68 24.40
C ALA C 422 13.95 -14.00 24.01
N ASN C 423 13.81 -14.89 23.02
CA ASN C 423 12.50 -15.34 22.53
C ASN C 423 11.77 -16.23 23.51
N ASP C 424 12.47 -16.80 24.47
CA ASP C 424 11.78 -17.68 25.43
C ASP C 424 11.14 -16.84 26.53
N SER C 425 10.01 -16.24 26.20
CA SER C 425 9.35 -15.29 27.06
C SER C 425 7.86 -15.24 26.77
N ASP C 426 7.07 -14.73 27.69
CA ASP C 426 5.66 -14.50 27.41
C ASP C 426 5.43 -13.09 26.83
N TYR C 427 6.45 -12.25 26.89
CA TYR C 427 6.36 -10.89 26.34
C TYR C 427 6.85 -10.80 24.89
N GLY C 428 6.36 -9.83 24.13
CA GLY C 428 6.69 -9.73 22.70
C GLY C 428 6.68 -8.31 22.17
N LEU C 429 7.03 -7.35 23.01
CA LEU C 429 6.83 -5.93 22.69
C LEU C 429 7.98 -5.20 22.00
N ALA C 430 9.18 -5.29 22.58
CA ALA C 430 10.28 -4.43 22.15
C ALA C 430 11.57 -5.10 22.55
N SER C 431 12.67 -4.79 21.88
CA SER C 431 13.94 -5.46 22.13
C SER C 431 15.08 -4.69 21.47
N SER C 432 16.31 -4.93 21.91
CA SER C 432 17.46 -4.40 21.19
C SER C 432 18.63 -5.37 21.10
N VAL C 433 19.52 -5.10 20.14
CA VAL C 433 20.69 -5.92 19.92
C VAL C 433 21.81 -4.94 19.76
N TRP C 434 22.90 -5.20 20.46
CA TRP C 434 24.09 -4.36 20.35
C TRP C 434 25.26 -5.22 19.92
N THR C 435 25.93 -4.75 18.86
CA THR C 435 27.07 -5.37 18.22
C THR C 435 27.47 -4.43 17.10
N LYS C 436 28.76 -4.39 16.76
CA LYS C 436 29.20 -3.67 15.58
C LYS C 436 29.05 -4.53 14.32
N ASP C 437 28.94 -5.84 14.52
CA ASP C 437 28.86 -6.81 13.44
C ASP C 437 27.47 -6.79 12.79
N ILE C 438 27.41 -6.29 11.57
CA ILE C 438 26.16 -6.21 10.80
C ILE C 438 25.47 -7.58 10.65
N SER C 439 26.27 -8.61 10.41
CA SER C 439 25.71 -9.95 10.24
C SER C 439 24.94 -10.46 11.46
N LYS C 440 25.55 -10.45 12.64
CA LYS C 440 24.86 -10.86 13.87
C LYS C 440 23.66 -9.99 14.12
N ALA C 441 23.78 -8.72 13.79
CA ALA C 441 22.72 -7.77 14.07
C ALA C 441 21.47 -8.06 13.22
N ARG C 443 20.85 -10.96 11.64
CA ARG C 443 20.34 -12.28 12.01
C ARG C 443 19.37 -12.17 13.19
N ALA C 444 19.77 -11.42 14.21
CA ALA C 444 18.93 -11.23 15.38
C ALA C 444 17.68 -10.42 15.05
N ALA C 445 17.82 -9.32 14.31
CA ALA C 445 16.65 -8.52 13.92
C ALA C 445 15.66 -9.42 13.21
N SER C 446 16.20 -10.33 12.41
CA SER C 446 15.39 -11.17 11.59
C SER C 446 14.56 -12.13 12.45
N ARG C 447 15.15 -12.62 13.54
CA ARG C 447 14.64 -13.77 14.28
C ARG C 447 13.97 -13.42 15.61
N LEU C 448 14.03 -12.16 16.03
CA LEU C 448 13.47 -11.79 17.32
C LEU C 448 11.96 -11.70 17.29
N GLN C 449 11.32 -12.27 18.30
CA GLN C 449 9.87 -12.33 18.38
C GLN C 449 9.29 -11.16 19.17
N TYR C 450 9.55 -9.98 18.66
CA TYR C 450 9.20 -8.74 19.32
C TYR C 450 8.65 -7.73 18.32
N GLY C 451 7.58 -7.05 18.72
CA GLY C 451 6.96 -6.02 17.89
C GLY C 451 8.02 -5.07 17.35
N CYS C 452 9.08 -4.85 18.11
CA CYS C 452 10.08 -3.85 17.76
C CYS C 452 11.46 -4.39 18.12
N THR C 453 12.45 -4.12 17.26
CA THR C 453 13.83 -4.52 17.52
C THR C 453 14.72 -3.34 17.10
N TRP C 454 15.42 -2.74 18.07
CA TRP C 454 16.39 -1.66 17.80
C TRP C 454 17.80 -2.26 17.68
N ILE C 455 18.64 -1.65 16.85
CA ILE C 455 20.01 -2.10 16.79
C ILE C 455 20.92 -0.98 17.21
N ASN C 456 21.71 -1.24 18.26
CA ASN C 456 22.66 -0.27 18.81
C ASN C 456 21.94 0.99 19.30
N THR C 457 20.71 0.80 19.77
CA THR C 457 20.02 1.82 20.54
C THR C 457 18.86 1.08 21.18
N HIS C 458 18.00 1.81 21.87
CA HIS C 458 16.80 1.27 22.48
C HIS C 458 15.90 2.47 22.66
N PHE C 459 14.59 2.24 22.73
CA PHE C 459 13.67 3.22 23.31
C PHE C 459 13.22 4.34 22.37
N LEU C 461 11.30 6.06 19.60
CA LEU C 461 10.06 5.92 18.85
C LEU C 461 9.88 7.04 17.84
N THR C 462 9.04 6.80 16.84
CA THR C 462 8.71 7.80 15.84
C THR C 462 7.25 7.58 15.41
N ASN C 463 6.50 8.66 15.30
CA ASN C 463 5.06 8.59 15.10
C ASN C 463 4.61 7.86 13.82
N GLU C 464 5.52 7.71 12.84
CA GLU C 464 5.19 6.98 11.63
C GLU C 464 5.33 5.48 11.80
N PRO C 466 5.12 1.78 13.79
CA PRO C 466 4.21 1.08 14.72
C PRO C 466 4.85 0.53 16.01
N HIS C 467 4.12 0.68 17.12
CA HIS C 467 4.53 0.12 18.41
C HIS C 467 3.41 -0.76 18.93
N GLY C 468 3.71 -2.02 19.20
CA GLY C 468 2.68 -2.95 19.68
C GLY C 468 3.26 -4.35 19.76
N GLY C 469 2.67 -5.22 20.56
CA GLY C 469 3.34 -6.45 20.95
C GLY C 469 2.82 -7.68 20.23
N ILE C 470 3.43 -8.82 20.56
CA ILE C 470 2.88 -10.15 20.23
C ILE C 470 2.85 -10.98 21.52
N LYS C 471 2.39 -12.23 21.45
CA LYS C 471 2.22 -13.06 22.64
C LYS C 471 1.41 -12.29 23.70
N GLN C 472 1.87 -12.30 24.94
CA GLN C 472 1.07 -11.74 26.04
C GLN C 472 1.19 -10.25 26.22
N SER C 473 2.07 -9.63 25.43
CA SER C 473 2.08 -8.18 25.26
C SER C 473 0.83 -7.70 24.50
N GLY C 474 0.14 -8.61 23.83
CA GLY C 474 -1.13 -8.26 23.18
C GLY C 474 -1.04 -8.12 21.68
N TYR C 475 -1.81 -7.16 21.16
CA TYR C 475 -1.93 -6.92 19.70
C TYR C 475 -2.60 -5.61 19.42
N GLY C 476 -2.49 -5.16 18.16
CA GLY C 476 -2.88 -3.80 17.79
C GLY C 476 -1.63 -2.94 17.89
N LYS C 477 -1.64 -1.80 17.22
CA LYS C 477 -0.48 -0.94 17.23
C LYS C 477 -0.87 0.43 17.72
N ASP C 478 0.08 1.15 18.32
CA ASP C 478 -0.09 2.59 18.55
C ASP C 478 0.92 3.34 17.69
N SER C 480 1.73 5.22 13.85
CA SER C 480 1.69 4.69 12.50
C SER C 480 0.27 4.60 11.92
N VAL C 481 0.19 4.40 10.61
CA VAL C 481 -1.09 4.15 9.95
C VAL C 481 -1.76 2.85 10.46
N TYR C 482 -0.99 1.91 11.00
CA TYR C 482 -1.61 0.65 11.50
C TYR C 482 -2.56 0.94 12.65
N ALA C 483 -2.26 1.96 13.48
CA ALA C 483 -3.16 2.36 14.56
C ALA C 483 -4.52 2.72 13.99
N LEU C 484 -4.47 3.52 12.92
CA LEU C 484 -5.68 3.94 12.22
C LEU C 484 -6.39 2.76 11.55
N GLU C 485 -5.65 1.84 10.95
CA GLU C 485 -6.26 0.62 10.40
C GLU C 485 -7.01 -0.18 11.47
N ASP C 486 -6.46 -0.27 12.69
CA ASP C 486 -7.11 -0.97 13.82
C ASP C 486 -8.49 -0.39 14.15
N TYR C 487 -8.67 0.92 13.94
CA TYR C 487 -9.93 1.59 14.30
C TYR C 487 -10.90 1.79 13.13
N THR C 488 -10.63 1.10 12.02
CA THR C 488 -11.54 1.11 10.88
C THR C 488 -11.97 -0.27 10.44
N ALA C 489 -13.11 -0.33 9.75
CA ALA C 489 -13.63 -1.57 9.21
C ALA C 489 -13.35 -1.65 7.71
N VAL C 490 -12.68 -2.70 7.29
CA VAL C 490 -12.50 -2.98 5.85
C VAL C 490 -13.81 -3.46 5.23
N ARG C 491 -14.28 -2.72 4.22
CA ARG C 491 -15.53 -3.09 3.51
C ARG C 491 -15.35 -3.35 2.02
N HIS C 492 -15.92 -4.47 1.55
CA HIS C 492 -15.93 -4.78 0.13
C HIS C 492 -17.26 -4.39 -0.51
N ILE C 493 -17.20 -3.48 -1.49
CA ILE C 493 -18.37 -3.10 -2.28
C ILE C 493 -18.21 -3.64 -3.69
N ILE C 495 -20.31 -3.96 -7.33
CA ILE C 495 -21.43 -3.54 -8.17
C ILE C 495 -21.53 -4.40 -9.42
N ASN C 496 -22.61 -5.16 -9.53
CA ASN C 496 -22.87 -5.94 -10.74
C ASN C 496 -23.40 -5.03 -11.84
N HIS C 497 -22.66 -4.88 -12.93
CA HIS C 497 -23.09 -3.97 -13.97
C HIS C 497 -23.35 -4.63 -15.33
N GLY C 498 -22.64 -5.72 -15.63
CA GLY C 498 -22.91 -6.56 -16.81
C GLY C 498 -21.93 -6.42 -17.97
N ASP D 25 -9.45 -41.78 3.45
CA ASP D 25 -8.45 -41.37 4.44
C ASP D 25 -9.11 -41.09 5.79
N THR D 26 -8.59 -41.72 6.84
CA THR D 26 -9.21 -41.68 8.17
C THR D 26 -8.20 -41.31 9.25
N GLN D 27 -6.95 -41.08 8.83
CA GLN D 27 -5.85 -40.84 9.77
C GLN D 27 -5.63 -39.34 10.06
N LEU D 28 -5.41 -39.05 11.33
CA LEU D 28 -5.04 -37.71 11.75
C LEU D 28 -3.61 -37.42 11.30
N LEU D 29 -3.32 -36.18 10.94
CA LEU D 29 -1.96 -35.82 10.60
C LEU D 29 -1.31 -35.19 11.82
N ILE D 30 -0.49 -35.97 12.51
CA ILE D 30 0.19 -35.51 13.71
C ILE D 30 1.71 -35.51 13.52
N GLY D 31 2.25 -34.34 13.18
CA GLY D 31 3.68 -34.22 12.92
C GLY D 31 4.10 -35.11 11.76
N SER D 32 5.21 -35.83 11.93
CA SER D 32 5.74 -36.65 10.83
C SER D 32 5.03 -38.00 10.64
N ARG D 33 3.85 -38.17 11.22
CA ARG D 33 3.13 -39.42 11.00
C ARG D 33 1.60 -39.32 11.02
N PHE D 34 0.98 -40.26 10.32
CA PHE D 34 -0.46 -40.43 10.28
C PHE D 34 -0.86 -41.48 11.30
N GLU D 35 -2.06 -41.34 11.84
CA GLU D 35 -2.35 -41.90 13.14
C GLU D 35 -3.85 -41.82 13.35
N ALA D 36 -4.48 -42.97 13.58
CA ALA D 36 -5.90 -43.02 13.95
C ALA D 36 -6.14 -42.24 15.24
N GLY D 37 -7.32 -41.64 15.37
CA GLY D 37 -7.73 -41.04 16.64
C GLY D 37 -7.84 -42.15 17.69
N THR D 38 -7.65 -41.81 18.96
CA THR D 38 -7.75 -42.80 20.02
C THR D 38 -9.00 -42.61 20.89
N GLU D 39 -9.69 -41.49 20.70
CA GLU D 39 -10.88 -41.19 21.51
C GLU D 39 -12.21 -41.55 20.84
N ALA D 40 -13.32 -41.07 21.41
CA ALA D 40 -14.68 -41.43 20.99
C ALA D 40 -14.94 -41.17 19.51
N GLU D 41 -15.64 -42.10 18.87
CA GLU D 41 -15.97 -42.01 17.45
C GLU D 41 -17.10 -41.04 17.15
N GLU D 42 -16.94 -40.27 16.08
CA GLU D 42 -18.05 -39.50 15.54
C GLU D 42 -18.76 -40.32 14.48
N HIS D 43 -20.09 -40.34 14.53
CA HIS D 43 -20.89 -41.02 13.50
C HIS D 43 -21.16 -40.06 12.33
N ILE D 44 -20.24 -40.05 11.35
CA ILE D 44 -20.34 -39.20 10.16
C ILE D 44 -21.53 -39.65 9.30
N LEU D 45 -22.50 -38.76 9.13
CA LEU D 45 -23.74 -39.10 8.43
C LEU D 45 -23.82 -38.54 7.02
N ASN D 46 -24.44 -39.31 6.13
CA ASN D 46 -24.90 -38.78 4.85
C ASN D 46 -26.16 -37.96 5.14
N PRO D 47 -26.11 -36.62 4.93
CA PRO D 47 -27.25 -35.77 5.25
C PRO D 47 -28.47 -36.00 4.34
N ARG D 48 -28.25 -36.53 3.13
CA ARG D 48 -29.33 -36.85 2.19
C ARG D 48 -30.18 -38.05 2.61
N THR D 49 -29.54 -39.10 3.12
CA THR D 49 -30.26 -40.32 3.50
C THR D 49 -30.31 -40.58 5.02
N GLY D 50 -29.45 -39.88 5.77
CA GLY D 50 -29.36 -40.10 7.22
C GLY D 50 -28.49 -41.29 7.62
N ALA D 51 -28.14 -42.12 6.64
CA ALA D 51 -27.29 -43.31 6.85
C ALA D 51 -25.85 -42.92 7.22
N GLY D 52 -25.20 -43.75 8.04
CA GLY D 52 -23.82 -43.51 8.44
C GLY D 52 -22.81 -43.71 7.31
N ILE D 53 -22.02 -42.68 7.04
CA ILE D 53 -20.90 -42.77 6.09
C ILE D 53 -19.74 -43.54 6.73
N ILE D 54 -19.33 -43.11 7.92
CA ILE D 54 -18.19 -43.73 8.65
C ILE D 54 -18.19 -43.37 10.15
N ASP D 55 -17.67 -44.29 10.98
CA ASP D 55 -17.36 -44.00 12.38
C ASP D 55 -15.90 -43.59 12.51
N LEU D 56 -15.65 -42.47 13.15
CA LEU D 56 -14.32 -41.87 13.13
C LEU D 56 -13.88 -41.34 14.49
N ALA D 57 -12.89 -42.03 15.07
CA ALA D 57 -12.35 -41.69 16.38
C ALA D 57 -11.69 -40.31 16.38
N GLU D 58 -11.88 -39.59 17.49
CA GLU D 58 -11.26 -38.26 17.61
C GLU D 58 -9.87 -38.29 18.26
N ALA D 59 -9.12 -37.22 18.07
CA ALA D 59 -7.83 -37.04 18.72
C ALA D 59 -8.00 -37.10 20.23
N SER D 60 -7.09 -37.80 20.91
CA SER D 60 -6.93 -37.67 22.35
C SER D 60 -6.16 -36.38 22.64
N HIS D 61 -6.12 -36.02 23.93
CA HIS D 61 -5.36 -34.86 24.38
C HIS D 61 -3.87 -35.05 24.10
N ALA D 62 -3.41 -36.29 24.23
CA ALA D 62 -2.03 -36.65 23.92
C ALA D 62 -1.71 -36.34 22.45
N GLN D 63 -2.61 -36.74 21.56
CA GLN D 63 -2.47 -36.42 20.13
C GLN D 63 -2.56 -34.93 19.83
N ILE D 64 -3.47 -34.22 20.50
CA ILE D 64 -3.54 -32.76 20.36
C ILE D 64 -2.21 -32.11 20.76
N ASP D 65 -1.69 -32.52 21.91
CA ASP D 65 -0.38 -32.02 22.38
C ASP D 65 0.72 -32.37 21.40
N ALA D 66 0.74 -33.63 20.97
CA ALA D 66 1.68 -34.04 19.94
C ALA D 66 1.63 -33.13 18.68
N ALA D 67 0.41 -32.84 18.21
CA ALA D 67 0.22 -32.04 17.02
C ALA D 67 0.77 -30.64 17.27
N VAL D 68 0.39 -30.03 18.39
CA VAL D 68 0.88 -28.69 18.75
C VAL D 68 2.41 -28.68 18.94
N ASP D 69 2.96 -29.76 19.51
CA ASP D 69 4.42 -29.88 19.72
C ASP D 69 5.18 -29.96 18.41
N ALA D 70 4.62 -30.71 17.47
CA ALA D 70 5.15 -30.82 16.10
C ALA D 70 5.12 -29.45 15.41
N ALA D 71 3.95 -28.79 15.46
CA ALA D 71 3.83 -27.41 15.02
C ALA D 71 4.92 -26.51 15.60
N GLU D 72 5.23 -26.67 16.88
CA GLU D 72 6.22 -25.82 17.54
C GLU D 72 7.61 -26.11 16.99
N ARG D 73 7.88 -27.39 16.80
CA ARG D 73 9.13 -27.83 16.21
C ARG D 73 9.28 -27.34 14.78
N ALA D 74 8.24 -27.49 13.97
CA ALA D 74 8.33 -27.08 12.55
C ALA D 74 8.41 -25.56 12.42
N PHE D 75 7.86 -24.85 13.39
CA PHE D 75 7.90 -23.39 13.31
C PHE D 75 9.31 -22.84 13.16
N VAL D 76 10.29 -23.49 13.80
CA VAL D 76 11.66 -22.98 13.83
C VAL D 76 12.20 -22.78 12.42
N GLY D 77 12.08 -23.80 11.58
CA GLY D 77 12.55 -23.72 10.21
C GLY D 77 11.54 -23.07 9.27
N TRP D 78 10.25 -23.35 9.47
CA TRP D 78 9.22 -22.84 8.56
C TRP D 78 9.05 -21.29 8.64
N SER D 79 9.34 -20.72 9.80
CA SER D 79 9.19 -19.26 9.96
C SER D 79 10.34 -18.54 9.27
N GLN D 80 11.31 -19.31 8.79
CA GLN D 80 12.56 -18.81 8.24
C GLN D 80 12.64 -19.03 6.72
N THR D 81 11.57 -19.52 6.14
CA THR D 81 11.48 -19.66 4.70
C THR D 81 11.22 -18.30 4.07
N THR D 82 11.67 -18.13 2.83
CA THR D 82 11.40 -16.94 2.06
C THR D 82 9.96 -16.95 1.49
N PRO D 83 9.43 -15.77 1.16
CA PRO D 83 8.11 -15.72 0.49
C PRO D 83 8.01 -16.62 -0.78
N ALA D 84 9.05 -16.64 -1.61
CA ALA D 84 9.08 -17.51 -2.77
C ALA D 84 8.92 -18.99 -2.38
N GLU D 85 9.59 -19.42 -1.32
CA GLU D 85 9.56 -20.82 -0.93
C GLU D 85 8.14 -21.19 -0.50
N ARG D 86 7.53 -20.31 0.27
CA ARG D 86 6.19 -20.56 0.73
C ARG D 86 5.19 -20.43 -0.41
N SER D 87 5.46 -19.53 -1.36
CA SER D 87 4.60 -19.41 -2.53
C SER D 87 4.59 -20.70 -3.33
N ASN D 88 5.77 -21.25 -3.59
CA ASN D 88 5.88 -22.49 -4.34
C ASN D 88 5.12 -23.61 -3.65
N ALA D 89 5.24 -23.68 -2.33
CA ALA D 89 4.48 -24.68 -1.61
C ALA D 89 2.97 -24.49 -1.79
N LEU D 90 2.46 -23.24 -1.75
CA LEU D 90 1.02 -23.02 -1.93
C LEU D 90 0.55 -23.40 -3.34
N LEU D 91 1.40 -23.15 -4.34
CA LEU D 91 1.10 -23.55 -5.70
C LEU D 91 1.03 -25.07 -5.85
N LYS D 92 1.88 -25.79 -5.12
CA LYS D 92 1.91 -27.27 -5.21
C LYS D 92 0.68 -27.86 -4.57
N ILE D 93 0.21 -27.27 -3.46
CA ILE D 93 -1.04 -27.71 -2.85
C ILE D 93 -2.19 -27.50 -3.87
N ALA D 94 -2.15 -26.38 -4.57
CA ALA D 94 -3.14 -26.06 -5.62
C ALA D 94 -3.15 -27.08 -6.77
N ASP D 95 -1.97 -27.46 -7.27
CA ASP D 95 -1.84 -28.54 -8.27
C ASP D 95 -2.45 -29.85 -7.79
N ALA D 96 -2.07 -30.24 -6.58
CA ALA D 96 -2.48 -31.49 -6.01
C ALA D 96 -3.99 -31.55 -5.91
N ILE D 97 -4.61 -30.46 -5.48
CA ILE D 97 -6.07 -30.38 -5.42
C ILE D 97 -6.70 -30.47 -6.82
N GLU D 98 -6.19 -29.67 -7.75
CA GLU D 98 -6.64 -29.69 -9.15
C GLU D 98 -6.55 -31.10 -9.74
N LYS D 99 -5.42 -31.75 -9.55
CA LYS D 99 -5.19 -33.07 -10.09
C LYS D 99 -6.20 -34.08 -9.56
N GLU D 100 -6.83 -33.75 -8.43
CA GLU D 100 -7.78 -34.65 -7.80
C GLU D 100 -9.10 -33.97 -7.52
N ALA D 101 -9.37 -32.90 -8.27
CA ALA D 101 -10.59 -32.12 -8.08
C ALA D 101 -11.84 -33.03 -8.06
N ASP D 102 -11.89 -34.00 -8.98
CA ASP D 102 -13.06 -34.87 -9.11
C ASP D 102 -13.36 -35.63 -7.82
N GLU D 103 -12.35 -36.32 -7.29
CA GLU D 103 -12.54 -37.10 -6.07
C GLU D 103 -12.83 -36.20 -4.88
N PHE D 104 -12.18 -35.04 -4.85
CA PHE D 104 -12.48 -34.09 -3.80
C PHE D 104 -13.93 -33.66 -3.89
N ALA D 105 -14.36 -33.28 -5.09
CA ALA D 105 -15.75 -32.89 -5.32
C ALA D 105 -16.76 -33.96 -4.90
N ALA D 106 -16.45 -35.22 -5.20
CA ALA D 106 -17.38 -36.32 -4.90
C ALA D 106 -17.47 -36.57 -3.41
N LEU D 107 -16.31 -36.51 -2.75
CA LEU D 107 -16.23 -36.70 -1.32
C LEU D 107 -16.94 -35.57 -0.58
N GLU D 108 -16.77 -34.33 -1.05
CA GLU D 108 -17.51 -33.21 -0.47
C GLU D 108 -19.03 -33.40 -0.67
N ALA D 109 -19.45 -33.66 -1.92
CA ALA D 109 -20.85 -33.94 -2.25
C ALA D 109 -21.46 -35.02 -1.36
N LEU D 110 -20.71 -36.10 -1.12
CA LEU D 110 -21.16 -37.18 -0.24
C LEU D 110 -21.34 -36.73 1.21
N ASN D 111 -20.32 -36.04 1.73
CA ASN D 111 -20.28 -35.55 3.13
C ASN D 111 -21.37 -34.52 3.45
N CYS D 112 -21.70 -33.67 2.47
CA CYS D 112 -22.60 -32.55 2.73
C CYS D 112 -23.95 -32.60 2.01
N GLY D 113 -24.16 -33.62 1.19
CA GLY D 113 -25.37 -33.69 0.37
C GLY D 113 -25.52 -32.60 -0.68
N LYS D 114 -24.44 -31.86 -0.96
CA LYS D 114 -24.44 -30.87 -2.03
C LYS D 114 -24.55 -31.55 -3.40
N PRO D 115 -25.26 -30.91 -4.34
CA PRO D 115 -25.29 -31.34 -5.73
C PRO D 115 -23.89 -31.39 -6.34
N ILE D 116 -23.57 -32.53 -6.94
CA ILE D 116 -22.24 -32.82 -7.47
C ILE D 116 -21.64 -31.75 -8.39
N ASN D 117 -22.44 -31.17 -9.29
CA ASN D 117 -21.94 -30.19 -10.25
C ASN D 117 -21.74 -28.81 -9.64
N ALA D 118 -22.51 -28.51 -8.59
CA ALA D 118 -22.29 -27.28 -7.82
C ALA D 118 -20.88 -27.31 -7.21
N VAL D 119 -20.49 -28.51 -6.74
CA VAL D 119 -19.19 -28.74 -6.10
C VAL D 119 -18.09 -28.71 -7.15
N LYS D 120 -18.26 -29.48 -8.22
CA LYS D 120 -17.31 -29.50 -9.32
C LYS D 120 -17.15 -28.12 -9.96
N ASN D 121 -18.27 -27.46 -10.26
CA ASN D 121 -18.27 -26.23 -11.05
C ASN D 121 -18.07 -24.94 -10.26
N ASP D 122 -18.66 -24.84 -9.05
CA ASP D 122 -18.51 -23.60 -8.27
C ASP D 122 -17.40 -23.68 -7.24
N GLU D 123 -17.41 -24.76 -6.45
CA GLU D 123 -16.53 -24.85 -5.29
C GLU D 123 -15.07 -25.17 -5.64
N LEU D 124 -14.83 -26.22 -6.42
CA LEU D 124 -13.44 -26.65 -6.68
C LEU D 124 -12.56 -25.58 -7.33
N PRO D 125 -13.08 -24.88 -8.35
CA PRO D 125 -12.21 -23.91 -9.00
C PRO D 125 -11.95 -22.75 -8.06
N ALA D 126 -12.95 -22.37 -7.26
CA ALA D 126 -12.80 -21.35 -6.22
C ALA D 126 -11.74 -21.74 -5.20
N ILE D 127 -11.75 -23.01 -4.80
CA ILE D 127 -10.82 -23.57 -3.83
C ILE D 127 -9.40 -23.58 -4.39
N ILE D 128 -9.21 -24.08 -5.60
CA ILE D 128 -7.90 -24.10 -6.26
C ILE D 128 -7.38 -22.67 -6.50
N ASP D 129 -8.30 -21.76 -6.86
CA ASP D 129 -7.93 -20.37 -7.06
C ASP D 129 -7.46 -19.73 -5.75
N CYS D 130 -8.05 -20.15 -4.64
CA CYS D 130 -7.70 -19.62 -3.32
C CYS D 130 -6.22 -19.88 -2.97
N TRP D 131 -5.80 -21.14 -3.11
CA TRP D 131 -4.39 -21.51 -2.86
C TRP D 131 -3.48 -20.70 -3.79
N ARG D 132 -3.88 -20.58 -5.06
CA ARG D 132 -3.10 -19.83 -6.06
C ARG D 132 -3.11 -18.35 -5.76
N PHE D 133 -4.25 -17.83 -5.33
CA PHE D 133 -4.28 -16.45 -4.95
C PHE D 133 -3.27 -16.19 -3.80
N PHE D 134 -3.30 -17.03 -2.76
CA PHE D 134 -2.41 -16.84 -1.61
C PHE D 134 -0.92 -16.99 -1.94
N ALA D 135 -0.60 -17.90 -2.85
CA ALA D 135 0.76 -17.98 -3.38
C ALA D 135 1.29 -16.65 -3.91
N GLY D 136 0.39 -15.84 -4.45
CA GLY D 136 0.79 -14.54 -4.96
C GLY D 136 0.83 -13.48 -3.87
N ALA D 137 -0.16 -13.47 -2.98
CA ALA D 137 -0.24 -12.42 -1.95
C ALA D 137 0.96 -12.49 -0.98
N VAL D 138 1.45 -13.70 -0.78
CA VAL D 138 2.63 -13.98 0.04
C VAL D 138 3.88 -13.27 -0.45
N ARG D 139 3.94 -12.97 -1.74
CA ARG D 139 5.09 -12.28 -2.31
C ARG D 139 4.79 -10.81 -2.53
N ASN D 140 3.65 -10.39 -1.98
CA ASN D 140 3.11 -9.09 -2.31
C ASN D 140 2.57 -8.29 -1.12
N LEU D 141 3.15 -8.50 0.06
CA LEU D 141 2.80 -7.67 1.19
C LEU D 141 3.50 -6.32 1.12
N HIS D 142 2.78 -5.30 1.57
CA HIS D 142 3.26 -3.91 1.53
C HIS D 142 3.35 -3.40 2.96
N ALA D 143 4.05 -2.30 3.14
CA ALA D 143 4.13 -1.68 4.46
C ALA D 143 4.67 -0.27 4.29
N PRO D 144 4.63 0.58 5.33
CA PRO D 144 5.28 1.90 5.18
C PRO D 144 6.72 1.71 4.75
N ALA D 145 7.21 2.62 3.90
CA ALA D 145 8.50 2.45 3.25
C ALA D 145 9.64 2.56 4.26
N ALA D 146 10.73 1.83 4.03
CA ALA D 146 11.92 1.94 4.87
C ALA D 146 12.52 3.33 4.65
N GLY D 147 13.17 3.90 5.67
CA GLY D 147 13.76 5.23 5.57
C GLY D 147 14.28 5.78 6.90
N GLU D 148 14.84 6.99 6.87
CA GLU D 148 15.25 7.62 8.12
C GLU D 148 14.18 8.52 8.66
N TYR D 149 13.32 7.95 9.49
CA TYR D 149 12.28 8.73 10.13
C TYR D 149 12.76 9.56 11.36
N LEU D 150 13.80 9.08 12.03
CA LEU D 150 14.57 9.85 13.01
C LEU D 150 15.95 10.06 12.44
N PRO D 151 16.53 11.27 12.60
CA PRO D 151 17.84 11.47 12.00
C PRO D 151 18.85 10.42 12.48
N GLY D 152 19.66 9.90 11.57
CA GLY D 152 20.69 8.93 11.90
C GLY D 152 20.18 7.53 12.16
N HIS D 153 18.89 7.30 11.97
CA HIS D 153 18.27 5.99 12.21
C HIS D 153 17.48 5.50 11.01
N THR D 154 17.74 4.27 10.56
CA THR D 154 17.05 3.67 9.42
C THR D 154 15.99 2.70 9.94
N SER D 155 14.71 2.96 9.65
CA SER D 155 13.60 2.09 10.05
C SER D 155 13.10 1.25 8.87
N ILE D 157 9.79 -1.92 8.08
CA ILE D 157 8.70 -2.75 8.58
C ILE D 157 8.68 -4.09 7.87
N ARG D 158 8.62 -5.15 8.67
CA ARG D 158 8.49 -6.51 8.21
C ARG D 158 7.14 -7.05 8.64
N ARG D 159 6.63 -8.05 7.93
CA ARG D 159 5.44 -8.74 8.36
C ARG D 159 5.88 -10.17 8.57
N ASP D 160 6.02 -10.57 9.83
CA ASP D 160 6.62 -11.85 10.19
C ASP D 160 5.57 -12.82 10.65
N PRO D 161 5.95 -14.10 10.81
CA PRO D 161 5.04 -15.10 11.35
C PRO D 161 4.59 -14.69 12.75
N ILE D 162 3.40 -15.15 13.16
CA ILE D 162 2.90 -14.93 14.51
C ILE D 162 3.24 -16.09 15.47
N GLY D 163 3.08 -17.33 15.01
CA GLY D 163 3.38 -18.48 15.83
C GLY D 163 2.59 -19.70 15.40
N ILE D 164 1.96 -20.33 16.37
CA ILE D 164 1.20 -21.54 16.11
C ILE D 164 -0.26 -21.14 16.05
N VAL D 165 -0.92 -21.50 14.95
CA VAL D 165 -2.35 -21.21 14.78
C VAL D 165 -3.21 -22.46 15.01
N GLY D 166 -4.25 -22.29 15.82
CA GLY D 166 -5.27 -23.30 15.95
C GLY D 166 -6.44 -22.89 15.07
N SER D 167 -6.78 -23.75 14.12
CA SER D 167 -7.76 -23.41 13.09
C SER D 167 -8.93 -24.36 13.21
N ILE D 168 -10.13 -23.80 13.29
CA ILE D 168 -11.33 -24.62 13.47
C ILE D 168 -12.40 -24.25 12.42
N ALA D 169 -12.87 -25.28 11.73
CA ALA D 169 -13.71 -25.11 10.55
C ALA D 169 -15.15 -25.56 10.81
N PRO D 170 -16.13 -24.87 10.16
CA PRO D 170 -17.56 -25.25 10.26
C PRO D 170 -17.87 -26.39 9.29
N TRP D 171 -19.11 -26.87 9.28
CA TRP D 171 -19.45 -28.00 8.40
C TRP D 171 -19.94 -27.60 7.00
N ASN D 172 -20.34 -26.33 6.83
CA ASN D 172 -21.06 -25.89 5.62
C ASN D 172 -20.26 -25.82 4.30
N TYR D 173 -18.97 -25.50 4.35
CA TYR D 173 -18.12 -25.52 3.15
C TYR D 173 -16.74 -26.08 3.49
N PRO D 174 -16.68 -27.37 3.88
CA PRO D 174 -15.51 -27.90 4.60
C PRO D 174 -14.16 -27.65 3.91
N LEU D 175 -14.06 -28.06 2.63
CA LEU D 175 -12.80 -27.98 1.90
C LEU D 175 -12.43 -26.54 1.59
N ALA D 179 -9.20 -24.20 2.82
CA ALA D 179 -8.37 -23.29 2.01
C ALA D 179 -8.23 -21.92 2.68
N TRP D 180 -9.37 -21.34 3.08
CA TRP D 180 -9.41 -20.01 3.70
C TRP D 180 -8.61 -19.96 4.98
N LYS D 181 -8.67 -21.03 5.77
CA LYS D 181 -7.91 -21.05 7.02
C LYS D 181 -6.43 -21.34 6.80
N LEU D 182 -6.12 -22.34 5.99
CA LEU D 182 -4.75 -22.83 5.95
C LEU D 182 -3.84 -22.01 5.03
N ALA D 183 -4.35 -21.63 3.87
CA ALA D 183 -3.52 -20.91 2.86
C ALA D 183 -2.83 -19.71 3.45
N PRO D 184 -3.59 -18.76 4.04
CA PRO D 184 -2.94 -17.55 4.60
C PRO D 184 -2.08 -17.84 5.87
N ALA D 185 -2.46 -18.86 6.65
CA ALA D 185 -1.74 -19.21 7.88
C ALA D 185 -0.33 -19.73 7.56
N ILE D 186 -0.27 -20.77 6.74
CA ILE D 186 0.97 -21.36 6.26
C ILE D 186 1.77 -20.33 5.47
N GLY D 187 1.05 -19.54 4.66
CA GLY D 187 1.68 -18.60 3.77
C GLY D 187 2.32 -17.49 4.53
N GLY D 188 1.80 -17.22 5.72
CA GLY D 188 2.41 -16.22 6.61
C GLY D 188 3.65 -16.69 7.36
N GLY D 189 4.06 -17.94 7.16
CA GLY D 189 5.24 -18.49 7.87
C GLY D 189 4.88 -19.22 9.17
N ASN D 190 3.58 -19.38 9.40
CA ASN D 190 3.07 -19.98 10.59
C ASN D 190 2.95 -21.47 10.41
N THR D 191 2.89 -22.18 11.54
CA THR D 191 2.53 -23.60 11.54
C THR D 191 1.13 -23.68 12.15
N VAL D 192 0.44 -24.79 11.90
CA VAL D 192 -1.00 -24.82 12.09
C VAL D 192 -1.46 -26.16 12.58
N VAL D 193 -2.39 -26.14 13.52
CA VAL D 193 -3.10 -27.34 13.92
C VAL D 193 -4.58 -27.08 13.55
N PHE D 194 -5.08 -27.89 12.63
CA PHE D 194 -6.34 -27.63 12.00
C PHE D 194 -7.40 -28.65 12.41
N LYS D 195 -8.57 -28.17 12.82
CA LYS D 195 -9.68 -29.09 13.14
C LYS D 195 -10.98 -28.84 12.35
N PRO D 196 -11.34 -29.80 11.46
CA PRO D 196 -12.61 -29.76 10.72
C PRO D 196 -13.77 -29.97 11.68
N SER D 197 -14.98 -29.70 11.20
CA SER D 197 -16.18 -29.95 11.98
C SER D 197 -16.31 -31.46 12.15
N GLU D 198 -16.91 -31.88 13.27
CA GLU D 198 -17.04 -33.30 13.60
C GLU D 198 -17.84 -34.04 12.54
N GLN D 199 -18.75 -33.32 11.89
CA GLN D 199 -19.65 -33.86 10.88
C GLN D 199 -19.02 -34.03 9.51
N THR D 200 -18.01 -33.21 9.21
CA THR D 200 -17.42 -33.17 7.87
C THR D 200 -15.88 -33.23 7.85
N PRO D 201 -15.27 -34.26 8.46
CA PRO D 201 -13.81 -34.28 8.46
C PRO D 201 -13.21 -34.82 7.16
N LEU D 202 -14.08 -35.36 6.31
CA LEU D 202 -13.63 -36.16 5.17
C LEU D 202 -12.64 -35.47 4.23
N THR D 203 -12.99 -34.31 3.68
CA THR D 203 -12.08 -33.71 2.70
C THR D 203 -10.79 -33.25 3.36
N ALA D 204 -10.86 -32.98 4.65
CA ALA D 204 -9.68 -32.60 5.44
C ALA D 204 -8.64 -33.71 5.56
N LEU D 205 -9.10 -34.96 5.70
CA LEU D 205 -8.19 -36.08 5.87
C LEU D 205 -7.51 -36.47 4.57
N LYS D 206 -8.24 -36.42 3.47
CA LYS D 206 -7.67 -36.57 2.13
C LYS D 206 -6.66 -35.44 1.78
N LEU D 207 -7.02 -34.20 2.06
CA LEU D 207 -6.08 -33.08 1.79
C LEU D 207 -4.82 -33.15 2.67
N ALA D 208 -4.96 -33.73 3.86
CA ALA D 208 -3.85 -33.94 4.79
C ALA D 208 -2.80 -34.89 4.23
N ARG D 209 -3.27 -36.03 3.69
CA ARG D 209 -2.39 -36.97 3.00
C ARG D 209 -1.61 -36.28 1.88
N LEU D 210 -2.27 -35.39 1.15
CA LEU D 210 -1.63 -34.65 0.06
C LEU D 210 -0.63 -33.60 0.52
N ILE D 211 -1.00 -32.86 1.57
CA ILE D 211 -0.16 -31.80 2.09
C ILE D 211 1.12 -32.39 2.71
N ALA D 212 0.96 -33.56 3.34
CA ALA D 212 2.10 -34.28 3.96
C ALA D 212 3.22 -34.60 2.96
N ASP D 213 2.91 -34.61 1.67
CA ASP D 213 3.91 -34.94 0.65
C ASP D 213 4.56 -33.69 0.10
N ILE D 214 4.09 -32.53 0.54
CA ILE D 214 4.58 -31.28 -0.02
C ILE D 214 5.28 -30.45 1.05
N LEU D 215 4.61 -30.31 2.20
CA LEU D 215 5.11 -29.50 3.29
C LEU D 215 6.06 -30.26 4.21
N PRO D 216 7.00 -29.55 4.86
CA PRO D 216 7.79 -30.19 5.92
C PRO D 216 6.87 -30.61 7.07
N GLU D 217 7.25 -31.69 7.75
CA GLU D 217 6.42 -32.32 8.78
C GLU D 217 6.12 -31.37 9.93
N GLY D 218 4.87 -31.34 10.35
CA GLY D 218 4.48 -30.49 11.47
C GLY D 218 4.06 -29.08 11.10
N VAL D 219 4.25 -28.69 9.84
CA VAL D 219 3.82 -27.35 9.39
C VAL D 219 2.29 -27.30 9.40
N VAL D 220 1.67 -28.35 8.87
CA VAL D 220 0.23 -28.51 8.97
C VAL D 220 -0.09 -29.80 9.70
N ASN D 221 -0.93 -29.69 10.72
CA ASN D 221 -1.37 -30.84 11.49
C ASN D 221 -2.88 -30.88 11.54
N VAL D 222 -3.47 -32.07 11.38
CA VAL D 222 -4.91 -32.16 11.21
C VAL D 222 -5.47 -33.16 12.20
N ILE D 223 -6.33 -32.67 13.06
CA ILE D 223 -6.92 -33.52 14.08
C ILE D 223 -8.43 -33.52 13.92
N THR D 224 -9.07 -34.57 14.42
CA THR D 224 -10.53 -34.63 14.35
C THR D 224 -11.14 -34.70 15.75
N GLY D 225 -12.40 -34.32 15.84
CA GLY D 225 -13.15 -34.42 17.10
C GLY D 225 -14.17 -33.32 17.34
N ARG D 226 -14.94 -33.51 18.40
CA ARG D 226 -16.00 -32.58 18.79
C ARG D 226 -15.45 -31.25 19.24
N GLY D 227 -16.26 -30.20 19.08
CA GLY D 227 -15.89 -28.87 19.54
C GLY D 227 -15.71 -28.75 21.06
N GLU D 228 -16.51 -29.49 21.82
CA GLU D 228 -16.49 -29.40 23.28
C GLU D 228 -15.33 -30.16 23.94
N THR D 229 -14.71 -31.05 23.19
CA THR D 229 -13.57 -31.81 23.70
C THR D 229 -12.31 -31.36 22.97
N VAL D 230 -12.16 -31.82 21.73
CA VAL D 230 -10.97 -31.59 20.93
C VAL D 230 -10.78 -30.11 20.58
N GLY D 231 -11.87 -29.43 20.23
CA GLY D 231 -11.77 -28.03 19.84
C GLY D 231 -11.43 -27.23 21.07
N ASN D 232 -12.12 -27.55 22.16
CA ASN D 232 -11.85 -26.93 23.45
C ASN D 232 -10.40 -27.08 23.93
N ALA D 233 -9.80 -28.24 23.67
CA ALA D 233 -8.44 -28.49 24.10
C ALA D 233 -7.48 -27.64 23.26
N LEU D 234 -7.70 -27.63 21.95
CA LEU D 234 -6.89 -26.82 21.03
C LEU D 234 -6.93 -25.32 21.32
N ILE D 235 -8.11 -24.79 21.60
CA ILE D 235 -8.20 -23.34 21.80
C ILE D 235 -7.68 -22.91 23.18
N ASN D 236 -7.48 -23.88 24.07
CA ASN D 236 -6.95 -23.60 25.40
C ASN D 236 -5.48 -23.97 25.52
N HIS D 237 -4.92 -24.57 24.48
CA HIS D 237 -3.54 -25.02 24.55
C HIS D 237 -2.60 -23.81 24.67
N PRO D 238 -1.71 -23.83 25.69
CA PRO D 238 -0.89 -22.66 26.05
C PRO D 238 0.05 -22.27 24.94
N LYS D 239 0.44 -23.24 24.11
CA LYS D 239 1.40 -22.95 23.07
C LYS D 239 0.76 -22.30 21.84
N VAL D 240 -0.57 -22.30 21.79
CA VAL D 240 -1.24 -21.78 20.60
C VAL D 240 -1.38 -20.24 20.67
N GLY D 241 -0.81 -19.56 19.70
CA GLY D 241 -0.77 -18.10 19.69
C GLY D 241 -1.97 -17.39 19.07
N VAL D 243 -6.07 -18.14 17.37
CA VAL D 243 -7.18 -19.06 17.09
C VAL D 243 -8.07 -18.47 16.01
N SER D 244 -8.34 -19.27 14.99
CA SER D 244 -9.23 -18.85 13.91
C SER D 244 -10.44 -19.76 13.90
N ILE D 245 -11.61 -19.16 13.88
CA ILE D 245 -12.83 -19.95 13.87
C ILE D 245 -13.96 -19.35 13.01
N THR D 246 -14.69 -20.23 12.33
CA THR D 246 -15.94 -19.89 11.67
C THR D 246 -17.00 -20.82 12.21
N GLY D 247 -18.14 -20.25 12.61
CA GLY D 247 -19.20 -21.00 13.27
C GLY D 247 -20.19 -20.07 13.93
N ASP D 248 -20.92 -20.58 14.91
CA ASP D 248 -21.96 -19.83 15.61
C ASP D 248 -21.40 -18.67 16.45
N ILE D 249 -22.21 -17.64 16.69
CA ILE D 249 -21.84 -16.56 17.62
C ILE D 249 -21.42 -17.12 18.99
N ALA D 250 -22.14 -18.14 19.46
CA ALA D 250 -21.84 -18.79 20.75
C ALA D 250 -20.43 -19.41 20.80
N THR D 251 -20.03 -20.04 19.70
CA THR D 251 -18.70 -20.64 19.59
C THR D 251 -17.60 -19.57 19.64
N GLY D 252 -17.80 -18.48 18.92
CA GLY D 252 -16.88 -17.35 18.96
C GLY D 252 -16.72 -16.78 20.35
N LYS D 253 -17.82 -16.71 21.11
CA LYS D 253 -17.75 -16.23 22.49
C LYS D 253 -16.92 -17.16 23.37
N LYS D 254 -17.05 -18.47 23.18
CA LYS D 254 -16.14 -19.42 23.81
C LYS D 254 -14.68 -19.14 23.41
N VAL D 255 -14.44 -18.87 22.13
CA VAL D 255 -13.08 -18.65 21.69
C VAL D 255 -12.45 -17.42 22.37
N LEU D 256 -13.21 -16.33 22.46
CA LEU D 256 -12.75 -15.13 23.17
C LEU D 256 -12.50 -15.41 24.64
N ALA D 257 -13.35 -16.26 25.23
CA ALA D 257 -13.24 -16.63 26.62
C ALA D 257 -11.93 -17.39 26.89
N ALA D 258 -11.65 -18.42 26.07
CA ALA D 258 -10.36 -19.13 26.11
C ALA D 258 -9.19 -18.17 25.82
N ALA D 259 -9.31 -17.40 24.74
CA ALA D 259 -8.28 -16.41 24.40
C ALA D 259 -7.90 -15.57 25.62
N ALA D 260 -8.89 -15.19 26.42
CA ALA D 260 -8.68 -14.34 27.58
C ALA D 260 -7.67 -14.94 28.55
N LYS D 261 -7.61 -16.27 28.64
CA LYS D 261 -6.72 -16.94 29.59
C LYS D 261 -5.22 -16.70 29.32
N THR D 262 -4.84 -16.61 28.05
CA THR D 262 -3.43 -16.46 27.71
C THR D 262 -3.21 -15.41 26.62
N VAL D 263 -4.19 -14.54 26.45
CA VAL D 263 -4.10 -13.41 25.52
C VAL D 263 -3.70 -13.84 24.10
N LYS D 264 -4.40 -14.83 23.56
CA LYS D 264 -4.17 -15.27 22.18
C LYS D 264 -4.82 -14.29 21.21
N ARG D 265 -4.23 -14.13 20.02
CA ARG D 265 -4.90 -13.41 18.93
C ARG D 265 -6.06 -14.24 18.44
N THR D 266 -7.08 -13.55 17.91
CA THR D 266 -8.27 -14.23 17.42
C THR D 266 -8.69 -13.72 16.06
N HIS D 267 -9.45 -14.55 15.37
CA HIS D 267 -9.94 -14.34 14.03
C HIS D 267 -11.32 -15.04 14.04
N LEU D 268 -12.40 -14.25 14.01
CA LEU D 268 -13.78 -14.77 14.19
C LEU D 268 -14.73 -14.43 13.02
N GLU D 269 -15.24 -15.49 12.40
CA GLU D 269 -16.30 -15.35 11.40
C GLU D 269 -17.55 -16.02 11.92
N LEU D 270 -18.48 -15.20 12.42
CA LEU D 270 -19.54 -15.71 13.30
C LEU D 270 -20.97 -15.73 12.73
N GLY D 271 -21.10 -15.75 11.41
CA GLY D 271 -22.40 -15.85 10.77
C GLY D 271 -23.10 -14.51 10.58
N GLY D 272 -24.26 -14.56 9.95
CA GLY D 272 -24.97 -13.35 9.60
C GLY D 272 -26.35 -13.60 9.04
N LYS D 273 -27.21 -12.63 9.25
CA LYS D 273 -28.50 -12.59 8.60
C LYS D 273 -28.38 -11.42 7.61
N ALA D 274 -27.96 -11.73 6.37
CA ALA D 274 -27.70 -10.69 5.38
C ALA D 274 -28.97 -9.96 4.93
N PRO D 275 -29.02 -8.62 5.16
CA PRO D 275 -30.14 -7.79 4.71
C PRO D 275 -30.08 -7.55 3.21
N VAL D 276 -31.27 -7.62 2.60
CA VAL D 276 -31.46 -7.39 1.17
C VAL D 276 -32.45 -6.25 1.02
N ILE D 277 -31.95 -5.08 0.62
CA ILE D 277 -32.78 -3.92 0.43
C ILE D 277 -33.19 -3.81 -1.03
N VAL D 278 -34.50 -3.81 -1.26
CA VAL D 278 -35.06 -3.85 -2.62
C VAL D 278 -35.88 -2.58 -2.82
N TYR D 279 -35.34 -1.65 -3.60
CA TYR D 279 -36.05 -0.41 -3.93
C TYR D 279 -37.07 -0.67 -5.03
N GLY D 280 -38.02 0.27 -5.15
CA GLY D 280 -39.11 0.21 -6.14
C GLY D 280 -38.68 0.06 -7.58
N ASP D 281 -37.51 0.61 -7.91
CA ASP D 281 -36.99 0.57 -9.25
C ASP D 281 -35.97 -0.55 -9.44
N ALA D 282 -36.02 -1.55 -8.56
CA ALA D 282 -35.16 -2.73 -8.73
C ALA D 282 -35.65 -3.50 -9.95
N ASP D 283 -34.80 -4.31 -10.54
CA ASP D 283 -35.27 -5.23 -11.56
C ASP D 283 -35.80 -6.44 -10.80
N LEU D 284 -37.10 -6.50 -10.60
CA LEU D 284 -37.72 -7.55 -9.77
C LEU D 284 -37.41 -8.97 -10.23
N GLU D 285 -37.28 -9.15 -11.54
CA GLU D 285 -36.94 -10.44 -12.11
C GLU D 285 -35.51 -10.83 -11.69
N ALA D 286 -34.58 -9.88 -11.79
CA ALA D 286 -33.21 -10.09 -11.31
C ALA D 286 -33.23 -10.34 -9.81
N VAL D 287 -33.94 -9.49 -9.06
CA VAL D 287 -34.05 -9.65 -7.60
C VAL D 287 -34.56 -11.03 -7.20
N VAL D 288 -35.65 -11.48 -7.82
CA VAL D 288 -36.27 -12.79 -7.49
C VAL D 288 -35.34 -13.93 -7.88
N ASN D 289 -34.84 -13.92 -9.12
CA ASN D 289 -33.88 -14.94 -9.55
C ASN D 289 -32.62 -14.95 -8.67
N GLY D 290 -32.17 -13.76 -8.28
CA GLY D 290 -31.09 -13.59 -7.33
C GLY D 290 -31.34 -14.22 -5.97
N ILE D 291 -32.50 -13.96 -5.37
CA ILE D 291 -32.87 -14.57 -4.08
C ILE D 291 -33.10 -16.07 -4.21
N ARG D 292 -33.72 -16.49 -5.31
CA ARG D 292 -33.99 -17.90 -5.58
C ARG D 292 -32.74 -18.77 -5.42
N THR D 293 -31.66 -18.39 -6.10
CA THR D 293 -30.42 -19.12 -6.03
C THR D 293 -29.59 -18.72 -4.79
N PHE D 294 -29.29 -17.43 -4.65
CA PHE D 294 -28.38 -16.95 -3.59
C PHE D 294 -28.98 -16.96 -2.17
N GLY D 295 -30.31 -16.98 -2.09
CA GLY D 295 -30.99 -17.09 -0.80
C GLY D 295 -31.20 -18.53 -0.34
N TYR D 296 -31.04 -19.47 -1.26
CA TYR D 296 -31.28 -20.90 -0.99
C TYR D 296 -30.09 -21.80 -1.32
N TYR D 297 -29.03 -21.22 -1.88
CA TYR D 297 -27.79 -21.94 -2.19
C TYR D 297 -27.28 -22.64 -0.94
N ASN D 298 -26.86 -23.90 -1.12
CA ASN D 298 -26.32 -24.70 -0.02
C ASN D 298 -27.38 -24.87 1.05
N ALA D 299 -28.64 -24.95 0.61
CA ALA D 299 -29.83 -25.01 1.47
C ALA D 299 -29.89 -23.83 2.46
N GLY D 300 -29.33 -22.68 2.05
CA GLY D 300 -29.28 -21.49 2.89
C GLY D 300 -28.38 -21.63 4.11
N GLN D 301 -27.52 -22.65 4.11
CA GLN D 301 -26.50 -22.81 5.15
C GLN D 301 -25.23 -22.07 4.72
N ASP D 302 -25.37 -20.76 4.68
CA ASP D 302 -24.33 -19.86 4.20
C ASP D 302 -24.49 -18.58 4.99
N CYS D 303 -23.38 -18.06 5.50
CA CYS D 303 -23.37 -16.89 6.35
C CYS D 303 -23.78 -15.62 5.54
N THR D 304 -23.57 -15.69 4.23
CA THR D 304 -23.89 -14.57 3.32
C THR D 304 -25.29 -14.72 2.68
N ALA D 305 -26.01 -15.78 3.03
CA ALA D 305 -27.35 -16.05 2.46
C ALA D 305 -28.30 -14.85 2.52
N ALA D 306 -28.96 -14.58 1.40
CA ALA D 306 -29.93 -13.49 1.30
C ALA D 306 -31.21 -13.95 1.99
N CYS D 307 -31.46 -13.45 3.19
CA CYS D 307 -32.54 -14.00 4.01
C CYS D 307 -33.42 -12.98 4.70
N ARG D 308 -32.89 -11.77 4.92
CA ARG D 308 -33.66 -10.71 5.57
C ARG D 308 -33.96 -9.62 4.52
N ILE D 309 -35.12 -9.74 3.89
CA ILE D 309 -35.45 -8.86 2.77
C ILE D 309 -36.25 -7.65 3.20
N TYR D 310 -35.74 -6.47 2.87
CA TYR D 310 -36.47 -5.23 3.00
C TYR D 310 -36.92 -4.81 1.62
N ALA D 311 -38.23 -4.68 1.45
CA ALA D 311 -38.86 -4.42 0.15
C ALA D 311 -39.65 -3.13 0.18
N GLU D 312 -39.37 -2.20 -0.74
CA GLU D 312 -40.17 -0.98 -0.86
C GLU D 312 -41.65 -1.30 -1.07
N ALA D 313 -42.52 -0.54 -0.40
CA ALA D 313 -43.95 -0.82 -0.33
C ALA D 313 -44.61 -1.02 -1.69
N GLY D 314 -44.22 -0.21 -2.68
CA GLY D 314 -44.76 -0.35 -4.03
C GLY D 314 -44.53 -1.70 -4.73
N ILE D 315 -43.45 -2.40 -4.39
CA ILE D 315 -43.15 -3.70 -5.04
C ILE D 315 -43.22 -4.90 -4.09
N TYR D 316 -43.53 -4.61 -2.82
CA TYR D 316 -43.61 -5.61 -1.77
C TYR D 316 -44.49 -6.81 -2.13
N GLU D 317 -45.73 -6.56 -2.52
CA GLU D 317 -46.66 -7.63 -2.86
C GLU D 317 -46.23 -8.39 -4.12
N LYS D 318 -45.82 -7.67 -5.16
CA LYS D 318 -45.31 -8.35 -6.34
C LYS D 318 -44.11 -9.24 -5.99
N LEU D 319 -43.20 -8.73 -5.16
CA LEU D 319 -41.99 -9.47 -4.77
C LEU D 319 -42.32 -10.81 -4.09
N VAL D 320 -43.16 -10.75 -3.06
CA VAL D 320 -43.61 -11.93 -2.35
C VAL D 320 -44.24 -12.94 -3.33
N ALA D 321 -45.19 -12.48 -4.13
CA ALA D 321 -45.91 -13.31 -5.09
C ALA D 321 -44.98 -14.05 -6.05
N ASP D 322 -44.18 -13.28 -6.78
CA ASP D 322 -43.25 -13.79 -7.78
C ASP D 322 -42.16 -14.66 -7.16
N LEU D 323 -41.76 -14.31 -5.95
CA LEU D 323 -40.71 -15.04 -5.23
C LEU D 323 -41.24 -16.39 -4.76
N THR D 324 -42.51 -16.41 -4.35
CA THR D 324 -43.15 -17.64 -3.89
C THR D 324 -43.18 -18.72 -4.98
N SER D 325 -43.56 -18.34 -6.19
CA SER D 325 -43.66 -19.30 -7.29
C SER D 325 -42.31 -19.75 -7.86
N ALA D 326 -41.34 -18.82 -7.93
CA ALA D 326 -39.99 -19.15 -8.39
C ALA D 326 -39.23 -20.03 -7.39
N VAL D 327 -39.55 -19.87 -6.12
CA VAL D 327 -38.96 -20.67 -5.02
C VAL D 327 -39.52 -22.10 -4.96
N SER D 328 -40.80 -22.25 -5.33
CA SER D 328 -41.46 -23.57 -5.31
C SER D 328 -40.97 -24.50 -6.43
N THR D 329 -40.19 -23.94 -7.36
CA THR D 329 -39.61 -24.70 -8.47
C THR D 329 -38.18 -25.19 -8.17
N ILE D 330 -37.61 -24.73 -7.06
CA ILE D 330 -36.27 -25.15 -6.61
C ILE D 330 -36.24 -26.67 -6.38
N ARG D 331 -35.35 -27.34 -7.11
CA ARG D 331 -35.25 -28.79 -7.09
C ARG D 331 -34.27 -29.26 -6.00
N TYR D 332 -34.71 -30.24 -5.22
CA TYR D 332 -33.92 -30.85 -4.15
C TYR D 332 -34.35 -32.32 -3.97
N ASN D 333 -33.44 -33.14 -3.49
CA ASN D 333 -33.69 -34.57 -3.20
C ASN D 333 -34.13 -35.41 -4.40
N LEU D 334 -33.83 -34.93 -5.61
CA LEU D 334 -34.14 -35.69 -6.81
C LEU D 334 -33.17 -36.85 -6.96
N ASP D 335 -33.70 -38.00 -7.39
CA ASP D 335 -32.93 -39.25 -7.53
C ASP D 335 -31.65 -39.11 -8.36
N ASP D 336 -31.58 -38.05 -9.16
CA ASP D 336 -30.41 -37.74 -9.98
C ASP D 336 -29.76 -36.44 -9.52
N ASP D 337 -28.52 -36.55 -9.03
CA ASP D 337 -27.78 -35.42 -8.46
C ASP D 337 -27.33 -34.40 -9.52
N THR D 338 -27.81 -34.56 -10.75
CA THR D 338 -27.58 -33.56 -11.80
C THR D 338 -28.66 -32.49 -11.74
N GLU D 339 -29.88 -32.89 -11.38
CA GLU D 339 -31.05 -31.99 -11.38
C GLU D 339 -31.25 -31.23 -10.06
N ASN D 340 -30.55 -31.66 -9.01
CA ASN D 340 -30.65 -31.00 -7.70
C ASN D 340 -30.02 -29.61 -7.67
N GLU D 341 -30.77 -28.65 -7.14
CA GLU D 341 -30.29 -27.27 -7.02
C GLU D 341 -29.82 -26.95 -5.60
N ILE D 342 -30.54 -27.46 -4.60
CA ILE D 342 -30.13 -27.35 -3.21
C ILE D 342 -30.11 -28.74 -2.53
N GLY D 343 -29.21 -28.90 -1.56
CA GLY D 343 -29.10 -30.15 -0.80
C GLY D 343 -29.91 -30.12 0.48
N PRO D 344 -29.67 -31.09 1.39
CA PRO D 344 -30.35 -31.07 2.69
C PRO D 344 -29.60 -30.23 3.75
N LEU D 345 -30.15 -30.20 4.97
CA LEU D 345 -29.44 -29.62 6.09
C LEU D 345 -28.47 -30.68 6.64
N ILE D 346 -27.42 -30.22 7.33
CA ILE D 346 -26.34 -31.12 7.82
C ILE D 346 -26.81 -32.24 8.74
N SER D 347 -27.73 -31.93 9.66
CA SER D 347 -28.15 -32.87 10.71
C SER D 347 -29.64 -32.75 11.05
N ARG D 348 -30.17 -33.77 11.73
CA ARG D 348 -31.54 -33.76 12.24
C ARG D 348 -31.73 -32.59 13.21
N ARG D 349 -30.70 -32.33 14.01
CA ARG D 349 -30.65 -31.20 14.94
C ARG D 349 -30.76 -29.86 14.21
N GLN D 350 -30.02 -29.71 13.11
CA GLN D 350 -30.06 -28.51 12.27
C GLN D 350 -31.45 -28.31 11.65
N ARG D 351 -32.06 -29.40 11.18
CA ARG D 351 -33.40 -29.38 10.57
C ARG D 351 -34.50 -28.99 11.56
N ASP D 352 -34.43 -29.53 12.76
CA ASP D 352 -35.42 -29.24 13.81
C ASP D 352 -35.33 -27.78 14.27
N ARG D 353 -34.12 -27.21 14.25
CA ARG D 353 -33.91 -25.80 14.59
C ARG D 353 -34.50 -24.87 13.52
N VAL D 354 -34.27 -25.21 12.24
CA VAL D 354 -34.88 -24.51 11.11
C VAL D 354 -36.41 -24.58 11.18
N ALA D 355 -36.94 -25.77 11.53
CA ALA D 355 -38.39 -25.99 11.70
C ALA D 355 -38.98 -25.25 12.90
N SER D 356 -38.17 -25.06 13.94
CA SER D 356 -38.55 -24.32 15.14
C SER D 356 -38.76 -22.82 14.88
N PHE D 357 -37.81 -22.22 14.17
CA PHE D 357 -37.89 -20.80 13.78
C PHE D 357 -39.06 -20.53 12.85
N VAL D 358 -39.40 -21.53 12.03
CA VAL D 358 -40.48 -21.42 11.06
C VAL D 358 -41.86 -21.51 11.72
N GLU D 359 -41.97 -22.39 12.72
CA GLU D 359 -43.21 -22.54 13.50
C GLU D 359 -43.54 -21.28 14.30
N ARG D 360 -42.54 -20.76 15.02
CA ARG D 360 -42.69 -19.56 15.83
C ARG D 360 -42.88 -18.28 14.99
N ALA D 361 -42.56 -18.36 13.70
CA ALA D 361 -42.90 -17.31 12.73
C ALA D 361 -44.36 -17.46 12.29
N ALA D 362 -44.73 -18.67 11.86
CA ALA D 362 -46.11 -19.04 11.52
C ALA D 362 -47.06 -18.86 12.71
N ASP D 363 -46.47 -18.58 13.87
CA ASP D 363 -47.19 -18.28 15.11
C ASP D 363 -48.03 -17.02 14.96
N GLN D 364 -47.45 -15.98 14.35
CA GLN D 364 -48.05 -14.65 14.26
C GLN D 364 -49.24 -14.56 13.32
N LYS D 365 -50.27 -13.81 13.73
CA LYS D 365 -51.46 -13.58 12.90
C LYS D 365 -51.24 -12.52 11.81
N HIS D 366 -49.98 -12.07 11.65
CA HIS D 366 -49.61 -11.09 10.62
C HIS D 366 -48.51 -11.63 9.69
N ILE D 367 -47.93 -12.77 10.07
CA ILE D 367 -46.94 -13.47 9.27
C ILE D 367 -47.63 -14.59 8.49
N GLU D 368 -47.25 -14.76 7.23
CA GLU D 368 -47.70 -15.92 6.46
C GLU D 368 -46.58 -16.66 5.71
N ILE D 369 -46.59 -17.99 5.82
CA ILE D 369 -45.72 -18.88 5.07
C ILE D 369 -46.35 -19.13 3.70
N THR D 370 -45.82 -18.48 2.67
CA THR D 370 -46.42 -18.56 1.34
C THR D 370 -46.04 -19.84 0.58
N THR D 371 -44.85 -20.36 0.84
CA THR D 371 -44.41 -21.64 0.28
C THR D 371 -43.50 -22.38 1.27
N GLY D 372 -43.44 -23.70 1.13
CA GLY D 372 -42.66 -24.54 2.03
C GLY D 372 -43.12 -24.42 3.47
N GLY D 373 -42.17 -24.42 4.40
CA GLY D 373 -42.48 -24.36 5.83
C GLY D 373 -42.40 -25.71 6.53
N ARG D 374 -42.62 -26.78 5.78
CA ARG D 374 -42.55 -28.15 6.29
C ARG D 374 -41.16 -28.75 6.05
N THR D 375 -40.89 -29.91 6.65
CA THR D 375 -39.70 -30.69 6.31
C THR D 375 -39.94 -31.38 4.96
N GLY D 376 -38.87 -31.63 4.21
CA GLY D 376 -39.01 -32.11 2.82
C GLY D 376 -38.52 -33.51 2.47
N SER D 377 -38.66 -34.45 3.41
CA SER D 377 -38.28 -35.85 3.18
C SER D 377 -38.54 -36.73 4.42
N ASP D 378 -38.61 -38.05 4.20
CA ASP D 378 -38.72 -39.03 5.30
C ASP D 378 -37.32 -39.41 5.77
N GLU D 379 -36.51 -39.87 4.82
CA GLU D 379 -35.11 -40.20 5.06
C GLU D 379 -34.29 -38.96 4.71
N GLY D 380 -33.32 -38.64 5.57
CA GLY D 380 -32.46 -37.48 5.37
C GLY D 380 -32.91 -36.25 6.14
N PHE D 381 -32.29 -35.11 5.82
CA PHE D 381 -32.55 -33.88 6.58
C PHE D 381 -32.89 -32.69 5.66
N PHE D 382 -33.76 -32.96 4.68
CA PHE D 382 -34.20 -31.93 3.74
C PHE D 382 -35.24 -30.98 4.36
N PHE D 383 -35.15 -29.70 3.99
CA PHE D 383 -36.19 -28.74 4.32
C PHE D 383 -36.66 -28.04 3.06
N GLN D 384 -37.98 -27.90 2.94
CA GLN D 384 -38.63 -27.20 1.82
C GLN D 384 -38.17 -25.74 1.77
N PRO D 385 -37.88 -25.23 0.55
CA PRO D 385 -37.62 -23.79 0.37
C PRO D 385 -38.81 -22.97 0.88
N THR D 386 -38.54 -22.01 1.77
CA THR D 386 -39.60 -21.32 2.51
C THR D 386 -39.60 -19.82 2.28
N VAL D 387 -40.78 -19.26 2.05
CA VAL D 387 -40.95 -17.81 2.05
C VAL D 387 -41.83 -17.41 3.24
N VAL D 388 -41.27 -16.57 4.10
CA VAL D 388 -41.99 -15.99 5.22
C VAL D 388 -42.26 -14.53 4.84
N ALA D 389 -43.53 -14.15 4.86
CA ALA D 389 -43.93 -12.80 4.47
C ALA D 389 -44.67 -12.09 5.60
N GLY D 390 -44.58 -10.76 5.61
CA GLY D 390 -45.31 -9.95 6.59
C GLY D 390 -44.50 -9.68 7.84
N ALA D 391 -43.34 -10.34 7.92
CA ALA D 391 -42.44 -10.21 9.06
C ALA D 391 -42.02 -8.75 9.30
N THR D 392 -41.93 -8.39 10.58
CA THR D 392 -41.54 -7.04 11.00
C THR D 392 -40.15 -7.06 11.63
N GLN D 393 -39.58 -5.88 11.88
CA GLN D 393 -38.29 -5.72 12.55
C GLN D 393 -38.28 -6.37 13.95
N GLU D 394 -39.47 -6.43 14.55
CA GLU D 394 -39.67 -6.98 15.88
C GLU D 394 -39.53 -8.49 15.94
N ASP D 395 -39.89 -9.17 14.85
CA ASP D 395 -40.06 -10.63 14.84
C ASP D 395 -38.76 -11.45 14.94
N GLU D 396 -38.91 -12.68 15.42
CA GLU D 396 -37.79 -13.61 15.65
C GLU D 396 -37.06 -14.00 14.36
N ILE D 397 -37.85 -14.27 13.32
CA ILE D 397 -37.32 -14.72 12.02
C ILE D 397 -36.45 -13.66 11.32
N VAL D 398 -36.73 -12.38 11.61
CA VAL D 398 -35.97 -11.24 11.09
C VAL D 398 -34.74 -10.93 11.95
N ARG D 399 -34.94 -10.79 13.26
CA ARG D 399 -33.87 -10.43 14.20
C ARG D 399 -32.80 -11.52 14.43
N ARG D 400 -33.21 -12.79 14.34
CA ARG D 400 -32.30 -13.92 14.58
C ARG D 400 -32.05 -14.77 13.32
N GLU D 401 -30.84 -15.33 13.22
CA GLU D 401 -30.40 -16.16 12.09
C GLU D 401 -31.12 -17.53 12.05
N VAL D 402 -31.56 -17.93 10.86
CA VAL D 402 -32.32 -19.18 10.66
C VAL D 402 -31.40 -20.33 10.19
N PHE D 403 -30.43 -19.99 9.33
CA PHE D 403 -29.48 -20.95 8.75
C PHE D 403 -30.14 -22.16 8.07
N GLY D 404 -31.06 -21.85 7.17
CA GLY D 404 -31.78 -22.87 6.40
C GLY D 404 -32.31 -22.30 5.10
N PRO D 405 -33.13 -23.09 4.36
CA PRO D 405 -33.70 -22.58 3.11
C PRO D 405 -34.97 -21.75 3.41
N VAL D 406 -34.76 -20.65 4.14
CA VAL D 406 -35.83 -19.75 4.60
C VAL D 406 -35.43 -18.29 4.32
N VAL D 407 -36.43 -17.46 4.05
CA VAL D 407 -36.24 -16.05 3.74
C VAL D 407 -37.45 -15.31 4.31
N SER D 408 -37.21 -14.15 4.93
CA SER D 408 -38.33 -13.32 5.42
C SER D 408 -38.40 -11.97 4.70
N VAL D 409 -39.62 -11.44 4.52
CA VAL D 409 -39.83 -10.17 3.81
C VAL D 409 -40.49 -9.11 4.69
N THR D 410 -39.97 -7.89 4.62
CA THR D 410 -40.38 -6.77 5.46
C THR D 410 -40.59 -5.49 4.63
N ARG D 411 -41.76 -4.89 4.76
CA ARG D 411 -42.16 -3.71 3.99
C ARG D 411 -41.52 -2.44 4.55
N PHE D 412 -41.06 -1.55 3.66
CA PHE D 412 -40.69 -0.19 4.07
C PHE D 412 -41.25 0.82 3.08
N THR D 413 -41.21 2.10 3.43
CA THR D 413 -41.81 3.15 2.59
C THR D 413 -40.79 4.24 2.34
N GLY D 414 -41.08 5.13 1.39
CA GLY D 414 -40.17 6.21 1.04
C GLY D 414 -39.95 7.16 2.19
N LYS D 415 -40.73 7.00 3.25
CA LYS D 415 -40.60 7.79 4.48
C LYS D 415 -39.62 7.14 5.48
N ASP D 416 -39.23 5.89 5.19
CA ASP D 416 -38.35 5.10 6.04
C ASP D 416 -36.93 5.10 5.51
N ASP D 417 -35.97 5.00 6.44
CA ASP D 417 -34.55 4.92 6.08
C ASP D 417 -34.17 3.42 6.14
N ALA D 418 -34.38 2.71 5.03
CA ALA D 418 -34.15 1.26 5.00
C ALA D 418 -32.72 0.86 5.39
N VAL D 419 -31.75 1.72 5.11
CA VAL D 419 -30.37 1.47 5.55
C VAL D 419 -30.29 1.48 7.07
N ALA D 420 -30.88 2.50 7.69
CA ALA D 420 -30.99 2.56 9.15
C ALA D 420 -31.62 1.30 9.75
N TRP D 421 -32.63 0.75 9.08
CA TRP D 421 -33.32 -0.46 9.53
C TRP D 421 -32.38 -1.66 9.46
N ALA D 422 -31.67 -1.74 8.32
CA ALA D 422 -30.70 -2.79 8.02
C ALA D 422 -29.56 -2.77 9.02
N ASN D 423 -29.12 -1.55 9.34
CA ASN D 423 -28.05 -1.29 10.29
C ASN D 423 -28.44 -1.57 11.74
N ASP D 424 -29.74 -1.60 11.99
CA ASP D 424 -30.28 -1.94 13.32
C ASP D 424 -30.18 -3.45 13.61
N SER D 425 -28.97 -3.92 13.79
CA SER D 425 -28.72 -5.36 13.88
C SER D 425 -27.42 -5.65 14.65
N ASP D 426 -27.33 -6.85 15.23
CA ASP D 426 -26.12 -7.35 15.87
C ASP D 426 -25.15 -7.96 14.85
N TYR D 427 -25.65 -8.20 13.64
CA TYR D 427 -24.88 -8.86 12.58
C TYR D 427 -24.28 -7.83 11.67
N GLY D 428 -23.33 -8.24 10.82
CA GLY D 428 -22.55 -7.25 10.08
C GLY D 428 -21.63 -7.84 9.05
N LEU D 429 -21.98 -9.01 8.55
CA LEU D 429 -21.14 -9.73 7.60
C LEU D 429 -21.37 -9.27 6.16
N ALA D 430 -22.55 -9.57 5.63
CA ALA D 430 -22.87 -9.33 4.22
C ALA D 430 -24.26 -8.72 4.01
N SER D 431 -24.43 -8.05 2.86
CA SER D 431 -25.61 -7.27 2.52
C SER D 431 -25.73 -7.04 1.01
N SER D 432 -26.94 -6.79 0.53
CA SER D 432 -27.13 -6.32 -0.84
C SER D 432 -28.22 -5.30 -1.00
N VAL D 433 -28.07 -4.48 -2.04
CA VAL D 433 -29.03 -3.45 -2.41
C VAL D 433 -29.35 -3.56 -3.89
N TRP D 434 -30.65 -3.60 -4.18
CA TRP D 434 -31.16 -3.77 -5.55
C TRP D 434 -31.97 -2.54 -5.96
N THR D 435 -31.47 -1.86 -6.99
CA THR D 435 -32.07 -0.65 -7.54
C THR D 435 -31.30 -0.36 -8.82
N LYS D 436 -31.95 0.29 -9.76
CA LYS D 436 -31.27 0.72 -10.98
C LYS D 436 -30.71 2.12 -10.82
N ASP D 437 -31.11 2.82 -9.76
CA ASP D 437 -30.62 4.18 -9.48
C ASP D 437 -29.22 4.18 -8.83
N ILE D 438 -28.23 4.67 -9.57
CA ILE D 438 -26.87 4.79 -9.04
C ILE D 438 -26.83 5.66 -7.78
N SER D 439 -27.68 6.69 -7.71
CA SER D 439 -27.66 7.52 -6.53
C SER D 439 -28.06 6.77 -5.27
N LYS D 440 -29.16 6.03 -5.34
CA LYS D 440 -29.61 5.24 -4.18
C LYS D 440 -28.66 4.11 -3.81
N ALA D 441 -28.11 3.44 -4.81
CA ALA D 441 -27.25 2.29 -4.55
C ALA D 441 -25.94 2.73 -3.89
N ARG D 443 -25.50 5.64 -2.17
CA ARG D 443 -25.81 6.09 -0.79
C ARG D 443 -25.89 4.93 0.20
N ALA D 444 -26.66 3.91 -0.16
CA ALA D 444 -26.74 2.70 0.64
C ALA D 444 -25.35 2.11 0.85
N ALA D 445 -24.57 1.99 -0.23
CA ALA D 445 -23.25 1.39 -0.12
C ALA D 445 -22.34 2.11 0.89
N SER D 446 -22.41 3.44 0.94
CA SER D 446 -21.55 4.13 1.87
C SER D 446 -22.05 4.02 3.33
N ARG D 447 -23.34 3.78 3.53
CA ARG D 447 -23.87 3.77 4.90
C ARG D 447 -24.06 2.40 5.56
N LEU D 448 -24.12 1.32 4.77
CA LEU D 448 -24.37 0.03 5.36
C LEU D 448 -23.22 -0.42 6.26
N GLN D 449 -23.59 -0.93 7.44
CA GLN D 449 -22.60 -1.40 8.40
C GLN D 449 -22.38 -2.93 8.27
N TYR D 450 -21.81 -3.33 7.13
CA TYR D 450 -21.63 -4.74 6.75
C TYR D 450 -20.28 -4.82 6.04
N GLY D 451 -19.61 -5.97 6.19
CA GLY D 451 -18.26 -6.18 5.67
C GLY D 451 -18.29 -6.20 4.16
N CYS D 452 -19.42 -6.66 3.63
CA CYS D 452 -19.67 -6.70 2.21
C CYS D 452 -21.03 -6.09 1.84
N THR D 453 -21.04 -5.28 0.78
CA THR D 453 -22.28 -4.86 0.12
C THR D 453 -22.23 -5.11 -1.38
N TRP D 454 -23.14 -5.97 -1.85
CA TRP D 454 -23.34 -6.17 -3.28
C TRP D 454 -24.41 -5.24 -3.81
N ILE D 455 -24.16 -4.66 -4.98
CA ILE D 455 -25.22 -3.92 -5.66
C ILE D 455 -25.73 -4.68 -6.88
N ASN D 456 -27.03 -4.98 -6.87
CA ASN D 456 -27.71 -5.69 -7.95
C ASN D 456 -27.17 -7.10 -8.20
N THR D 457 -26.61 -7.67 -7.15
CA THR D 457 -26.30 -9.08 -7.12
C THR D 457 -26.25 -9.45 -5.65
N HIS D 458 -25.96 -10.71 -5.38
CA HIS D 458 -25.71 -11.17 -4.02
C HIS D 458 -24.79 -12.38 -4.08
N PHE D 459 -24.02 -12.63 -3.01
CA PHE D 459 -23.38 -13.94 -2.86
C PHE D 459 -22.07 -14.12 -3.64
N LEU D 461 -18.37 -14.04 -4.67
CA LEU D 461 -17.05 -13.85 -4.07
C LEU D 461 -15.94 -13.99 -5.12
N THR D 462 -14.84 -13.28 -4.88
CA THR D 462 -13.63 -13.40 -5.69
C THR D 462 -12.44 -13.42 -4.71
N ASN D 463 -11.43 -14.24 -4.95
CA ASN D 463 -10.40 -14.48 -3.91
C ASN D 463 -9.52 -13.26 -3.56
N GLU D 464 -9.46 -12.24 -4.43
CA GLU D 464 -8.77 -10.98 -4.09
C GLU D 464 -9.57 -10.08 -3.13
N PRO D 466 -12.00 -9.18 0.32
CA PRO D 466 -12.16 -9.64 1.68
C PRO D 466 -13.61 -9.96 2.12
N HIS D 467 -13.74 -11.04 2.85
CA HIS D 467 -15.01 -11.47 3.39
C HIS D 467 -14.86 -11.51 4.92
N GLY D 468 -15.68 -10.76 5.63
CA GLY D 468 -15.59 -10.79 7.10
C GLY D 468 -16.49 -9.80 7.80
N GLY D 469 -16.92 -10.16 9.01
CA GLY D 469 -17.99 -9.41 9.69
C GLY D 469 -17.53 -8.13 10.39
N ILE D 470 -18.50 -7.32 10.79
CA ILE D 470 -18.35 -6.34 11.88
C ILE D 470 -19.44 -6.69 12.95
N LYS D 471 -19.40 -6.02 14.11
CA LYS D 471 -20.30 -6.35 15.24
C LYS D 471 -20.20 -7.84 15.58
N GLN D 472 -21.31 -8.47 15.92
CA GLN D 472 -21.25 -9.82 16.42
C GLN D 472 -21.01 -10.88 15.33
N SER D 473 -20.88 -10.43 14.08
CA SER D 473 -20.38 -11.28 13.01
C SER D 473 -18.87 -11.52 13.12
N GLY D 474 -18.17 -10.63 13.83
CA GLY D 474 -16.75 -10.81 14.17
C GLY D 474 -15.77 -9.84 13.58
N TYR D 475 -14.57 -10.35 13.26
CA TYR D 475 -13.45 -9.56 12.75
C TYR D 475 -12.42 -10.47 12.12
N GLY D 476 -11.50 -9.88 11.33
CA GLY D 476 -10.62 -10.69 10.49
C GLY D 476 -11.31 -10.94 9.14
N LYS D 477 -10.51 -11.26 8.13
CA LYS D 477 -11.03 -11.46 6.77
C LYS D 477 -10.57 -12.82 6.31
N ASP D 478 -11.41 -13.52 5.54
CA ASP D 478 -11.01 -14.59 4.62
C ASP D 478 -10.91 -14.08 3.17
N SER D 480 -8.27 -12.40 0.12
CA SER D 480 -7.64 -11.10 0.05
C SER D 480 -6.33 -11.07 0.81
N VAL D 481 -5.49 -10.10 0.48
CA VAL D 481 -4.25 -9.90 1.17
C VAL D 481 -4.52 -9.79 2.68
N TYR D 482 -5.72 -9.29 3.03
CA TYR D 482 -6.06 -8.98 4.43
C TYR D 482 -5.98 -10.19 5.34
N ALA D 483 -6.41 -11.34 4.84
CA ALA D 483 -6.28 -12.57 5.60
C ALA D 483 -4.81 -12.81 5.91
N LEU D 484 -3.95 -12.61 4.93
CA LEU D 484 -2.55 -12.90 5.18
C LEU D 484 -2.03 -11.89 6.21
N GLU D 485 -2.53 -10.66 6.12
CA GLU D 485 -2.19 -9.66 7.12
C GLU D 485 -2.63 -10.10 8.51
N ASP D 486 -3.82 -10.67 8.60
CA ASP D 486 -4.30 -11.25 9.87
C ASP D 486 -3.35 -12.27 10.49
N TYR D 487 -2.63 -13.01 9.67
CA TYR D 487 -1.75 -14.05 10.17
C TYR D 487 -0.28 -13.67 10.26
N THR D 488 0.03 -12.40 10.11
CA THR D 488 1.40 -11.96 10.22
C THR D 488 1.54 -10.93 11.37
N ALA D 489 2.73 -10.85 11.97
CA ALA D 489 3.05 -9.83 12.95
C ALA D 489 3.77 -8.66 12.28
N VAL D 490 3.30 -7.44 12.52
CA VAL D 490 4.00 -6.24 12.02
C VAL D 490 5.16 -5.89 12.99
N ARG D 491 6.40 -5.81 12.45
CA ARG D 491 7.60 -5.63 13.25
C ARG D 491 8.35 -4.40 12.74
N HIS D 492 8.67 -3.47 13.64
CA HIS D 492 9.47 -2.30 13.33
C HIS D 492 10.93 -2.61 13.66
N ILE D 493 11.84 -2.51 12.69
CA ILE D 493 13.28 -2.65 12.92
C ILE D 493 13.91 -1.26 12.75
N ILE D 495 17.65 0.82 12.98
CA ILE D 495 19.09 0.69 13.11
C ILE D 495 19.67 2.08 13.31
N ASN D 496 20.37 2.28 14.42
CA ASN D 496 21.01 3.55 14.72
C ASN D 496 22.36 3.53 14.01
N HIS D 497 22.64 4.55 13.20
CA HIS D 497 23.91 4.63 12.49
C HIS D 497 24.52 6.01 12.57
N GLY D 498 23.75 6.98 13.08
CA GLY D 498 24.23 8.36 13.31
C GLY D 498 25.14 9.02 12.27
#